data_9CRS
#
_entry.id   9CRS
#
_cell.length_a   1.00
_cell.length_b   1.00
_cell.length_c   1.00
_cell.angle_alpha   90.00
_cell.angle_beta   90.00
_cell.angle_gamma   90.00
#
_symmetry.space_group_name_H-M   'P 1'
#
loop_
_entity.id
_entity.type
_entity.pdbx_description
1 polymer 'Gamma-aminobutyric acid receptor subunit beta-2'
2 polymer 'Gamma-aminobutyric acid receptor subunit alpha-1'
3 polymer 'Gamma-aminobutyric acid receptor subunit gamma-2'
4 polymer 'Kappa Fab_1F4 Light Chain'
5 polymer 'IgG2b Fab_1F4 Heavy Chain'
6 branched beta-D-mannopyranose-(1-4)-2-acetamido-2-deoxy-beta-D-glucopyranose-(1-4)-2-acetamido-2-deoxy-beta-D-glucopyranose
7 branched 2-acetamido-2-deoxy-beta-D-glucopyranose-(1-4)-2-acetamido-2-deoxy-beta-D-glucopyranose
8 branched alpha-D-mannopyranose-(1-2)-alpha-D-mannopyranose-(1-3)-[alpha-D-mannopyranose-(1-3)-[alpha-D-mannopyranose-(1-6)]alpha-D-mannopyranose-(1-6)]beta-D-mannopyranose-(1-4)-2-acetamido-2-deoxy-beta-D-glucopyranose-(1-4)-2-acetamido-2-deoxy-beta-D-glucopyranose
9 non-polymer 'GAMMA-AMINO-BUTANOIC ACID'
10 non-polymer '[(2R)-2-octanoyloxy-3-[oxidanyl-[(1R,2R,3S,4R,5R,6S)-2,3,6-tris(oxidanyl)-4,5-diphosphonooxy-cyclohexyl]oxy-phosphoryl]oxy-propyl] octanoate'
11 non-polymer '(2S)-3-(hexadecanoyloxy)-2-[(9Z)-octadec-9-enoyloxy]propyl 2-(trimethylammonio)ethyl phosphate'
12 non-polymer 2-acetamido-2-deoxy-beta-D-glucopyranose
#
loop_
_entity_poly.entity_id
_entity_poly.type
_entity_poly.pdbx_seq_one_letter_code
_entity_poly.pdbx_strand_id
1 'polypeptide(L)'
;QSVNDPSNMSLVKETVDRLLKGYDIRLRPDFGGPPVAVGMNIDIASIDMVSEVNMDYTLTMYFQQAWRDKRLSYNVIPLN
LTLDNRVADQLWVPDTYFLNDKKSFVHGVTVKNRMIRLHPDGTVLYGLRITTTAACMMDLRRYPLDEQNCTLEIESYGYT
TDDIEFYWRGDDNAVTGVTKIELPQFSIVDYKLITKKVVFSTGSYPRLSLSFKLKRNIGYFILQTYMPSILITILSWVSF
WINYDASAARVALGITTVLTMTTINTHLRETLPKIPYVKAIDMYLMGCFVFVFMALLEYALVNYIFFGRGPQRQKKAAEK
AASANNEKMRLDVNKIFYKDIKQNGTQYRSLWDPTGNLSPTRRTTNYDFSLYTMDPHENILLSTLEIKNEMATSEAVMGL
GDPRSTMLAYDASSIQYRKAGLPRHSFGRNALERHVAQKKSRLRRRASQLKITIPDLTDVNAIDRWSRIFFPVVFSFFNI
VYWLYYVN
;
A,C
2 'polypeptide(L)'
;QPSLQDELKDNTTVFTRILDRLLDGYDNRLRPGLGERVTEVKTDIFVTSFGPVSDHDMEYTIDVFFRQSWKDERLKFKGP
MTVLRLNNLMASKIWTPDTFFHNGKKSVAHNMTMPNKLLRITEDGTLLYTMRLTVRAECPMHLEDFPMDAHACPLKFGSY
AYTRAEVVYEWTREPARSVVVAEDGSRLNQYDLLGQTVDSGIVQSSTGEYVVMTTHFHLKRKIGYFVIQTYLPCIMTVIL
SQVSFWLNRESVPARTVFGVTTVLTMTTLSISARNSLPKVAYATAMDWFIAVCYAFVFSALIEFATVNYFTKRGYAWDGK
SVVPEKPKKVKDPLIKKNNTYAPTATSYTPNLARGDPGLATIAKSATIEPKEVKPETKPPEPKKTFNSVSKIDRLSRIAF
PLLFGIFNLVYWATYLNREPQLKAPTPHQ
;
B,D
3 'polypeptide(L)'
;QKSDDDYEDYASNKTWVLTPKVPEGDVTVILNNLLEGYDNKLRPDIGVKPTLIHTDMYVNSIGPVNAINMEYTIDIFFAQ
TWYDRRLKFNSTIKVLRLNSNMVGKIWIPDTFFRNSKKADAHWITTPNRMLRIWNDGRVLYTLRLTIDAECQLQLHNFPM
DEHSCPLEFSSYGYPREEIVYQWKRSSVEVGDTRSWRLYQFSFVGLRNTTEVVKTTSGDYVVMSVYFDLSRRMGYFTIQT
YIPCTLIVVLSWVSFWINKDAVPARTSLGITTVLTMTTLSTIARKSLPKVSYVTAMDLFVSVCFIFVFSALVEYGTLHYF
VSNRKPSKDKDKKKKNPLLRMFSFKAPTIDIRPRSATIQMNNATHLQERDEEYGYECLDGKDCASFFCCFEDCRTGAWRH
GRIHIRIAKMDSYARIFFPTAFCLFNLVYWVSYLYL
;
E
4 'polypeptide(L)'
;NIVMTQSPKSMSMSVGERVTLSCKASEYVGTYVSWYQQKPEQSPKLLIYGASNRYTGVPDRFTGSGSATDFTLTIGSVQA
EDLADYHCGQSYSYPTFGAGTKLELKRADAAPTVSIFPPSSEQLTSGGASVVCFLNNFYPKDINVKWKIDGSERQNGVLN
SWTDQDSKDSTYSMSSTLTLTKDEYERHNSYTCEATHKTSTSPIVKSFNRNEC
;
I,L
5 'polypeptide(L)'
;EVQLQQSGAELVKPGASVKLSCTASGFNIKDTYMYWVKQRPEQGLEWIGRIDPANGDTKYDPKFQGKATITTDTFSNTAY
LQLSSLTSEDTAVYYCARKGLRWAMDYWGQGTSVTVSTAKTTPPSVYPLAPGCGDTTGSSVTLGCLVKGYFPESVTVTWN
SGSLSSSVHTFPALLQSGLYTMSSSVTVPSSTWPSQTVTCSVAHPASSTTVDKKLEPSGPISTINPCPPCKECHKCPAPN
LEGGPSVFIFPPNIKDVLMISLTPKVTCVVVDVSEDDPDVQISWFVNNVEVHTAQTQTHREDYNSTIRVVSTLPIQHQDW
MSGKEFKCKVNNKDLPSPIERTISKIKGLVRAPQVYILPPPAEQLSRKDVSLTCLVVGFNPGDISVEWTSNGHTEENYKD
TAPVLDSDGSYFIYSKLNMKTSKWEKTDSFSCNVRHEGLKNYYLKKTISRSPGK
;
J,K
#
# COMPACT_ATOMS: atom_id res chain seq x y z
N ASN A 8 -49.56 -1.55 19.28
CA ASN A 8 -48.51 -2.09 20.12
C ASN A 8 -47.19 -1.35 19.86
N MET A 9 -47.10 -0.71 18.69
CA MET A 9 -45.91 0.05 18.32
C MET A 9 -45.69 1.23 19.27
N SER A 10 -46.78 1.89 19.69
CA SER A 10 -46.65 2.98 20.64
C SER A 10 -46.20 2.49 22.01
N LEU A 11 -46.64 1.28 22.39
CA LEU A 11 -46.21 0.69 23.66
C LEU A 11 -44.72 0.37 23.64
N VAL A 12 -44.25 -0.23 22.54
CA VAL A 12 -42.83 -0.53 22.38
C VAL A 12 -42.01 0.75 22.32
N LYS A 13 -42.56 1.79 21.67
CA LYS A 13 -41.91 3.10 21.58
C LYS A 13 -41.74 3.75 22.93
N GLU A 14 -42.79 3.78 23.76
CA GLU A 14 -42.69 4.41 25.06
C GLU A 14 -41.85 3.57 26.02
N THR A 15 -41.82 2.26 25.82
CA THR A 15 -40.98 1.41 26.67
C THR A 15 -39.50 1.61 26.36
N VAL A 16 -39.15 1.68 25.06
CA VAL A 16 -37.76 1.96 24.68
C VAL A 16 -37.35 3.36 25.12
N ASP A 17 -38.25 4.35 24.98
CA ASP A 17 -37.94 5.70 25.43
C ASP A 17 -37.83 5.78 26.96
N ARG A 18 -38.54 4.90 27.67
CA ARG A 18 -38.38 4.81 29.12
C ARG A 18 -37.05 4.17 29.49
N LEU A 19 -36.63 3.17 28.71
CA LEU A 19 -35.37 2.49 29.01
C LEU A 19 -34.17 3.40 28.76
N LEU A 20 -34.17 4.12 27.65
CA LEU A 20 -33.00 4.92 27.30
C LEU A 20 -32.94 6.26 28.02
N LYS A 21 -33.99 6.66 28.72
CA LYS A 21 -34.00 7.93 29.44
C LYS A 21 -33.26 7.77 30.77
N GLY A 22 -32.28 8.64 31.01
CA GLY A 22 -31.50 8.56 32.23
C GLY A 22 -30.48 7.46 32.26
N TYR A 23 -30.24 6.79 31.13
CA TYR A 23 -29.26 5.72 31.07
C TYR A 23 -27.85 6.31 31.04
N ASP A 24 -27.02 5.92 31.98
CA ASP A 24 -25.64 6.44 32.06
C ASP A 24 -24.74 5.51 31.27
N ILE A 25 -24.19 6.03 30.18
CA ILE A 25 -23.29 5.25 29.31
C ILE A 25 -21.97 4.96 30.02
N ARG A 26 -21.55 5.83 30.94
CA ARG A 26 -20.21 5.71 31.51
C ARG A 26 -20.13 4.67 32.62
N LEU A 27 -21.28 4.37 33.24
CA LEU A 27 -21.29 3.41 34.37
C LEU A 27 -21.66 2.01 33.86
N ARG A 28 -20.98 0.98 34.36
CA ARG A 28 -21.27 -0.42 33.95
C ARG A 28 -22.44 -0.95 34.78
N PRO A 29 -23.12 -2.05 34.38
CA PRO A 29 -24.17 -2.64 35.21
C PRO A 29 -23.56 -2.93 36.59
N ASP A 30 -24.24 -2.53 37.66
CA ASP A 30 -23.68 -2.70 39.03
C ASP A 30 -22.31 -2.04 39.08
N PHE A 31 -22.20 -0.80 38.61
CA PHE A 31 -20.89 -0.09 38.57
C PHE A 31 -20.22 -0.18 39.94
N GLY A 32 -20.94 0.21 41.00
CA GLY A 32 -20.41 0.11 42.37
C GLY A 32 -20.72 -1.24 42.98
N GLY A 33 -21.46 -2.08 42.25
CA GLY A 33 -21.85 -3.41 42.76
C GLY A 33 -20.88 -4.50 42.31
N PRO A 34 -21.31 -5.78 42.24
CA PRO A 34 -20.40 -6.88 41.89
C PRO A 34 -20.01 -6.90 40.41
N PRO A 35 -18.93 -7.60 40.02
CA PRO A 35 -18.53 -7.71 38.61
C PRO A 35 -19.65 -8.34 37.76
N VAL A 36 -19.95 -7.73 36.61
CA VAL A 36 -21.02 -8.25 35.71
C VAL A 36 -20.48 -9.49 34.98
N ALA A 37 -21.27 -10.56 34.90
CA ALA A 37 -20.82 -11.78 34.25
C ALA A 37 -21.18 -11.71 32.77
N VAL A 38 -20.18 -11.88 31.90
CA VAL A 38 -20.35 -11.72 30.46
C VAL A 38 -20.10 -13.09 29.83
N GLY A 39 -21.17 -13.72 29.35
CA GLY A 39 -21.02 -14.98 28.66
C GLY A 39 -20.70 -14.79 27.19
N MET A 40 -19.88 -15.69 26.65
CA MET A 40 -19.33 -15.50 25.32
C MET A 40 -19.59 -16.71 24.44
N ASN A 41 -20.11 -16.46 23.24
CA ASN A 41 -20.28 -17.46 22.20
C ASN A 41 -19.54 -16.99 20.96
N ILE A 42 -18.87 -17.92 20.29
CA ILE A 42 -18.15 -17.62 19.06
C ILE A 42 -18.55 -18.65 18.02
N ASP A 43 -18.95 -18.18 16.83
CA ASP A 43 -19.25 -19.06 15.71
C ASP A 43 -18.19 -18.81 14.65
N ILE A 44 -17.27 -19.76 14.48
CA ILE A 44 -16.17 -19.60 13.55
C ILE A 44 -16.71 -19.69 12.13
N ALA A 45 -16.60 -18.60 11.37
CA ALA A 45 -17.09 -18.61 10.00
C ALA A 45 -16.06 -19.19 9.04
N SER A 46 -14.82 -18.69 9.10
CA SER A 46 -13.76 -19.17 8.23
C SER A 46 -12.42 -18.79 8.83
N ILE A 47 -11.38 -19.51 8.43
CA ILE A 47 -10.00 -19.14 8.65
C ILE A 47 -9.34 -19.00 7.30
N ASP A 48 -8.80 -17.82 7.00
CA ASP A 48 -8.41 -17.52 5.63
C ASP A 48 -6.94 -17.82 5.35
N MET A 49 -6.04 -17.12 6.05
CA MET A 49 -4.62 -17.10 5.69
C MET A 49 -3.78 -17.48 6.90
N VAL A 50 -3.50 -18.78 7.06
CA VAL A 50 -2.54 -19.18 8.08
C VAL A 50 -1.15 -18.96 7.48
N SER A 51 -0.59 -17.78 7.71
CA SER A 51 0.63 -17.34 7.03
C SER A 51 1.83 -17.56 7.94
N GLU A 52 2.88 -18.15 7.39
CA GLU A 52 4.10 -18.34 8.15
C GLU A 52 5.05 -17.17 8.01
N VAL A 53 5.01 -16.46 6.87
CA VAL A 53 5.94 -15.36 6.64
C VAL A 53 5.59 -14.17 7.52
N ASN A 54 4.31 -13.95 7.80
CA ASN A 54 3.89 -12.88 8.70
C ASN A 54 3.55 -13.36 10.10
N MET A 55 3.61 -14.68 10.35
CA MET A 55 3.37 -15.31 11.66
C MET A 55 2.00 -14.97 12.23
N ASP A 56 0.97 -15.09 11.39
CA ASP A 56 -0.38 -14.77 11.83
C ASP A 56 -1.39 -15.60 11.07
N TYR A 57 -2.62 -15.62 11.58
CA TYR A 57 -3.74 -16.25 10.90
C TYR A 57 -4.92 -15.30 10.89
N THR A 58 -5.68 -15.32 9.81
CA THR A 58 -6.85 -14.46 9.67
C THR A 58 -8.10 -15.25 10.00
N LEU A 59 -8.91 -14.72 10.90
CA LEU A 59 -10.06 -15.44 11.45
C LEU A 59 -11.30 -14.59 11.36
N THR A 60 -12.36 -15.16 10.79
CA THR A 60 -13.66 -14.52 10.70
C THR A 60 -14.63 -15.26 11.60
N MET A 61 -15.37 -14.53 12.44
CA MET A 61 -16.20 -15.18 13.44
C MET A 61 -17.41 -14.33 13.76
N TYR A 62 -18.43 -14.97 14.33
CA TYR A 62 -19.62 -14.28 14.82
C TYR A 62 -19.47 -14.14 16.33
N PHE A 63 -18.72 -13.12 16.73
CA PHE A 63 -18.44 -12.90 18.14
C PHE A 63 -19.68 -12.40 18.85
N GLN A 64 -20.00 -13.00 19.99
CA GLN A 64 -21.26 -12.74 20.67
C GLN A 64 -21.04 -12.70 22.19
N GLN A 65 -21.61 -11.68 22.82
CA GLN A 65 -21.48 -11.47 24.26
C GLN A 65 -22.86 -11.39 24.88
N ALA A 66 -22.97 -11.77 26.15
CA ALA A 66 -24.26 -11.72 26.84
C ALA A 66 -24.05 -11.44 28.31
N TRP A 67 -24.71 -10.39 28.81
CA TRP A 67 -24.63 -10.03 30.21
C TRP A 67 -26.01 -9.59 30.66
N ARG A 68 -26.12 -9.11 31.90
CA ARG A 68 -27.38 -8.64 32.44
C ARG A 68 -27.25 -7.21 32.91
N ASP A 69 -28.06 -6.32 32.34
CA ASP A 69 -28.18 -4.94 32.80
C ASP A 69 -29.56 -4.81 33.42
N LYS A 70 -29.61 -4.44 34.70
CA LYS A 70 -30.89 -4.35 35.38
C LYS A 70 -31.63 -3.05 35.05
N ARG A 71 -30.95 -2.09 34.42
CA ARG A 71 -31.62 -0.88 33.98
C ARG A 71 -32.47 -1.14 32.74
N LEU A 72 -32.05 -2.10 31.91
CA LEU A 72 -32.75 -2.42 30.67
C LEU A 72 -33.71 -3.59 30.88
N SER A 73 -34.66 -3.40 31.79
CA SER A 73 -35.66 -4.41 32.11
C SER A 73 -37.05 -3.84 31.88
N TYR A 74 -37.90 -4.63 31.23
CA TYR A 74 -39.27 -4.23 30.92
C TYR A 74 -40.18 -5.42 31.22
N ASN A 75 -41.45 -5.13 31.46
CA ASN A 75 -42.38 -6.12 32.00
C ASN A 75 -43.69 -6.28 31.22
N VAL A 76 -44.16 -5.26 30.52
CA VAL A 76 -45.42 -5.36 29.78
C VAL A 76 -45.23 -6.22 28.54
N ILE A 77 -44.17 -5.94 27.79
CA ILE A 77 -43.93 -6.60 26.50
C ILE A 77 -43.41 -8.02 26.74
N PRO A 78 -44.05 -9.04 26.16
CA PRO A 78 -43.61 -10.42 26.42
C PRO A 78 -42.66 -11.01 25.40
N LEU A 79 -42.27 -10.25 24.38
CA LEU A 79 -41.33 -10.78 23.38
C LEU A 79 -40.01 -10.01 23.45
N ASN A 80 -38.96 -10.68 22.99
CA ASN A 80 -37.62 -10.10 23.00
C ASN A 80 -37.51 -9.03 21.92
N LEU A 81 -37.00 -7.86 22.29
CA LEU A 81 -36.88 -6.74 21.37
C LEU A 81 -35.52 -6.79 20.68
N THR A 82 -35.53 -6.99 19.37
CA THR A 82 -34.32 -6.85 18.57
C THR A 82 -34.30 -5.42 18.04
N LEU A 83 -33.51 -4.57 18.68
CA LEU A 83 -33.42 -3.18 18.26
C LEU A 83 -32.45 -3.04 17.09
N ASP A 84 -32.36 -1.82 16.57
CA ASP A 84 -31.44 -1.53 15.48
C ASP A 84 -30.00 -1.55 15.99
N ASN A 85 -29.06 -1.59 15.06
CA ASN A 85 -27.65 -1.67 15.44
C ASN A 85 -27.08 -0.33 15.87
N ARG A 86 -27.85 0.76 15.74
CA ARG A 86 -27.34 2.08 16.11
C ARG A 86 -27.62 2.43 17.56
N VAL A 87 -28.22 1.54 18.34
CA VAL A 87 -28.42 1.82 19.75
C VAL A 87 -27.25 1.26 20.57
N ALA A 88 -26.26 0.67 19.89
CA ALA A 88 -25.04 0.23 20.58
C ALA A 88 -24.18 1.42 21.00
N ASP A 89 -24.37 2.58 20.39
CA ASP A 89 -23.69 3.79 20.85
C ASP A 89 -24.38 4.41 22.05
N GLN A 90 -25.55 3.90 22.43
CA GLN A 90 -26.29 4.43 23.56
C GLN A 90 -26.29 3.50 24.77
N LEU A 91 -26.06 2.21 24.58
CA LEU A 91 -26.07 1.22 25.64
C LEU A 91 -24.64 0.90 26.07
N TRP A 92 -24.48 0.56 27.35
CA TRP A 92 -23.18 0.12 27.83
C TRP A 92 -22.84 -1.24 27.23
N VAL A 93 -21.60 -1.37 26.76
CA VAL A 93 -21.09 -2.64 26.27
C VAL A 93 -19.72 -2.88 26.89
N PRO A 94 -19.34 -4.15 27.06
CA PRO A 94 -18.00 -4.43 27.60
C PRO A 94 -16.90 -4.03 26.63
N ASP A 95 -15.71 -3.81 27.21
CA ASP A 95 -14.57 -3.27 26.50
C ASP A 95 -13.62 -4.37 26.03
N THR A 96 -14.19 -5.49 25.57
CA THR A 96 -13.42 -6.68 25.20
C THR A 96 -12.48 -6.40 24.03
N TYR A 97 -11.23 -6.86 24.17
CA TYR A 97 -10.25 -6.74 23.11
C TYR A 97 -9.54 -8.08 22.96
N PHE A 98 -8.73 -8.17 21.92
CA PHE A 98 -7.89 -9.34 21.67
C PHE A 98 -6.44 -8.91 21.80
N LEU A 99 -5.67 -9.63 22.62
CA LEU A 99 -4.31 -9.20 22.90
C LEU A 99 -3.38 -9.43 21.72
N ASN A 100 -3.51 -10.58 21.06
CA ASN A 100 -2.65 -10.90 19.92
C ASN A 100 -3.21 -10.38 18.61
N ASP A 101 -4.15 -9.46 18.66
CA ASP A 101 -4.72 -8.85 17.46
C ASP A 101 -3.68 -7.97 16.77
N LYS A 102 -3.68 -8.00 15.44
CA LYS A 102 -2.83 -7.11 14.65
C LYS A 102 -3.63 -6.14 13.81
N LYS A 103 -4.68 -6.60 13.13
CA LYS A 103 -5.50 -5.73 12.29
C LYS A 103 -6.89 -6.36 12.20
N SER A 104 -7.90 -5.68 12.73
CA SER A 104 -9.24 -6.22 12.77
C SER A 104 -10.25 -5.14 12.38
N PHE A 105 -11.40 -5.60 11.90
CA PHE A 105 -12.48 -4.69 11.53
C PHE A 105 -13.80 -5.41 11.66
N VAL A 106 -14.85 -4.61 11.82
CA VAL A 106 -16.22 -5.10 11.81
C VAL A 106 -16.84 -4.72 10.48
N HIS A 107 -17.46 -5.70 9.81
CA HIS A 107 -17.95 -5.49 8.45
C HIS A 107 -19.10 -4.51 8.42
N GLY A 108 -19.12 -3.64 7.41
CA GLY A 108 -20.10 -2.57 7.35
C GLY A 108 -20.94 -2.53 6.10
N VAL A 109 -21.33 -3.69 5.58
CA VAL A 109 -22.20 -3.78 4.41
C VAL A 109 -23.40 -4.66 4.76
N THR A 110 -24.61 -4.13 4.56
CA THR A 110 -24.97 -2.82 4.04
C THR A 110 -25.01 -1.79 5.16
N VAL A 111 -25.10 -2.29 6.39
CA VAL A 111 -24.90 -1.49 7.59
C VAL A 111 -23.82 -2.16 8.41
N LYS A 112 -23.48 -1.56 9.56
CA LYS A 112 -22.48 -2.12 10.44
C LYS A 112 -22.98 -3.42 11.06
N ASN A 113 -22.25 -4.50 10.86
CA ASN A 113 -22.74 -5.82 11.25
C ASN A 113 -22.65 -6.04 12.75
N ARG A 114 -23.60 -5.50 13.50
CA ARG A 114 -23.72 -5.78 14.91
C ARG A 114 -25.19 -5.91 15.25
N MET A 115 -25.46 -6.45 16.44
CA MET A 115 -26.77 -6.94 16.80
C MET A 115 -27.03 -6.72 18.29
N ILE A 116 -28.21 -6.20 18.62
CA ILE A 116 -28.66 -6.11 20.01
C ILE A 116 -30.06 -6.69 20.12
N ARG A 117 -30.23 -7.57 21.09
CA ARG A 117 -31.56 -8.17 21.31
C ARG A 117 -31.80 -8.18 22.81
N LEU A 118 -32.49 -7.17 23.30
CA LEU A 118 -32.81 -7.10 24.71
C LEU A 118 -33.83 -8.18 25.09
N HIS A 119 -33.79 -8.58 26.35
CA HIS A 119 -34.66 -9.59 26.91
C HIS A 119 -35.43 -8.99 28.07
N PRO A 120 -36.62 -9.52 28.40
CA PRO A 120 -37.43 -8.87 29.45
C PRO A 120 -36.84 -8.94 30.85
N ASP A 121 -35.97 -9.92 31.14
CA ASP A 121 -35.34 -9.94 32.45
C ASP A 121 -34.22 -8.91 32.54
N GLY A 122 -33.62 -8.56 31.41
CA GLY A 122 -32.57 -7.56 31.38
C GLY A 122 -31.38 -7.97 30.55
N THR A 123 -31.41 -9.19 30.01
CA THR A 123 -30.27 -9.74 29.31
C THR A 123 -30.10 -9.09 27.95
N VAL A 124 -28.87 -8.63 27.67
CA VAL A 124 -28.59 -7.95 26.37
C VAL A 124 -27.82 -8.92 25.48
N LEU A 125 -28.44 -9.37 24.38
CA LEU A 125 -27.74 -10.28 23.42
C LEU A 125 -26.98 -9.43 22.41
N TYR A 126 -25.65 -9.31 22.58
CA TYR A 126 -24.83 -8.45 21.68
C TYR A 126 -24.01 -9.34 20.75
N GLY A 127 -24.33 -9.33 19.45
CA GLY A 127 -23.61 -10.16 18.47
C GLY A 127 -22.86 -9.31 17.46
N LEU A 128 -21.62 -9.71 17.12
CA LEU A 128 -20.79 -8.92 16.17
C LEU A 128 -20.16 -9.87 15.14
N ARG A 129 -19.87 -9.37 13.94
CA ARG A 129 -19.20 -10.20 12.94
C ARG A 129 -17.83 -9.57 12.71
N ILE A 130 -16.79 -10.23 13.21
CA ILE A 130 -15.45 -9.66 13.30
C ILE A 130 -14.50 -10.49 12.46
N THR A 131 -13.74 -9.83 11.59
CA THR A 131 -12.62 -10.45 10.90
C THR A 131 -11.34 -9.97 11.56
N THR A 132 -10.60 -10.89 12.16
CA THR A 132 -9.42 -10.55 12.92
C THR A 132 -8.21 -11.23 12.31
N THR A 133 -7.04 -10.62 12.50
CA THR A 133 -5.77 -11.17 12.04
C THR A 133 -4.89 -11.32 13.28
N ALA A 134 -5.04 -12.44 13.97
CA ALA A 134 -4.36 -12.65 15.24
C ALA A 134 -2.95 -13.18 15.01
N ALA A 135 -2.01 -12.66 15.78
CA ALA A 135 -0.63 -13.13 15.68
C ALA A 135 -0.49 -14.52 16.29
N CYS A 136 0.30 -15.36 15.64
CA CYS A 136 0.52 -16.73 16.11
C CYS A 136 1.96 -17.08 15.77
N MET A 137 2.83 -17.04 16.79
CA MET A 137 4.23 -17.38 16.57
C MET A 137 4.39 -18.88 16.38
N MET A 138 5.13 -19.27 15.35
CA MET A 138 5.19 -20.65 14.90
C MET A 138 6.57 -21.22 15.14
N ASP A 139 6.62 -22.44 15.66
CA ASP A 139 7.87 -23.18 15.83
C ASP A 139 8.05 -24.06 14.59
N LEU A 140 8.94 -23.64 13.70
CA LEU A 140 9.16 -24.34 12.44
C LEU A 140 10.38 -25.24 12.47
N ARG A 141 10.68 -25.84 13.62
CA ARG A 141 11.80 -26.77 13.69
C ARG A 141 11.52 -28.05 12.94
N ARG A 142 10.26 -28.50 12.94
CA ARG A 142 9.87 -29.75 12.30
C ARG A 142 9.15 -29.54 10.98
N TYR A 143 9.28 -28.35 10.38
CA TYR A 143 8.59 -28.03 9.14
C TYR A 143 9.09 -28.90 7.99
N PRO A 144 8.21 -29.43 7.14
CA PRO A 144 6.75 -29.26 7.09
C PRO A 144 5.96 -30.32 7.86
N LEU A 145 6.61 -31.21 8.62
CA LEU A 145 5.88 -32.21 9.40
C LEU A 145 5.65 -31.69 10.83
N ASP A 146 5.11 -30.47 10.90
CA ASP A 146 5.03 -29.74 12.16
C ASP A 146 3.60 -29.70 12.66
N GLU A 147 3.41 -28.97 13.76
CA GLU A 147 2.14 -28.88 14.45
C GLU A 147 2.09 -27.54 15.16
N GLN A 148 1.09 -26.73 14.83
CA GLN A 148 1.02 -25.36 15.32
C GLN A 148 -0.11 -25.22 16.31
N ASN A 149 0.08 -24.35 17.29
CA ASN A 149 -0.89 -24.04 18.33
C ASN A 149 -1.14 -22.54 18.21
N CYS A 150 -2.16 -22.18 17.43
CA CYS A 150 -2.53 -20.78 17.25
C CYS A 150 -3.67 -20.41 18.19
N THR A 151 -3.49 -19.31 18.92
CA THR A 151 -4.42 -18.94 19.98
C THR A 151 -5.18 -17.67 19.60
N LEU A 152 -6.13 -17.31 20.45
CA LEU A 152 -6.86 -16.06 20.36
C LEU A 152 -7.20 -15.63 21.77
N GLU A 153 -6.41 -14.71 22.32
CA GLU A 153 -6.54 -14.31 23.72
C GLU A 153 -7.62 -13.22 23.83
N ILE A 154 -8.69 -13.52 24.55
CA ILE A 154 -9.82 -12.62 24.71
C ILE A 154 -9.76 -12.04 26.12
N GLU A 155 -9.76 -10.71 26.22
CA GLU A 155 -9.52 -10.08 27.52
C GLU A 155 -10.29 -8.77 27.60
N SER A 156 -10.70 -8.40 28.82
CA SER A 156 -11.25 -7.08 29.09
C SER A 156 -10.12 -6.10 29.35
N TYR A 157 -10.31 -4.85 28.93
CA TYR A 157 -9.22 -3.88 29.02
C TYR A 157 -9.28 -3.05 30.30
N GLY A 158 -10.35 -2.27 30.47
CA GLY A 158 -10.36 -1.28 31.53
C GLY A 158 -10.91 -1.75 32.85
N TYR A 159 -11.61 -2.88 32.86
CA TYR A 159 -12.29 -3.38 34.04
C TYR A 159 -11.55 -4.59 34.57
N THR A 160 -11.25 -4.58 35.87
CA THR A 160 -10.49 -5.64 36.50
C THR A 160 -11.39 -6.81 36.84
N THR A 161 -10.86 -7.75 37.64
CA THR A 161 -11.60 -8.94 38.00
C THR A 161 -12.75 -8.61 38.96
N ASP A 162 -12.57 -7.60 39.80
CA ASP A 162 -13.64 -7.15 40.69
C ASP A 162 -14.58 -6.14 40.03
N ASP A 163 -14.50 -5.99 38.71
CA ASP A 163 -15.47 -5.20 37.96
C ASP A 163 -16.14 -5.97 36.83
N ILE A 164 -15.53 -7.03 36.32
CA ILE A 164 -16.13 -7.84 35.26
C ILE A 164 -15.55 -9.25 35.38
N GLU A 165 -16.30 -10.23 34.92
CA GLU A 165 -15.83 -11.60 34.87
C GLU A 165 -16.32 -12.25 33.58
N PHE A 166 -15.50 -13.15 33.04
CA PHE A 166 -15.72 -13.73 31.73
C PHE A 166 -15.94 -15.23 31.86
N TYR A 167 -16.90 -15.76 31.11
CA TYR A 167 -17.11 -17.19 31.07
C TYR A 167 -17.64 -17.59 29.71
N TRP A 168 -17.38 -18.84 29.31
CA TRP A 168 -17.86 -19.35 28.00
C TRP A 168 -19.31 -19.83 28.20
N ARG A 169 -20.28 -19.31 27.47
CA ARG A 169 -21.69 -19.68 27.71
C ARG A 169 -21.96 -21.00 27.02
N GLY A 170 -22.29 -22.04 27.78
CA GLY A 170 -22.51 -23.37 27.20
C GLY A 170 -21.27 -24.23 27.28
N ASP A 171 -20.27 -23.81 28.03
CA ASP A 171 -19.05 -24.62 28.23
C ASP A 171 -18.44 -24.98 26.87
N ASP A 172 -18.21 -26.27 26.62
CA ASP A 172 -17.51 -26.67 25.37
C ASP A 172 -18.45 -26.55 24.17
N ASN A 173 -19.66 -26.06 24.38
CA ASN A 173 -20.61 -25.87 23.26
C ASN A 173 -20.67 -24.38 22.91
N ALA A 174 -19.70 -23.61 23.38
CA ALA A 174 -19.70 -22.16 23.13
C ALA A 174 -19.17 -21.94 21.73
N VAL A 175 -18.07 -22.58 21.42
CA VAL A 175 -17.45 -22.34 20.13
C VAL A 175 -17.89 -23.43 19.16
N THR A 176 -18.54 -23.02 18.07
CA THR A 176 -19.08 -23.94 17.09
C THR A 176 -18.53 -23.60 15.71
N GLY A 177 -18.81 -24.47 14.76
CA GLY A 177 -18.41 -24.24 13.39
C GLY A 177 -16.96 -24.53 13.08
N VAL A 178 -16.20 -25.07 14.04
CA VAL A 178 -14.78 -25.38 13.80
C VAL A 178 -14.64 -26.57 12.86
N THR A 179 -15.51 -27.57 12.99
CA THR A 179 -15.37 -28.81 12.23
C THR A 179 -15.68 -28.61 10.75
N LYS A 180 -16.46 -27.57 10.42
CA LYS A 180 -16.76 -27.27 9.03
C LYS A 180 -15.62 -26.52 8.34
N ILE A 181 -14.63 -26.05 9.07
CA ILE A 181 -13.56 -25.20 8.45
C ILE A 181 -12.55 -26.11 7.76
N GLU A 182 -12.15 -25.77 6.54
CA GLU A 182 -11.21 -26.64 5.77
C GLU A 182 -10.07 -25.79 5.21
N LEU A 183 -9.15 -25.37 6.08
CA LEU A 183 -7.99 -24.58 5.64
C LEU A 183 -7.30 -25.38 4.54
N PRO A 184 -6.68 -24.73 3.52
CA PRO A 184 -6.03 -25.44 2.44
C PRO A 184 -4.84 -26.33 2.79
N GLN A 185 -3.89 -25.86 3.59
CA GLN A 185 -2.65 -26.62 3.86
C GLN A 185 -2.62 -27.26 5.25
N PHE A 186 -3.57 -26.93 6.13
CA PHE A 186 -3.53 -27.46 7.52
C PHE A 186 -4.76 -28.32 7.80
N SER A 187 -4.99 -28.67 9.05
CA SER A 187 -6.13 -29.53 9.44
C SER A 187 -6.42 -29.40 10.93
N ILE A 188 -7.42 -28.61 11.34
CA ILE A 188 -7.65 -28.37 12.79
C ILE A 188 -7.95 -29.68 13.50
N VAL A 189 -6.98 -30.23 14.25
CA VAL A 189 -7.11 -31.50 14.95
C VAL A 189 -7.95 -31.33 16.21
N ASP A 190 -7.64 -30.33 17.03
CA ASP A 190 -8.30 -30.17 18.31
C ASP A 190 -8.42 -28.68 18.61
N TYR A 191 -9.39 -28.34 19.46
CA TYR A 191 -9.50 -26.98 19.96
C TYR A 191 -9.93 -27.04 21.42
N LYS A 192 -9.43 -26.08 22.20
CA LYS A 192 -9.69 -26.05 23.64
C LYS A 192 -10.08 -24.65 24.07
N LEU A 193 -10.91 -24.56 25.09
CA LEU A 193 -11.37 -23.27 25.62
C LEU A 193 -10.86 -23.16 27.06
N ILE A 194 -10.08 -22.12 27.39
CA ILE A 194 -9.43 -21.92 28.68
C ILE A 194 -9.89 -20.59 29.26
N THR A 195 -10.30 -20.60 30.52
CA THR A 195 -10.60 -19.39 31.26
C THR A 195 -9.61 -19.24 32.41
N LYS A 196 -9.06 -18.03 32.57
CA LYS A 196 -8.06 -17.75 33.59
C LYS A 196 -8.01 -16.25 33.81
N LYS A 197 -7.13 -15.83 34.71
CA LYS A 197 -6.93 -14.41 35.02
C LYS A 197 -5.46 -14.07 34.87
N VAL A 198 -5.17 -12.98 34.16
CA VAL A 198 -3.82 -12.47 34.00
C VAL A 198 -3.64 -11.29 34.94
N VAL A 199 -2.41 -11.06 35.37
CA VAL A 199 -2.09 -10.00 36.32
C VAL A 199 -1.12 -9.03 35.65
N PHE A 200 -1.51 -7.77 35.58
CA PHE A 200 -0.64 -6.70 35.11
C PHE A 200 -0.31 -5.77 36.28
N SER A 201 0.40 -4.69 35.97
CA SER A 201 0.77 -3.74 37.01
C SER A 201 -0.42 -2.88 37.44
N THR A 202 -1.44 -2.77 36.59
CA THR A 202 -2.61 -1.97 36.93
C THR A 202 -3.68 -2.78 37.65
N GLY A 203 -3.61 -4.10 37.63
CA GLY A 203 -4.60 -4.92 38.30
C GLY A 203 -4.62 -6.32 37.71
N SER A 204 -5.67 -7.05 38.07
CA SER A 204 -5.88 -8.41 37.60
C SER A 204 -7.11 -8.47 36.70
N TYR A 205 -6.95 -9.04 35.51
CA TYR A 205 -7.98 -8.97 34.49
C TYR A 205 -8.42 -10.36 34.07
N PRO A 206 -9.69 -10.55 33.77
CA PRO A 206 -10.16 -11.85 33.28
C PRO A 206 -9.69 -12.11 31.86
N ARG A 207 -9.58 -13.39 31.53
CA ARG A 207 -9.08 -13.77 30.21
C ARG A 207 -9.72 -15.07 29.77
N LEU A 208 -10.27 -15.07 28.56
CA LEU A 208 -10.62 -16.29 27.86
C LEU A 208 -9.61 -16.49 26.75
N SER A 209 -9.38 -17.74 26.36
CA SER A 209 -8.44 -18.05 25.29
C SER A 209 -8.99 -19.19 24.47
N LEU A 210 -9.14 -18.96 23.17
CA LEU A 210 -9.54 -19.99 22.21
C LEU A 210 -8.34 -20.34 21.36
N SER A 211 -8.00 -21.62 21.30
CA SER A 211 -6.80 -22.06 20.62
C SER A 211 -7.10 -23.28 19.77
N PHE A 212 -6.35 -23.44 18.68
CA PHE A 212 -6.55 -24.55 17.75
C PHE A 212 -5.23 -25.29 17.58
N LYS A 213 -5.32 -26.60 17.36
CA LYS A 213 -4.13 -27.42 17.14
C LYS A 213 -4.04 -27.75 15.66
N LEU A 214 -3.43 -26.84 14.90
CA LEU A 214 -3.29 -27.04 13.47
C LEU A 214 -2.23 -28.08 13.18
N LYS A 215 -2.48 -28.89 12.16
CA LYS A 215 -1.53 -29.90 11.68
C LYS A 215 -1.34 -29.71 10.18
N ARG A 216 -0.09 -29.64 9.75
CA ARG A 216 0.19 -29.41 8.34
C ARG A 216 -0.01 -30.67 7.53
N ASN A 217 -0.50 -30.50 6.30
CA ASN A 217 -0.70 -31.61 5.37
C ASN A 217 0.61 -31.90 4.64
N ILE A 218 0.97 -33.19 4.58
CA ILE A 218 2.28 -33.58 4.09
C ILE A 218 2.25 -33.73 2.57
N GLY A 219 1.07 -33.94 1.98
CA GLY A 219 0.90 -34.31 0.59
C GLY A 219 1.45 -33.37 -0.46
N TYR A 220 1.35 -32.07 -0.23
CA TYR A 220 1.92 -31.09 -1.16
C TYR A 220 3.44 -31.14 -1.17
N PHE A 221 4.03 -31.11 0.03
CA PHE A 221 5.48 -31.05 0.17
C PHE A 221 6.13 -32.34 -0.27
N ILE A 222 5.42 -33.47 -0.14
CA ILE A 222 5.98 -34.77 -0.46
C ILE A 222 5.99 -35.00 -1.97
N LEU A 223 5.35 -34.11 -2.73
CA LEU A 223 5.46 -34.21 -4.18
C LEU A 223 6.14 -33.00 -4.81
N GLN A 224 6.36 -31.92 -4.05
CA GLN A 224 7.06 -30.80 -4.67
C GLN A 224 8.42 -30.46 -4.05
N THR A 225 8.77 -31.03 -2.90
CA THR A 225 10.15 -30.91 -2.41
C THR A 225 10.83 -32.26 -2.23
N TYR A 226 10.15 -33.18 -1.54
CA TYR A 226 10.78 -34.44 -1.17
C TYR A 226 11.00 -35.34 -2.37
N MET A 227 9.95 -35.54 -3.18
CA MET A 227 10.06 -36.39 -4.36
C MET A 227 11.00 -35.83 -5.44
N PRO A 228 11.00 -34.51 -5.78
CA PRO A 228 12.07 -34.01 -6.65
C PRO A 228 13.48 -34.20 -6.11
N SER A 229 13.70 -34.03 -4.81
CA SER A 229 15.03 -34.25 -4.25
C SER A 229 15.44 -35.72 -4.31
N ILE A 230 14.48 -36.62 -4.07
CA ILE A 230 14.75 -38.06 -4.14
C ILE A 230 15.08 -38.46 -5.57
N LEU A 231 14.32 -37.96 -6.56
CA LEU A 231 14.60 -38.33 -7.94
C LEU A 231 15.88 -37.70 -8.46
N ILE A 232 16.23 -36.52 -7.94
CA ILE A 232 17.49 -35.89 -8.33
C ILE A 232 18.68 -36.65 -7.76
N THR A 233 18.58 -37.14 -6.51
CA THR A 233 19.62 -38.01 -5.97
C THR A 233 19.62 -39.38 -6.64
N ILE A 234 18.49 -39.82 -7.19
CA ILE A 234 18.47 -41.01 -8.02
C ILE A 234 19.26 -40.78 -9.30
N LEU A 235 19.11 -39.58 -9.88
CA LEU A 235 19.76 -39.24 -11.15
C LEU A 235 21.28 -39.20 -11.02
N SER A 236 21.79 -38.89 -9.82
CA SER A 236 23.24 -38.82 -9.64
C SER A 236 23.87 -40.20 -9.63
N TRP A 237 23.06 -41.25 -9.39
CA TRP A 237 23.61 -42.60 -9.34
C TRP A 237 23.71 -43.21 -10.73
N VAL A 238 23.19 -42.51 -11.75
CA VAL A 238 23.41 -42.92 -13.14
C VAL A 238 24.87 -42.76 -13.51
N SER A 239 25.57 -41.82 -12.87
CA SER A 239 26.97 -41.53 -13.17
C SER A 239 27.88 -42.70 -12.81
N PHE A 240 27.51 -43.49 -11.80
CA PHE A 240 28.36 -44.59 -11.34
C PHE A 240 28.45 -45.74 -12.34
N TRP A 241 27.50 -45.84 -13.28
CA TRP A 241 27.51 -46.92 -14.25
C TRP A 241 28.16 -46.53 -15.57
N ILE A 242 28.36 -45.23 -15.81
CA ILE A 242 28.99 -44.78 -17.04
C ILE A 242 30.49 -45.13 -17.01
N ASN A 243 31.04 -45.40 -18.19
CA ASN A 243 32.45 -45.70 -18.37
C ASN A 243 33.31 -44.53 -17.93
N TYR A 244 34.48 -44.86 -17.35
CA TYR A 244 35.31 -43.86 -16.68
C TYR A 244 35.98 -42.88 -17.64
N ASP A 245 36.13 -43.24 -18.92
CA ASP A 245 36.80 -42.35 -19.86
C ASP A 245 35.93 -41.16 -20.25
N ALA A 246 34.60 -41.32 -20.18
CA ALA A 246 33.68 -40.25 -20.52
C ALA A 246 33.69 -39.22 -19.38
N SER A 247 34.65 -38.30 -19.46
CA SER A 247 34.78 -37.29 -18.42
C SER A 247 33.66 -36.27 -18.49
N ALA A 248 33.34 -35.81 -19.70
CA ALA A 248 32.35 -34.75 -19.88
C ALA A 248 30.97 -35.18 -19.43
N ALA A 249 30.61 -36.43 -19.68
CA ALA A 249 29.31 -36.99 -19.30
C ALA A 249 29.10 -37.02 -17.79
N ARG A 250 29.99 -37.71 -17.07
CA ARG A 250 29.86 -37.84 -15.63
C ARG A 250 30.07 -36.52 -14.89
N VAL A 251 31.01 -35.69 -15.35
CA VAL A 251 31.18 -34.34 -14.82
C VAL A 251 29.94 -33.47 -15.01
N ALA A 252 29.34 -33.48 -16.22
CA ALA A 252 28.15 -32.67 -16.45
C ALA A 252 26.96 -33.17 -15.64
N LEU A 253 26.83 -34.49 -15.51
CA LEU A 253 25.73 -35.06 -14.74
C LEU A 253 25.85 -34.70 -13.26
N GLY A 254 27.04 -34.89 -12.68
CA GLY A 254 27.28 -34.54 -11.29
C GLY A 254 27.12 -33.05 -11.00
N ILE A 255 27.63 -32.21 -11.90
CA ILE A 255 27.54 -30.77 -11.72
C ILE A 255 26.10 -30.30 -11.78
N THR A 256 25.35 -30.72 -12.80
CA THR A 256 23.96 -30.27 -12.90
C THR A 256 23.09 -30.85 -11.80
N THR A 257 23.47 -32.02 -11.26
CA THR A 257 22.77 -32.53 -10.09
C THR A 257 23.00 -31.66 -8.86
N VAL A 258 24.25 -31.22 -8.65
CA VAL A 258 24.57 -30.32 -7.52
C VAL A 258 23.84 -28.99 -7.69
N LEU A 259 23.88 -28.43 -8.90
CA LEU A 259 23.23 -27.15 -9.18
C LEU A 259 21.71 -27.24 -9.03
N THR A 260 21.11 -28.37 -9.39
CA THR A 260 19.66 -28.49 -9.16
C THR A 260 19.34 -28.61 -7.68
N MET A 261 20.21 -29.27 -6.90
CA MET A 261 19.99 -29.34 -5.46
C MET A 261 20.10 -27.96 -4.79
N THR A 262 21.13 -27.20 -5.17
CA THR A 262 21.29 -25.85 -4.61
C THR A 262 20.19 -24.92 -5.10
N THR A 263 19.73 -25.12 -6.35
CA THR A 263 18.64 -24.34 -6.89
C THR A 263 17.35 -24.61 -6.13
N ILE A 264 17.06 -25.88 -5.83
CA ILE A 264 15.79 -26.20 -5.18
C ILE A 264 15.81 -25.75 -3.71
N ASN A 265 16.97 -25.82 -3.03
CA ASN A 265 16.95 -25.37 -1.64
C ASN A 265 16.95 -23.84 -1.53
N THR A 266 17.71 -23.15 -2.40
CA THR A 266 17.71 -21.69 -2.36
C THR A 266 16.41 -21.10 -2.89
N HIS A 267 15.71 -21.81 -3.78
CA HIS A 267 14.41 -21.36 -4.28
C HIS A 267 13.26 -21.94 -3.47
N LEU A 268 13.57 -22.72 -2.44
CA LEU A 268 12.59 -23.05 -1.42
C LEU A 268 12.65 -22.16 -0.19
N ARG A 269 13.84 -21.76 0.29
CA ARG A 269 13.91 -21.10 1.59
C ARG A 269 13.52 -19.62 1.59
N GLU A 270 13.03 -19.05 0.49
CA GLU A 270 12.59 -17.66 0.49
C GLU A 270 11.08 -17.54 0.69
N THR A 271 10.34 -18.63 0.57
CA THR A 271 8.90 -18.63 0.85
C THR A 271 8.60 -18.76 2.33
N LEU A 272 9.62 -18.91 3.16
CA LEU A 272 9.53 -19.02 4.61
C LEU A 272 10.14 -17.77 5.22
N PRO A 273 9.81 -17.41 6.46
CA PRO A 273 10.46 -16.26 7.08
C PRO A 273 11.92 -16.53 7.40
N LYS A 274 12.63 -15.46 7.76
CA LYS A 274 14.08 -15.52 7.95
C LYS A 274 14.42 -16.05 9.36
N ILE A 275 14.09 -17.32 9.57
CA ILE A 275 14.31 -18.01 10.84
C ILE A 275 15.79 -18.35 10.98
N PRO A 276 16.35 -18.32 12.19
CA PRO A 276 17.80 -18.52 12.34
C PRO A 276 18.19 -19.97 12.59
N TYR A 277 17.26 -20.90 12.45
CA TYR A 277 17.54 -22.30 12.74
C TYR A 277 17.35 -23.12 11.46
N VAL A 278 17.44 -24.43 11.60
CA VAL A 278 17.38 -25.36 10.48
C VAL A 278 16.10 -26.17 10.63
N LYS A 279 15.41 -26.42 9.52
CA LYS A 279 14.17 -27.16 9.56
C LYS A 279 14.41 -28.62 9.15
N ALA A 280 13.31 -29.39 9.13
CA ALA A 280 13.41 -30.79 8.73
C ALA A 280 13.62 -30.92 7.23
N ILE A 281 12.90 -30.10 6.45
CA ILE A 281 13.06 -30.11 5.00
C ILE A 281 14.44 -29.58 4.61
N ASP A 282 14.97 -28.63 5.39
CA ASP A 282 16.32 -28.14 5.17
C ASP A 282 17.35 -29.21 5.51
N MET A 283 17.07 -30.02 6.54
CA MET A 283 17.94 -31.14 6.89
C MET A 283 17.97 -32.20 5.79
N TYR A 284 16.80 -32.51 5.22
CA TYR A 284 16.74 -33.47 4.12
C TYR A 284 17.45 -32.95 2.88
N LEU A 285 17.25 -31.67 2.55
CA LEU A 285 17.88 -31.10 1.37
C LEU A 285 19.35 -30.78 1.60
N MET A 286 19.83 -30.83 2.84
CA MET A 286 21.25 -30.81 3.12
C MET A 286 21.87 -32.20 2.99
N GLY A 287 21.19 -33.23 3.51
CA GLY A 287 21.68 -34.59 3.36
C GLY A 287 21.72 -35.07 1.92
N CYS A 288 20.71 -34.72 1.13
CA CYS A 288 20.70 -35.01 -0.30
C CYS A 288 21.84 -34.33 -1.04
N PHE A 289 22.12 -33.06 -0.72
CA PHE A 289 23.27 -32.35 -1.25
C PHE A 289 24.60 -33.00 -0.87
N VAL A 290 24.73 -33.47 0.37
CA VAL A 290 25.92 -34.21 0.78
C VAL A 290 26.09 -35.50 -0.04
N PHE A 291 25.01 -36.24 -0.28
CA PHE A 291 25.08 -37.46 -1.10
C PHE A 291 25.50 -37.15 -2.53
N VAL A 292 24.93 -36.11 -3.13
CA VAL A 292 25.26 -35.76 -4.50
C VAL A 292 26.71 -35.24 -4.62
N PHE A 293 27.14 -34.45 -3.64
CA PHE A 293 28.52 -33.96 -3.61
C PHE A 293 29.51 -35.10 -3.40
N MET A 294 29.12 -36.12 -2.63
CA MET A 294 29.97 -37.30 -2.49
C MET A 294 30.01 -38.12 -3.76
N ALA A 295 28.92 -38.12 -4.54
CA ALA A 295 28.96 -38.77 -5.85
C ALA A 295 29.95 -38.08 -6.80
N LEU A 296 29.92 -36.74 -6.82
CA LEU A 296 30.86 -35.99 -7.65
C LEU A 296 32.31 -36.19 -7.19
N LEU A 297 32.53 -36.20 -5.88
CA LEU A 297 33.87 -36.48 -5.36
C LEU A 297 34.29 -37.92 -5.60
N GLU A 298 33.33 -38.84 -5.70
CA GLU A 298 33.65 -40.23 -6.06
C GLU A 298 34.16 -40.33 -7.49
N TYR A 299 33.51 -39.59 -8.40
CA TYR A 299 34.02 -39.57 -9.78
C TYR A 299 35.41 -38.92 -9.84
N ALA A 300 35.61 -37.85 -9.07
CA ALA A 300 36.92 -37.20 -9.05
C ALA A 300 38.00 -38.12 -8.48
N LEU A 301 37.64 -38.95 -7.49
CA LEU A 301 38.55 -39.94 -6.96
C LEU A 301 38.87 -41.02 -8.00
N VAL A 302 37.88 -41.42 -8.80
CA VAL A 302 38.12 -42.41 -9.86
C VAL A 302 39.07 -41.84 -10.92
N ASN A 303 38.85 -40.59 -11.33
CA ASN A 303 39.69 -39.96 -12.33
C ASN A 303 41.11 -39.74 -11.81
N TYR A 304 41.25 -39.37 -10.53
CA TYR A 304 42.58 -39.22 -9.95
C TYR A 304 43.29 -40.56 -9.80
N ILE A 305 42.56 -41.62 -9.43
CA ILE A 305 43.19 -42.92 -9.24
C ILE A 305 43.50 -43.61 -10.56
N PHE A 306 42.91 -43.16 -11.67
CA PHE A 306 43.34 -43.65 -12.98
C PHE A 306 44.45 -42.79 -13.58
N PHE A 307 44.20 -41.51 -13.82
CA PHE A 307 45.13 -40.69 -14.59
C PHE A 307 46.30 -40.20 -13.74
N GLY A 308 46.03 -39.77 -12.51
CA GLY A 308 47.08 -39.25 -11.65
C GLY A 308 48.06 -40.30 -11.16
N ARG A 309 47.58 -41.22 -10.34
CA ARG A 309 48.40 -42.31 -9.85
C ARG A 309 48.56 -43.37 -10.93
N ASP A 459 41.87 -51.39 -10.83
CA ASP A 459 41.21 -51.07 -9.58
C ASP A 459 40.21 -49.93 -9.76
N VAL A 460 40.22 -49.32 -10.94
CA VAL A 460 39.29 -48.22 -11.22
C VAL A 460 37.90 -48.75 -11.52
N ASN A 461 37.78 -50.05 -11.79
CA ASN A 461 36.49 -50.70 -11.95
C ASN A 461 35.94 -51.23 -10.64
N ALA A 462 36.62 -50.99 -9.53
CA ALA A 462 36.18 -51.44 -8.22
C ALA A 462 35.60 -50.34 -7.36
N ILE A 463 36.06 -49.10 -7.52
CA ILE A 463 35.53 -47.99 -6.73
C ILE A 463 34.09 -47.68 -7.14
N ASP A 464 33.83 -47.68 -8.44
CA ASP A 464 32.46 -47.52 -8.92
C ASP A 464 31.65 -48.81 -8.84
N ARG A 465 32.31 -49.95 -8.60
CA ARG A 465 31.57 -51.17 -8.28
C ARG A 465 31.04 -51.12 -6.85
N TRP A 466 31.86 -50.62 -5.92
CA TRP A 466 31.42 -50.46 -4.54
C TRP A 466 30.34 -49.38 -4.43
N SER A 467 30.50 -48.28 -5.17
CA SER A 467 29.59 -47.15 -5.02
C SER A 467 28.24 -47.42 -5.67
N ARG A 468 28.15 -48.44 -6.53
CA ARG A 468 26.85 -48.85 -7.05
C ARG A 468 26.03 -49.58 -6.00
N ILE A 469 26.68 -50.12 -4.96
CA ILE A 469 25.97 -50.80 -3.89
C ILE A 469 25.87 -49.86 -2.70
N PHE A 470 27.00 -49.24 -2.32
CA PHE A 470 27.10 -48.46 -1.09
C PHE A 470 26.18 -47.23 -1.07
N PHE A 471 26.11 -46.50 -2.18
CA PHE A 471 25.29 -45.29 -2.21
C PHE A 471 23.79 -45.56 -2.21
N PRO A 472 23.24 -46.59 -2.90
CA PRO A 472 21.82 -46.90 -2.64
C PRO A 472 21.51 -47.44 -1.26
N VAL A 473 22.48 -48.01 -0.53
CA VAL A 473 22.19 -48.54 0.80
C VAL A 473 22.14 -47.43 1.84
N VAL A 474 23.16 -46.55 1.84
CA VAL A 474 23.26 -45.52 2.86
C VAL A 474 22.15 -44.48 2.70
N PHE A 475 21.76 -44.18 1.46
CA PHE A 475 20.63 -43.28 1.25
C PHE A 475 19.31 -43.94 1.65
N SER A 476 19.20 -45.26 1.47
CA SER A 476 18.04 -45.97 1.99
C SER A 476 18.08 -46.02 3.51
N PHE A 477 19.29 -46.11 4.08
CA PHE A 477 19.44 -46.04 5.53
C PHE A 477 19.15 -44.64 6.04
N PHE A 478 19.47 -43.62 5.24
CA PHE A 478 19.25 -42.24 5.66
C PHE A 478 17.76 -41.90 5.65
N ASN A 479 17.01 -42.45 4.71
CA ASN A 479 15.56 -42.20 4.66
C ASN A 479 14.85 -42.85 5.83
N ILE A 480 15.34 -44.00 6.30
CA ILE A 480 14.72 -44.68 7.43
C ILE A 480 14.93 -43.86 8.71
N VAL A 481 16.14 -43.33 8.88
CA VAL A 481 16.45 -42.50 10.05
C VAL A 481 15.65 -41.19 10.02
N TYR A 482 15.55 -40.58 8.83
CA TYR A 482 14.83 -39.32 8.70
C TYR A 482 13.33 -39.50 8.92
N TRP A 483 12.75 -40.57 8.37
CA TRP A 483 11.32 -40.76 8.53
C TRP A 483 10.95 -41.47 9.82
N LEU A 484 11.94 -41.83 10.65
CA LEU A 484 11.64 -42.32 11.99
C LEU A 484 11.60 -41.16 12.98
N TYR A 485 12.53 -40.23 12.86
CA TYR A 485 12.62 -39.07 13.73
C TYR A 485 11.46 -38.11 13.50
N TYR A 486 11.37 -37.58 12.29
CA TYR A 486 10.32 -36.62 11.94
C TYR A 486 9.13 -37.39 11.39
N VAL A 487 8.27 -37.85 12.29
CA VAL A 487 7.02 -38.49 11.90
C VAL A 487 5.96 -38.29 12.98
N ASP B 10 -32.11 6.49 43.29
CA ASP B 10 -31.62 5.18 42.90
C ASP B 10 -30.17 5.01 43.36
N ASN B 11 -29.67 3.77 43.32
CA ASN B 11 -28.33 3.49 43.81
C ASN B 11 -27.26 4.02 42.85
N THR B 12 -27.55 4.02 41.55
CA THR B 12 -26.57 4.45 40.56
C THR B 12 -26.62 5.94 40.27
N THR B 13 -27.56 6.67 40.87
CA THR B 13 -27.66 8.11 40.64
C THR B 13 -26.56 8.86 41.39
N VAL B 14 -25.99 8.24 42.44
CA VAL B 14 -24.96 8.89 43.23
C VAL B 14 -23.69 9.09 42.42
N PHE B 15 -23.28 8.07 41.66
CA PHE B 15 -22.08 8.20 40.83
C PHE B 15 -22.35 9.05 39.59
N THR B 16 -23.59 9.03 39.09
CA THR B 16 -23.98 9.84 37.94
C THR B 16 -23.86 11.33 38.25
N ARG B 17 -24.36 11.74 39.42
CA ARG B 17 -24.26 13.15 39.77
C ARG B 17 -22.84 13.53 40.18
N ILE B 18 -22.03 12.56 40.61
CA ILE B 18 -20.61 12.84 40.86
C ILE B 18 -19.89 13.16 39.55
N LEU B 19 -20.15 12.36 38.52
CA LEU B 19 -19.53 12.62 37.21
C LEU B 19 -20.06 13.90 36.58
N ASP B 20 -21.36 14.17 36.72
CA ASP B 20 -21.94 15.39 36.17
C ASP B 20 -21.49 16.62 36.95
N ARG B 21 -21.15 16.48 38.22
CA ARG B 21 -20.56 17.59 38.97
C ARG B 21 -19.10 17.79 38.59
N LEU B 22 -18.40 16.70 38.26
CA LEU B 22 -17.01 16.82 37.81
C LEU B 22 -16.92 17.56 36.47
N LEU B 23 -17.79 17.20 35.53
CA LEU B 23 -17.69 17.79 34.21
C LEU B 23 -18.40 19.14 34.10
N ASP B 24 -19.04 19.61 35.16
CA ASP B 24 -19.74 20.90 35.09
C ASP B 24 -18.75 22.04 35.21
N GLY B 25 -18.71 22.90 34.20
CA GLY B 25 -17.76 23.99 34.19
C GLY B 25 -16.34 23.58 33.88
N TYR B 26 -16.15 22.42 33.26
CA TYR B 26 -14.83 21.89 32.94
C TYR B 26 -14.49 22.28 31.51
N ASP B 27 -13.36 22.97 31.34
CA ASP B 27 -12.85 23.33 30.03
C ASP B 27 -11.75 22.34 29.66
N ASN B 28 -12.05 21.47 28.70
CA ASN B 28 -11.08 20.46 28.28
C ASN B 28 -10.05 21.01 27.31
N ARG B 29 -10.15 22.27 26.91
CA ARG B 29 -9.17 22.87 26.03
C ARG B 29 -7.94 23.38 26.78
N LEU B 30 -8.03 23.48 28.11
CA LEU B 30 -6.91 24.02 28.91
C LEU B 30 -6.27 22.90 29.72
N ARG B 31 -4.93 22.92 29.85
CA ARG B 31 -4.24 21.90 30.69
C ARG B 31 -4.34 22.31 32.17
N PRO B 32 -4.22 21.38 33.14
CA PRO B 32 -4.25 21.74 34.56
C PRO B 32 -3.21 22.83 34.88
N GLY B 33 -3.61 23.87 35.61
CA GLY B 33 -2.69 24.97 35.96
C GLY B 33 -2.11 25.63 34.72
N LEU B 34 -2.96 26.06 33.79
CA LEU B 34 -2.48 26.71 32.53
C LEU B 34 -1.56 27.87 32.89
N GLY B 35 -2.01 28.78 33.74
CA GLY B 35 -1.18 29.97 33.98
C GLY B 35 -0.50 29.92 35.34
N GLU B 36 -0.38 28.74 35.93
CA GLU B 36 0.18 28.67 37.32
C GLU B 36 1.38 27.72 37.40
N ARG B 37 1.44 26.68 36.57
CA ARG B 37 2.53 25.69 36.77
C ARG B 37 2.76 24.81 35.54
N VAL B 38 3.48 23.72 35.70
CA VAL B 38 3.80 22.81 34.58
C VAL B 38 3.08 21.50 34.86
N THR B 39 2.55 20.85 33.82
CA THR B 39 1.80 19.58 34.00
C THR B 39 2.76 18.40 33.90
N GLU B 40 3.19 17.86 35.04
CA GLU B 40 4.17 16.74 35.02
C GLU B 40 3.42 15.48 34.65
N VAL B 41 3.85 14.82 33.60
CA VAL B 41 3.19 13.61 33.13
C VAL B 41 4.11 12.44 33.45
N LYS B 42 3.59 11.46 34.20
CA LYS B 42 4.36 10.30 34.61
C LYS B 42 4.03 9.15 33.67
N THR B 43 5.05 8.64 33.00
CA THR B 43 4.88 7.72 31.88
C THR B 43 5.65 6.42 32.12
N ASP B 44 5.03 5.31 31.77
CA ASP B 44 5.74 4.03 31.68
C ASP B 44 5.13 3.23 30.55
N ILE B 45 5.88 2.25 30.08
CA ILE B 45 5.54 1.46 28.90
C ILE B 45 5.63 -0.01 29.26
N PHE B 46 4.59 -0.77 28.94
CA PHE B 46 4.63 -2.23 29.04
C PHE B 46 4.57 -2.80 27.63
N VAL B 47 5.72 -3.28 27.15
CA VAL B 47 5.80 -3.86 25.81
C VAL B 47 5.20 -5.26 25.82
N THR B 48 4.08 -5.44 25.13
CA THR B 48 3.44 -6.75 25.08
C THR B 48 3.97 -7.65 23.98
N SER B 49 4.61 -7.07 22.95
CA SER B 49 5.28 -7.81 21.89
C SER B 49 6.21 -6.91 21.11
N PHE B 50 7.49 -7.27 21.03
CA PHE B 50 8.44 -6.56 20.17
C PHE B 50 8.37 -7.22 18.80
N GLY B 51 7.73 -6.53 17.85
CA GLY B 51 7.40 -7.11 16.57
C GLY B 51 8.59 -7.24 15.64
N PRO B 52 8.34 -7.75 14.45
CA PRO B 52 9.45 -8.04 13.53
C PRO B 52 10.07 -6.78 12.95
N VAL B 53 11.39 -6.81 12.83
CA VAL B 53 12.16 -5.68 12.32
C VAL B 53 12.27 -5.82 10.82
N SER B 54 11.77 -4.82 10.10
CA SER B 54 11.85 -4.81 8.64
C SER B 54 13.14 -4.12 8.24
N ASP B 55 14.08 -4.89 7.68
CA ASP B 55 15.36 -4.32 7.26
C ASP B 55 15.22 -3.46 6.02
N HIS B 56 14.27 -3.78 5.14
CA HIS B 56 14.08 -3.03 3.90
C HIS B 56 13.62 -1.60 4.19
N ASP B 57 12.67 -1.45 5.11
CA ASP B 57 12.17 -0.12 5.43
C ASP B 57 12.95 0.57 6.52
N MET B 58 13.92 -0.13 7.13
CA MET B 58 14.68 0.34 8.30
C MET B 58 13.74 0.75 9.44
N GLU B 59 12.76 -0.12 9.71
CA GLU B 59 11.75 0.15 10.72
C GLU B 59 11.56 -1.09 11.58
N TYR B 60 10.82 -0.90 12.67
CA TYR B 60 10.42 -2.01 13.52
C TYR B 60 9.03 -1.74 14.06
N THR B 61 8.34 -2.81 14.46
CA THR B 61 7.00 -2.73 15.01
C THR B 61 7.07 -3.09 16.50
N ILE B 62 6.24 -2.44 17.32
CA ILE B 62 6.22 -2.69 18.75
C ILE B 62 4.81 -2.48 19.26
N ASP B 63 4.28 -3.44 20.02
CA ASP B 63 2.99 -3.26 20.65
C ASP B 63 3.17 -2.92 22.12
N VAL B 64 2.59 -1.80 22.55
CA VAL B 64 2.90 -1.40 23.95
C VAL B 64 1.66 -0.91 24.69
N PHE B 65 1.66 -1.10 26.01
CA PHE B 65 0.57 -0.49 26.82
C PHE B 65 1.12 0.90 27.14
N PHE B 66 0.54 1.95 26.55
CA PHE B 66 1.13 3.30 26.79
C PHE B 66 0.42 3.92 27.99
N ARG B 67 1.14 4.07 29.11
CA ARG B 67 0.49 4.58 30.34
C ARG B 67 0.99 5.97 30.68
N GLN B 68 0.07 6.92 30.86
CA GLN B 68 0.45 8.27 31.28
C GLN B 68 -0.37 8.62 32.50
N SER B 69 0.22 9.34 33.44
CA SER B 69 -0.46 9.74 34.67
C SER B 69 -0.15 11.20 34.96
N TRP B 70 -1.17 11.97 35.28
CA TRP B 70 -0.99 13.39 35.56
C TRP B 70 -1.99 13.84 36.61
N LYS B 71 -1.61 14.84 37.39
CA LYS B 71 -2.46 15.34 38.45
C LYS B 71 -3.32 16.48 37.93
N ASP B 72 -4.64 16.35 38.09
CA ASP B 72 -5.59 17.38 37.70
C ASP B 72 -6.40 17.77 38.93
N GLU B 73 -6.50 19.05 39.23
CA GLU B 73 -7.18 19.40 40.50
C GLU B 73 -8.64 19.74 40.22
N ARG B 74 -9.05 19.80 38.96
CA ARG B 74 -10.46 20.02 38.69
C ARG B 74 -11.29 18.74 38.75
N LEU B 75 -10.65 17.60 38.97
CA LEU B 75 -11.32 16.30 39.04
C LEU B 75 -11.25 15.71 40.44
N LYS B 76 -11.42 16.56 41.45
CA LYS B 76 -11.48 16.11 42.83
C LYS B 76 -12.91 15.80 43.22
N PHE B 77 -13.11 14.71 43.95
CA PHE B 77 -14.44 14.31 44.37
C PHE B 77 -14.38 13.65 45.73
N LYS B 78 -15.51 13.63 46.41
CA LYS B 78 -15.67 12.95 47.70
C LYS B 78 -16.87 12.02 47.58
N GLY B 79 -16.62 10.71 47.59
CA GLY B 79 -17.68 9.74 47.42
C GLY B 79 -17.38 8.43 48.09
N PRO B 80 -18.26 7.44 47.90
CA PRO B 80 -18.05 6.13 48.53
C PRO B 80 -16.95 5.31 47.90
N MET B 81 -16.50 5.67 46.69
CA MET B 81 -15.49 4.90 45.97
C MET B 81 -14.30 5.80 45.70
N THR B 82 -13.11 5.34 46.07
CA THR B 82 -11.91 6.17 45.96
C THR B 82 -11.40 6.27 44.52
N VAL B 83 -11.50 5.21 43.74
CA VAL B 83 -11.03 5.19 42.36
C VAL B 83 -12.22 4.96 41.45
N LEU B 84 -12.40 5.84 40.46
CA LEU B 84 -13.48 5.72 39.49
C LEU B 84 -12.92 5.08 38.23
N ARG B 85 -13.02 3.75 38.15
CA ARG B 85 -12.57 3.01 36.96
C ARG B 85 -13.63 3.20 35.88
N LEU B 86 -13.39 4.15 34.99
CA LEU B 86 -14.36 4.54 33.98
C LEU B 86 -13.95 4.03 32.60
N ASN B 87 -14.84 4.20 31.64
CA ASN B 87 -14.65 3.71 30.29
C ASN B 87 -14.03 4.80 29.41
N ASN B 88 -14.05 4.57 28.09
CA ASN B 88 -13.36 5.42 27.14
C ASN B 88 -14.11 6.70 26.81
N LEU B 89 -15.42 6.72 27.04
CA LEU B 89 -16.21 7.90 26.71
C LEU B 89 -15.88 9.05 27.65
N MET B 90 -15.39 8.74 28.85
CA MET B 90 -14.98 9.76 29.79
C MET B 90 -13.63 10.36 29.40
N ALA B 91 -12.85 9.65 28.58
CA ALA B 91 -11.50 10.10 28.25
C ALA B 91 -11.53 11.28 27.28
N SER B 92 -12.52 11.31 26.39
CA SER B 92 -12.60 12.41 25.42
C SER B 92 -13.20 13.67 26.02
N LYS B 93 -13.78 13.58 27.20
CA LYS B 93 -14.43 14.71 27.84
C LYS B 93 -13.51 15.44 28.82
N ILE B 94 -12.26 14.99 28.95
CA ILE B 94 -11.29 15.60 29.86
C ILE B 94 -10.04 15.93 29.09
N TRP B 95 -9.16 16.72 29.71
CA TRP B 95 -7.89 17.04 29.09
C TRP B 95 -6.95 15.83 29.16
N THR B 96 -6.33 15.51 28.03
CA THR B 96 -5.33 14.46 27.93
C THR B 96 -4.12 15.04 27.20
N PRO B 97 -2.91 14.62 27.58
CA PRO B 97 -1.72 15.12 26.90
C PRO B 97 -1.61 14.60 25.47
N ASP B 98 -1.02 15.42 24.62
CA ASP B 98 -0.92 15.16 23.18
C ASP B 98 0.39 14.46 22.84
N THR B 99 0.65 13.32 23.49
CA THR B 99 1.90 12.61 23.28
C THR B 99 1.93 11.97 21.89
N PHE B 100 3.01 12.19 21.17
CA PHE B 100 3.21 11.61 19.85
C PHE B 100 4.62 11.07 19.78
N PHE B 101 4.83 10.11 18.87
CA PHE B 101 6.13 9.48 18.71
C PHE B 101 6.92 10.21 17.64
N HIS B 102 8.12 10.67 18.00
CA HIS B 102 8.92 11.53 17.12
C HIS B 102 9.39 10.76 15.89
N ASN B 103 9.81 9.52 16.07
CA ASN B 103 10.34 8.71 14.99
C ASN B 103 9.33 7.68 14.50
N GLY B 104 8.07 7.79 14.89
CA GLY B 104 7.06 6.87 14.41
C GLY B 104 6.67 7.15 12.97
N LYS B 105 6.39 6.09 12.23
CA LYS B 105 6.02 6.18 10.82
C LYS B 105 4.52 6.01 10.59
N LYS B 106 3.92 4.98 11.16
CA LYS B 106 2.49 4.73 11.06
C LYS B 106 2.06 3.82 12.19
N SER B 107 1.27 4.34 13.13
CA SER B 107 0.88 3.58 14.30
C SER B 107 -0.63 3.60 14.43
N VAL B 108 -1.17 2.48 14.88
CA VAL B 108 -2.62 2.27 14.98
C VAL B 108 -2.97 2.12 16.45
N ALA B 109 -3.91 2.92 16.92
CA ALA B 109 -4.51 2.73 18.24
C ALA B 109 -5.69 1.79 18.06
N HIS B 110 -5.60 0.60 18.65
CA HIS B 110 -6.59 -0.44 18.43
C HIS B 110 -7.92 -0.07 19.07
N ASN B 111 -9.01 -0.32 18.35
CA ASN B 111 -10.36 0.04 18.87
C ASN B 111 -11.31 -1.16 18.66
N MET B 112 -10.82 -2.37 18.92
CA MET B 112 -11.65 -3.60 18.73
C MET B 112 -11.66 -4.37 20.06
N THR B 113 -12.85 -4.64 20.62
CA THR B 113 -14.15 -4.23 20.03
C THR B 113 -14.43 -2.77 20.38
N MET B 114 -14.19 -2.39 21.65
CA MET B 114 -14.39 -0.98 22.08
C MET B 114 -13.01 -0.32 22.20
N PRO B 115 -12.86 1.00 21.96
CA PRO B 115 -11.53 1.64 22.02
C PRO B 115 -10.70 1.16 23.20
N ASN B 116 -9.48 0.72 22.90
CA ASN B 116 -8.62 0.09 23.90
C ASN B 116 -7.96 1.19 24.71
N LYS B 117 -8.74 1.76 25.63
CA LYS B 117 -8.27 2.83 26.49
C LYS B 117 -8.70 2.55 27.92
N LEU B 118 -8.12 3.29 28.85
CA LEU B 118 -8.36 3.11 30.27
C LEU B 118 -8.35 4.48 30.92
N LEU B 119 -9.19 4.65 31.93
CA LEU B 119 -9.22 5.93 32.62
C LEU B 119 -9.65 5.70 34.07
N ARG B 120 -8.79 6.08 35.00
CA ARG B 120 -9.03 5.84 36.42
C ARG B 120 -8.77 7.13 37.17
N ILE B 121 -9.82 7.74 37.70
CA ILE B 121 -9.73 9.01 38.42
C ILE B 121 -9.77 8.69 39.90
N THR B 122 -8.64 8.87 40.60
CA THR B 122 -8.65 8.71 42.04
C THR B 122 -9.24 9.96 42.70
N GLU B 123 -9.43 9.88 44.01
CA GLU B 123 -10.17 10.93 44.71
C GLU B 123 -9.34 12.19 44.90
N ASP B 124 -8.01 12.10 44.81
CA ASP B 124 -7.17 13.29 44.90
C ASP B 124 -6.95 13.96 43.55
N GLY B 125 -7.52 13.42 42.48
CA GLY B 125 -7.37 13.97 41.16
C GLY B 125 -6.35 13.30 40.28
N THR B 126 -5.61 12.32 40.79
CA THR B 126 -4.59 11.64 40.01
C THR B 126 -5.23 10.76 38.96
N LEU B 127 -4.77 10.89 37.72
CA LEU B 127 -5.36 10.17 36.60
C LEU B 127 -4.40 9.08 36.13
N LEU B 128 -4.90 8.22 35.25
CA LEU B 128 -4.12 7.14 34.66
C LEU B 128 -4.78 6.79 33.34
N TYR B 129 -3.98 6.73 32.27
CA TYR B 129 -4.53 6.67 30.92
C TYR B 129 -3.70 5.69 30.09
N THR B 130 -4.18 4.45 30.00
CA THR B 130 -3.48 3.40 29.28
C THR B 130 -4.08 3.22 27.89
N MET B 131 -3.23 2.86 26.92
CA MET B 131 -3.67 2.69 25.54
C MET B 131 -2.95 1.49 24.93
N ARG B 132 -3.54 0.91 23.89
CA ARG B 132 -2.88 -0.08 23.06
C ARG B 132 -2.49 0.56 21.75
N LEU B 133 -1.22 0.48 21.41
CA LEU B 133 -0.67 1.04 20.19
C LEU B 133 0.15 -0.02 19.48
N THR B 134 0.37 0.16 18.19
CA THR B 134 1.31 -0.67 17.44
C THR B 134 2.20 0.26 16.61
N VAL B 135 3.29 0.69 17.22
CA VAL B 135 4.13 1.77 16.68
C VAL B 135 5.09 1.18 15.66
N ARG B 136 5.00 1.65 14.42
CA ARG B 136 6.06 1.43 13.45
C ARG B 136 7.02 2.62 13.50
N ALA B 137 8.18 2.41 14.10
CA ALA B 137 9.12 3.49 14.37
C ALA B 137 10.36 3.35 13.51
N GLU B 138 11.01 4.48 13.23
CA GLU B 138 12.24 4.47 12.45
C GLU B 138 13.38 3.92 13.28
N CYS B 139 14.14 2.99 12.70
CA CYS B 139 15.38 2.50 13.28
C CYS B 139 16.45 2.63 12.21
N PRO B 140 17.22 3.72 12.22
CA PRO B 140 18.30 3.88 11.23
C PRO B 140 19.40 2.87 11.47
N MET B 141 19.84 2.22 10.39
CA MET B 141 20.77 1.10 10.47
C MET B 141 22.04 1.43 9.70
N HIS B 142 23.17 1.07 10.29
CA HIS B 142 24.47 1.15 9.63
C HIS B 142 24.92 -0.27 9.33
N LEU B 143 24.71 -0.71 8.09
CA LEU B 143 24.97 -2.09 7.71
C LEU B 143 26.39 -2.27 7.18
N GLU B 144 27.38 -1.80 7.91
CA GLU B 144 28.76 -2.04 7.50
C GLU B 144 29.20 -3.45 7.88
N ASP B 145 28.74 -3.96 9.02
CA ASP B 145 29.11 -5.28 9.50
C ASP B 145 28.02 -6.31 9.26
N PHE B 146 27.23 -6.14 8.22
CA PHE B 146 26.11 -7.06 7.94
C PHE B 146 26.67 -8.42 7.52
N PRO B 147 26.12 -9.53 8.02
CA PRO B 147 24.98 -9.67 8.95
C PRO B 147 25.34 -9.76 10.42
N MET B 148 26.59 -9.50 10.82
CA MET B 148 26.98 -9.60 12.23
C MET B 148 26.95 -8.22 12.89
N ASP B 149 25.77 -7.60 12.83
CA ASP B 149 25.60 -6.23 13.28
C ASP B 149 24.68 -6.17 14.48
N ALA B 150 24.79 -5.08 15.24
CA ALA B 150 23.93 -4.80 16.36
C ALA B 150 23.41 -3.37 16.25
N HIS B 151 22.13 -3.20 16.57
CA HIS B 151 21.49 -1.89 16.44
C HIS B 151 20.85 -1.51 17.75
N ALA B 152 20.66 -0.21 17.94
CA ALA B 152 19.93 0.36 19.07
C ALA B 152 18.76 1.13 18.49
N CYS B 153 17.65 0.42 18.26
CA CYS B 153 16.48 1.04 17.67
C CYS B 153 15.77 1.89 18.71
N PRO B 154 15.60 3.20 18.49
CA PRO B 154 15.02 4.06 19.51
C PRO B 154 13.50 4.14 19.38
N LEU B 155 12.90 4.70 20.43
CA LEU B 155 11.46 5.01 20.45
C LEU B 155 11.33 6.33 21.22
N LYS B 156 11.25 7.43 20.49
CA LYS B 156 11.23 8.76 21.08
C LYS B 156 9.82 9.30 21.08
N PHE B 157 9.34 9.74 22.24
CA PHE B 157 8.01 10.33 22.34
C PHE B 157 8.07 11.59 23.16
N GLY B 158 7.17 12.53 22.86
CA GLY B 158 7.09 13.78 23.59
C GLY B 158 5.80 14.48 23.25
N SER B 159 5.61 15.64 23.86
CA SER B 159 4.42 16.43 23.57
C SER B 159 4.54 17.07 22.19
N TYR B 160 3.39 17.37 21.58
CA TYR B 160 3.40 17.97 20.26
C TYR B 160 3.28 19.49 20.31
N ALA B 161 2.39 20.00 21.16
CA ALA B 161 2.09 21.43 21.17
C ALA B 161 2.59 22.14 22.41
N TYR B 162 2.67 21.46 23.55
CA TYR B 162 3.07 22.08 24.80
C TYR B 162 4.57 21.99 24.97
N THR B 163 5.21 23.12 25.25
CA THR B 163 6.66 23.21 25.31
C THR B 163 7.19 22.73 26.66
N ARG B 164 8.47 23.01 26.91
CA ARG B 164 9.11 22.62 28.16
C ARG B 164 8.55 23.38 29.35
N ALA B 165 8.11 24.61 29.13
CA ALA B 165 7.55 25.43 30.21
C ALA B 165 6.09 25.09 30.51
N GLU B 166 5.48 24.19 29.75
CA GLU B 166 4.08 23.84 29.93
C GLU B 166 3.85 22.40 30.35
N VAL B 167 4.39 21.43 29.61
CA VAL B 167 4.22 20.02 29.94
C VAL B 167 5.58 19.35 29.92
N VAL B 168 5.96 18.75 31.04
CA VAL B 168 7.19 17.99 31.15
C VAL B 168 6.82 16.53 31.37
N TYR B 169 7.69 15.63 30.92
CA TYR B 169 7.47 14.20 31.05
C TYR B 169 8.50 13.58 31.97
N GLU B 170 8.10 12.52 32.67
CA GLU B 170 8.98 11.83 33.59
C GLU B 170 8.51 10.38 33.69
N TRP B 171 9.41 9.50 34.15
CA TRP B 171 9.06 8.10 34.36
C TRP B 171 8.45 7.93 35.75
N THR B 172 7.39 7.14 35.83
CA THR B 172 6.68 7.01 37.10
C THR B 172 7.41 6.09 38.07
N ARG B 173 8.11 5.08 37.57
CA ARG B 173 8.96 4.23 38.37
C ARG B 173 10.40 4.64 38.11
N GLU B 174 11.36 3.86 38.62
CA GLU B 174 12.76 4.09 38.31
C GLU B 174 12.98 3.92 36.81
N PRO B 175 13.89 4.71 36.23
CA PRO B 175 14.14 4.61 34.78
C PRO B 175 14.62 3.26 34.31
N ALA B 176 15.33 2.51 35.16
CA ALA B 176 15.69 1.15 34.81
C ALA B 176 14.49 0.22 34.79
N ARG B 177 13.40 0.57 35.47
CA ARG B 177 12.22 -0.29 35.58
C ARG B 177 10.96 0.34 35.01
N SER B 178 11.09 1.37 34.16
CA SER B 178 9.90 2.02 33.63
C SER B 178 9.53 1.56 32.23
N VAL B 179 10.34 0.73 31.60
CA VAL B 179 9.98 0.07 30.34
C VAL B 179 10.10 -1.42 30.61
N VAL B 180 8.96 -2.11 30.63
CA VAL B 180 8.91 -3.54 30.95
C VAL B 180 8.53 -4.30 29.71
N VAL B 181 9.33 -5.31 29.36
CA VAL B 181 9.09 -6.15 28.19
C VAL B 181 8.60 -7.50 28.68
N ALA B 182 7.44 -7.93 28.17
CA ALA B 182 6.84 -9.20 28.58
C ALA B 182 7.67 -10.38 28.10
N GLU B 183 7.56 -11.49 28.83
CA GLU B 183 8.40 -12.67 28.57
C GLU B 183 8.01 -13.35 27.26
N ASP B 184 6.71 -13.60 27.06
CA ASP B 184 6.24 -14.23 25.84
C ASP B 184 6.28 -13.27 24.66
N GLY B 185 6.31 -11.98 24.91
CA GLY B 185 6.23 -10.99 23.85
C GLY B 185 7.52 -10.69 23.16
N SER B 186 7.96 -11.59 22.27
CA SER B 186 9.10 -11.36 21.41
C SER B 186 8.80 -12.00 20.06
N ARG B 187 8.31 -11.19 19.13
CA ARG B 187 8.01 -11.64 17.78
C ARG B 187 9.21 -11.54 16.85
N LEU B 188 10.40 -11.28 17.38
CA LEU B 188 11.60 -11.24 16.58
C LEU B 188 11.99 -12.64 16.14
N ASN B 189 12.13 -12.82 14.84
CA ASN B 189 12.65 -14.08 14.30
C ASN B 189 14.10 -13.95 13.83
N GLN B 190 14.49 -12.80 13.31
CA GLN B 190 15.85 -12.61 12.82
C GLN B 190 16.78 -12.10 13.90
N TYR B 191 16.33 -11.15 14.72
CA TYR B 191 17.15 -10.54 15.75
C TYR B 191 16.91 -11.25 17.09
N ASP B 192 17.48 -10.70 18.16
CA ASP B 192 17.08 -11.07 19.51
C ASP B 192 17.27 -9.84 20.39
N LEU B 193 16.38 -9.67 21.37
CA LEU B 193 16.39 -8.47 22.18
C LEU B 193 17.31 -8.64 23.37
N LEU B 194 18.33 -7.80 23.46
CA LEU B 194 19.32 -7.86 24.54
C LEU B 194 18.89 -7.08 25.78
N GLY B 195 18.31 -5.91 25.60
CA GLY B 195 17.87 -5.12 26.75
C GLY B 195 17.37 -3.77 26.29
N GLN B 196 16.82 -3.03 27.25
CA GLN B 196 16.30 -1.70 27.02
C GLN B 196 17.23 -0.65 27.61
N THR B 197 16.97 0.60 27.26
CA THR B 197 17.82 1.72 27.65
C THR B 197 16.99 2.98 27.48
N VAL B 198 16.84 3.76 28.55
CA VAL B 198 16.01 4.95 28.49
C VAL B 198 16.86 6.18 28.76
N ASP B 199 16.25 7.35 28.53
CA ASP B 199 16.94 8.64 28.78
C ASP B 199 15.95 9.74 28.43
N SER B 200 15.85 10.79 29.24
CA SER B 200 14.99 11.95 28.91
C SER B 200 15.86 12.96 28.17
N GLY B 201 15.42 14.21 28.04
CA GLY B 201 16.23 15.15 27.24
C GLY B 201 15.43 16.32 26.73
N ILE B 202 16.09 17.27 26.06
CA ILE B 202 15.41 18.45 25.54
C ILE B 202 15.74 18.55 24.06
N VAL B 203 14.71 18.72 23.23
CA VAL B 203 14.87 18.87 21.79
C VAL B 203 14.48 20.29 21.40
N GLN B 204 15.32 20.95 20.61
CA GLN B 204 15.07 22.30 20.15
C GLN B 204 14.48 22.25 18.75
N SER B 205 13.34 22.92 18.57
CA SER B 205 12.61 22.90 17.31
C SER B 205 12.37 24.33 16.85
N SER B 206 11.58 24.45 15.78
CA SER B 206 11.25 25.77 15.25
C SER B 206 10.32 26.52 16.19
N THR B 207 9.44 25.80 16.89
CA THR B 207 8.49 26.43 17.78
C THR B 207 9.12 26.77 19.13
N GLY B 208 9.81 25.80 19.73
CA GLY B 208 10.40 25.99 21.04
C GLY B 208 11.10 24.73 21.48
N GLU B 209 11.43 24.67 22.76
CA GLU B 209 12.11 23.52 23.33
C GLU B 209 11.10 22.58 23.97
N TYR B 210 11.28 21.28 23.72
CA TYR B 210 10.32 20.27 24.14
C TYR B 210 11.05 19.17 24.90
N VAL B 211 10.35 18.50 25.82
CA VAL B 211 10.98 17.37 26.57
C VAL B 211 10.71 16.07 25.81
N VAL B 212 11.75 15.44 25.26
CA VAL B 212 11.59 14.19 24.47
C VAL B 212 12.13 13.06 25.33
N MET B 213 11.33 12.02 25.58
CA MET B 213 11.77 10.84 26.36
C MET B 213 12.22 9.78 25.36
N THR B 214 13.27 9.03 25.64
CA THR B 214 13.90 8.12 24.69
C THR B 214 13.85 6.72 25.28
N THR B 215 13.68 5.73 24.40
CA THR B 215 13.77 4.32 24.80
C THR B 215 14.54 3.59 23.71
N HIS B 216 15.77 3.19 24.02
CA HIS B 216 16.62 2.49 23.07
C HIS B 216 16.48 1.00 23.28
N PHE B 217 16.12 0.28 22.21
CA PHE B 217 16.02 -1.17 22.25
C PHE B 217 17.24 -1.74 21.54
N HIS B 218 18.09 -2.44 22.29
CA HIS B 218 19.32 -2.98 21.73
C HIS B 218 19.06 -4.34 21.08
N LEU B 219 19.42 -4.46 19.82
CA LEU B 219 19.16 -5.66 19.04
C LEU B 219 20.47 -6.26 18.58
N LYS B 220 20.43 -7.50 18.10
CA LYS B 220 21.65 -8.21 17.67
C LYS B 220 21.21 -9.29 16.69
N ARG B 221 21.60 -9.17 15.43
CA ARG B 221 21.12 -10.11 14.37
C ARG B 221 21.79 -11.48 14.54
N LYS B 222 21.20 -12.52 13.91
CA LYS B 222 21.77 -13.89 13.97
C LYS B 222 22.12 -14.32 12.55
N ILE B 223 23.24 -15.02 12.36
CA ILE B 223 23.70 -15.41 10.99
C ILE B 223 22.95 -16.67 10.55
N GLY B 224 22.14 -17.26 11.44
CA GLY B 224 21.42 -18.51 11.11
C GLY B 224 20.94 -18.55 9.67
N TYR B 225 20.19 -17.55 9.23
CA TYR B 225 19.63 -17.57 7.88
C TYR B 225 20.72 -17.41 6.83
N PHE B 226 21.77 -16.69 7.21
CA PHE B 226 22.82 -16.33 6.22
C PHE B 226 23.99 -17.31 6.20
N VAL B 227 24.09 -18.21 7.18
CA VAL B 227 25.17 -19.25 7.11
C VAL B 227 24.58 -20.50 6.48
N ILE B 228 23.43 -20.36 5.81
CA ILE B 228 22.77 -21.51 5.13
C ILE B 228 22.32 -21.03 3.75
N GLN B 229 22.08 -19.74 3.59
CA GLN B 229 21.60 -19.21 2.29
C GLN B 229 22.77 -18.62 1.48
N THR B 230 23.74 -17.97 2.13
CA THR B 230 24.80 -17.34 1.35
C THR B 230 26.17 -17.91 1.65
N TYR B 231 26.57 -17.98 2.92
CA TYR B 231 27.95 -18.31 3.27
C TYR B 231 28.29 -19.75 2.92
N LEU B 232 27.48 -20.69 3.35
CA LEU B 232 27.69 -22.11 3.04
C LEU B 232 27.52 -22.45 1.55
N PRO B 233 26.53 -21.95 0.81
CA PRO B 233 26.56 -22.17 -0.65
C PRO B 233 27.70 -21.48 -1.37
N CYS B 234 28.28 -20.42 -0.81
CA CYS B 234 29.51 -19.87 -1.37
C CYS B 234 30.71 -20.75 -1.10
N ILE B 235 30.83 -21.30 0.11
CA ILE B 235 31.94 -22.19 0.44
C ILE B 235 31.86 -23.47 -0.40
N MET B 236 30.65 -24.01 -0.58
CA MET B 236 30.47 -25.20 -1.42
C MET B 236 30.75 -24.90 -2.89
N THR B 237 30.46 -23.67 -3.33
CA THR B 237 30.76 -23.28 -4.71
C THR B 237 32.27 -23.18 -4.95
N VAL B 238 33.00 -22.56 -4.02
CA VAL B 238 34.46 -22.51 -4.11
C VAL B 238 35.10 -23.89 -4.02
N ILE B 239 34.60 -24.75 -3.12
CA ILE B 239 35.12 -26.12 -2.96
C ILE B 239 34.82 -26.96 -4.20
N LEU B 240 33.69 -26.71 -4.85
CA LEU B 240 33.39 -27.45 -6.08
C LEU B 240 34.26 -26.98 -7.24
N SER B 241 34.79 -25.75 -7.19
CA SER B 241 35.83 -25.37 -8.13
C SER B 241 37.20 -25.85 -7.69
N GLN B 242 37.36 -26.23 -6.42
CA GLN B 242 38.62 -26.79 -5.93
C GLN B 242 38.83 -28.22 -6.37
N VAL B 243 37.78 -28.91 -6.80
CA VAL B 243 37.96 -30.32 -7.17
C VAL B 243 38.32 -30.42 -8.64
N SER B 244 38.21 -29.31 -9.37
CA SER B 244 38.56 -29.30 -10.79
C SER B 244 40.06 -29.41 -11.02
N PHE B 245 40.88 -29.13 -9.99
CA PHE B 245 42.31 -29.35 -10.10
C PHE B 245 42.67 -30.83 -10.07
N TRP B 246 41.77 -31.66 -9.54
CA TRP B 246 42.04 -33.08 -9.39
C TRP B 246 41.61 -33.89 -10.60
N LEU B 247 41.03 -33.26 -11.62
CA LEU B 247 40.66 -33.97 -12.83
C LEU B 247 41.85 -34.10 -13.77
N ASN B 248 41.61 -34.79 -14.88
CA ASN B 248 42.64 -35.00 -15.88
C ASN B 248 42.94 -33.70 -16.63
N ARG B 249 44.18 -33.57 -17.08
CA ARG B 249 44.58 -32.37 -17.82
C ARG B 249 43.94 -32.35 -19.20
N GLU B 250 43.77 -33.51 -19.81
CA GLU B 250 43.23 -33.60 -21.17
C GLU B 250 41.72 -33.37 -21.20
N SER B 251 41.02 -33.51 -20.07
CA SER B 251 39.57 -33.33 -20.02
C SER B 251 39.26 -31.83 -20.11
N VAL B 252 39.25 -31.32 -21.34
CA VAL B 252 38.96 -29.91 -21.56
C VAL B 252 37.50 -29.53 -21.31
N PRO B 253 36.48 -30.22 -21.88
CA PRO B 253 35.10 -29.76 -21.60
C PRO B 253 34.65 -29.98 -20.17
N ALA B 254 35.19 -30.98 -19.48
CA ALA B 254 34.81 -31.23 -18.09
C ALA B 254 35.32 -30.14 -17.17
N ARG B 255 36.59 -29.76 -17.29
CA ARG B 255 37.09 -28.67 -16.46
C ARG B 255 36.53 -27.33 -16.90
N THR B 256 36.21 -27.17 -18.19
CA THR B 256 35.51 -25.98 -18.67
C THR B 256 34.11 -25.85 -18.07
N VAL B 257 33.36 -26.95 -17.94
CA VAL B 257 32.01 -26.83 -17.40
C VAL B 257 32.06 -26.68 -15.88
N PHE B 258 33.10 -27.23 -15.23
CA PHE B 258 33.41 -26.84 -13.85
C PHE B 258 33.58 -25.33 -13.71
N GLY B 259 34.45 -24.74 -14.53
CA GLY B 259 34.70 -23.32 -14.47
C GLY B 259 33.49 -22.44 -14.71
N VAL B 260 32.72 -22.74 -15.77
CA VAL B 260 31.60 -21.88 -16.11
C VAL B 260 30.43 -22.09 -15.15
N THR B 261 30.20 -23.32 -14.66
CA THR B 261 29.09 -23.51 -13.75
C THR B 261 29.41 -22.94 -12.36
N THR B 262 30.68 -23.00 -11.94
CA THR B 262 31.03 -22.34 -10.68
C THR B 262 30.95 -20.82 -10.81
N VAL B 263 31.32 -20.25 -11.96
CA VAL B 263 31.22 -18.81 -12.13
C VAL B 263 29.76 -18.36 -12.17
N LEU B 264 28.90 -19.10 -12.88
CA LEU B 264 27.46 -18.84 -12.85
C LEU B 264 26.84 -18.99 -11.47
N THR B 265 27.19 -20.03 -10.72
CA THR B 265 26.60 -20.18 -9.39
C THR B 265 27.07 -19.09 -8.45
N MET B 266 28.33 -18.65 -8.61
CA MET B 266 28.83 -17.58 -7.77
C MET B 266 28.16 -16.25 -8.11
N THR B 267 27.96 -15.96 -9.40
CA THR B 267 27.34 -14.67 -9.72
C THR B 267 25.83 -14.69 -9.42
N THR B 268 25.17 -15.84 -9.53
CA THR B 268 23.76 -15.86 -9.17
C THR B 268 23.57 -15.86 -7.65
N LEU B 269 24.54 -16.37 -6.89
CA LEU B 269 24.49 -16.20 -5.45
C LEU B 269 24.79 -14.76 -5.06
N SER B 270 25.61 -14.06 -5.84
CA SER B 270 25.86 -12.65 -5.58
C SER B 270 24.63 -11.80 -5.87
N ILE B 271 23.89 -12.13 -6.94
CA ILE B 271 22.66 -11.41 -7.23
C ILE B 271 21.59 -11.72 -6.20
N SER B 272 21.42 -13.00 -5.84
CA SER B 272 20.34 -13.38 -4.91
C SER B 272 20.67 -12.96 -3.49
N ALA B 273 21.96 -12.83 -3.16
CA ALA B 273 22.33 -12.43 -1.80
C ALA B 273 22.13 -10.94 -1.58
N ARG B 274 22.03 -10.16 -2.67
CA ARG B 274 21.77 -8.73 -2.56
C ARG B 274 20.26 -8.47 -2.71
N ASN B 275 19.49 -9.15 -1.85
CA ASN B 275 18.05 -8.99 -1.82
C ASN B 275 17.59 -8.94 -0.37
N SER B 276 16.41 -8.33 -0.16
CA SER B 276 15.78 -8.12 1.14
C SER B 276 16.65 -7.32 2.10
N LEU B 277 17.47 -6.42 1.55
CA LEU B 277 18.21 -5.44 2.32
C LEU B 277 18.20 -4.14 1.52
N PRO B 278 18.25 -2.98 2.18
CA PRO B 278 18.13 -1.72 1.44
C PRO B 278 19.35 -1.44 0.56
N LYS B 279 19.11 -0.63 -0.47
CA LYS B 279 20.12 -0.35 -1.49
C LYS B 279 21.14 0.66 -0.95
N VAL B 280 21.97 0.18 -0.05
CA VAL B 280 23.00 1.03 0.56
C VAL B 280 24.16 1.22 -0.41
N ALA B 281 24.83 2.36 -0.29
CA ALA B 281 25.92 2.67 -1.21
C ALA B 281 27.17 1.87 -0.89
N TYR B 282 27.43 1.62 0.38
CA TYR B 282 28.66 0.94 0.78
C TYR B 282 28.53 -0.57 0.59
N ALA B 283 29.58 -1.29 0.98
CA ALA B 283 29.64 -2.74 0.83
C ALA B 283 29.70 -3.39 2.20
N THR B 284 28.84 -4.38 2.41
CA THR B 284 28.74 -5.09 3.68
C THR B 284 29.86 -6.13 3.78
N ALA B 285 29.89 -6.86 4.91
CA ALA B 285 30.88 -7.92 5.08
C ALA B 285 30.60 -9.10 4.17
N MET B 286 29.31 -9.39 3.93
CA MET B 286 28.93 -10.48 3.05
C MET B 286 29.34 -10.18 1.61
N ASP B 287 29.32 -8.90 1.22
CA ASP B 287 29.81 -8.52 -0.11
C ASP B 287 31.31 -8.73 -0.23
N TRP B 288 32.05 -8.51 0.86
CA TRP B 288 33.49 -8.80 0.84
C TRP B 288 33.75 -10.30 0.74
N PHE B 289 32.96 -11.11 1.44
CA PHE B 289 33.06 -12.56 1.30
C PHE B 289 32.76 -13.02 -0.12
N ILE B 290 31.73 -12.42 -0.72
CA ILE B 290 31.34 -12.73 -2.09
C ILE B 290 32.43 -12.31 -3.08
N ALA B 291 33.06 -11.17 -2.85
CA ALA B 291 34.15 -10.83 -3.78
C ALA B 291 35.26 -11.87 -3.63
N VAL B 292 35.66 -12.21 -2.42
CA VAL B 292 36.80 -13.15 -2.29
C VAL B 292 36.41 -14.48 -2.94
N CYS B 293 35.18 -14.92 -2.76
CA CYS B 293 34.78 -16.23 -3.33
C CYS B 293 34.73 -16.12 -4.85
N TYR B 294 34.23 -15.02 -5.41
CA TYR B 294 34.27 -14.82 -6.87
C TYR B 294 35.71 -14.94 -7.33
N ALA B 295 36.63 -14.29 -6.64
CA ALA B 295 38.05 -14.31 -7.06
C ALA B 295 38.58 -15.74 -7.02
N PHE B 296 38.27 -16.50 -5.97
CA PHE B 296 38.81 -17.87 -5.83
C PHE B 296 38.21 -18.78 -6.91
N VAL B 297 36.99 -18.48 -7.36
CA VAL B 297 36.33 -19.30 -8.40
C VAL B 297 36.84 -18.88 -9.79
N PHE B 298 37.33 -17.65 -9.92
CA PHE B 298 37.94 -17.19 -11.20
C PHE B 298 39.42 -17.61 -11.22
N SER B 299 40.22 -17.17 -10.24
CA SER B 299 41.61 -17.61 -10.29
C SER B 299 41.70 -19.10 -10.62
N ALA B 300 40.74 -19.91 -10.16
CA ALA B 300 40.71 -21.32 -10.57
C ALA B 300 40.45 -21.47 -12.06
N LEU B 301 39.53 -20.68 -12.60
CA LEU B 301 39.25 -20.71 -14.03
C LEU B 301 40.44 -20.23 -14.86
N ILE B 302 41.11 -19.18 -14.39
CA ILE B 302 42.32 -18.68 -15.06
C ILE B 302 43.45 -19.70 -14.98
N GLU B 303 43.53 -20.44 -13.87
CA GLU B 303 44.51 -21.52 -13.74
C GLU B 303 44.27 -22.62 -14.76
N PHE B 304 43.00 -23.00 -14.96
CA PHE B 304 42.71 -23.97 -16.02
C PHE B 304 42.99 -23.41 -17.40
N ALA B 305 42.75 -22.12 -17.61
CA ALA B 305 43.07 -21.49 -18.90
C ALA B 305 44.58 -21.52 -19.17
N THR B 306 45.38 -21.30 -18.13
CA THR B 306 46.83 -21.38 -18.28
C THR B 306 47.30 -22.81 -18.55
N VAL B 307 46.68 -23.79 -17.87
CA VAL B 307 47.01 -25.20 -18.10
C VAL B 307 46.67 -25.61 -19.53
N ASN B 308 45.50 -25.18 -20.02
CA ASN B 308 45.12 -25.45 -21.40
C ASN B 308 45.97 -24.67 -22.41
N TYR B 309 46.51 -23.53 -22.03
CA TYR B 309 47.47 -22.86 -22.90
C TYR B 309 48.78 -23.64 -22.97
N PHE B 310 49.18 -24.26 -21.87
CA PHE B 310 50.43 -25.01 -21.83
C PHE B 310 50.26 -26.52 -22.05
N THR B 311 49.07 -26.95 -22.46
CA THR B 311 48.82 -28.39 -22.73
C THR B 311 49.54 -28.78 -24.03
N LYS B 312 49.58 -30.08 -24.36
CA LYS B 312 50.35 -30.51 -25.55
C LYS B 312 49.54 -31.46 -26.43
N ARG B 313 49.57 -32.77 -26.13
CA ARG B 313 48.91 -33.76 -27.02
C ARG B 313 47.38 -33.72 -26.88
N GLY B 314 46.67 -34.40 -27.78
CA GLY B 314 45.20 -34.47 -27.71
C GLY B 314 44.73 -35.83 -27.24
N TYR B 315 45.63 -36.64 -26.67
CA TYR B 315 45.27 -37.95 -26.17
C TYR B 315 45.71 -38.07 -24.72
N ALA B 316 44.88 -38.71 -23.91
CA ALA B 316 45.17 -38.91 -22.50
C ALA B 316 45.87 -40.25 -22.30
N TRP B 317 46.09 -40.61 -21.04
CA TRP B 317 46.71 -41.90 -20.72
C TRP B 317 45.71 -43.03 -20.94
N ASP B 318 46.15 -44.08 -21.62
CA ASP B 318 45.33 -45.27 -21.81
C ASP B 318 45.54 -46.32 -20.72
N GLY B 319 46.43 -46.06 -19.78
CA GLY B 319 46.72 -47.01 -18.71
C GLY B 319 47.73 -48.07 -19.08
N LYS B 320 48.28 -48.05 -20.28
CA LYS B 320 49.25 -49.06 -20.71
C LYS B 320 50.54 -48.42 -21.19
N LYS B 384 54.51 -44.34 -27.65
CA LYS B 384 54.11 -42.95 -27.82
C LYS B 384 54.51 -42.13 -26.59
N THR B 385 54.55 -40.81 -26.77
CA THR B 385 54.84 -39.87 -25.69
C THR B 385 53.54 -39.28 -25.19
N PHE B 386 53.29 -39.41 -23.89
CA PHE B 386 52.02 -39.03 -23.29
C PHE B 386 52.16 -37.74 -22.50
N ASN B 387 51.02 -37.18 -22.13
CA ASN B 387 51.00 -35.94 -21.38
C ASN B 387 51.41 -36.20 -19.92
N SER B 388 51.83 -35.14 -19.26
CA SER B 388 52.30 -35.21 -17.88
C SER B 388 51.36 -34.42 -16.99
N VAL B 389 51.39 -34.73 -15.69
CA VAL B 389 50.62 -33.98 -14.71
C VAL B 389 51.23 -32.59 -14.58
N SER B 390 50.38 -31.57 -14.67
CA SER B 390 50.87 -30.19 -14.70
C SER B 390 51.36 -29.75 -13.33
N LYS B 391 52.45 -28.99 -13.32
CA LYS B 391 52.96 -28.43 -12.07
C LYS B 391 52.04 -27.36 -11.51
N ILE B 392 51.30 -26.68 -12.39
CA ILE B 392 50.33 -25.70 -11.93
C ILE B 392 49.15 -26.40 -11.26
N ASP B 393 48.83 -27.61 -11.71
CA ASP B 393 47.77 -28.39 -11.04
C ASP B 393 48.20 -28.85 -9.67
N ARG B 394 49.45 -29.30 -9.53
CA ARG B 394 49.91 -29.84 -8.25
C ARG B 394 50.13 -28.73 -7.23
N LEU B 395 50.49 -27.53 -7.68
CA LEU B 395 50.60 -26.41 -6.75
C LEU B 395 49.23 -25.88 -6.33
N SER B 396 48.28 -25.83 -7.26
CA SER B 396 46.96 -25.32 -6.93
C SER B 396 46.11 -26.31 -6.16
N ARG B 397 46.52 -27.58 -6.09
CA ARG B 397 45.85 -28.52 -5.21
C ARG B 397 46.15 -28.22 -3.75
N ILE B 398 47.28 -27.55 -3.49
CA ILE B 398 47.65 -27.18 -2.13
C ILE B 398 47.44 -25.70 -1.83
N ALA B 399 47.88 -24.80 -2.72
CA ALA B 399 47.85 -23.36 -2.47
C ALA B 399 46.43 -22.80 -2.42
N PHE B 400 45.57 -23.22 -3.35
CA PHE B 400 44.19 -22.74 -3.38
C PHE B 400 43.35 -23.17 -2.16
N PRO B 401 43.40 -24.42 -1.66
CA PRO B 401 42.64 -24.70 -0.43
C PRO B 401 43.20 -24.04 0.83
N LEU B 402 44.51 -23.90 0.95
CA LEU B 402 45.08 -23.26 2.13
C LEU B 402 44.82 -21.76 2.14
N LEU B 403 44.90 -21.11 0.98
CA LEU B 403 44.60 -19.67 0.92
C LEU B 403 43.14 -19.37 1.15
N PHE B 404 42.24 -20.32 0.89
CA PHE B 404 40.86 -20.15 1.32
C PHE B 404 40.72 -20.44 2.81
N GLY B 405 41.52 -21.37 3.33
CA GLY B 405 41.51 -21.65 4.76
C GLY B 405 42.06 -20.50 5.59
N ILE B 406 43.09 -19.83 5.06
CA ILE B 406 43.65 -18.66 5.73
C ILE B 406 42.65 -17.52 5.73
N PHE B 407 41.90 -17.36 4.63
CA PHE B 407 40.90 -16.28 4.54
C PHE B 407 39.75 -16.50 5.51
N ASN B 408 39.33 -17.75 5.71
CA ASN B 408 38.25 -18.05 6.64
C ASN B 408 38.67 -17.79 8.09
N LEU B 409 39.93 -18.06 8.41
CA LEU B 409 40.40 -17.80 9.78
C LEU B 409 40.60 -16.30 10.01
N VAL B 410 40.77 -15.53 8.93
CA VAL B 410 40.91 -14.09 9.08
C VAL B 410 39.54 -13.42 9.12
N TYR B 411 38.66 -13.76 8.19
CA TYR B 411 37.36 -13.11 8.05
C TYR B 411 36.43 -13.42 9.21
N TRP B 412 36.34 -14.68 9.61
CA TRP B 412 35.39 -15.05 10.65
C TRP B 412 35.86 -14.63 12.03
N ALA B 413 37.17 -14.51 12.25
CA ALA B 413 37.66 -14.06 13.55
C ALA B 413 37.54 -12.54 13.69
N THR B 414 37.65 -11.82 12.58
CA THR B 414 37.63 -10.35 12.64
C THR B 414 36.23 -9.82 12.91
N TYR B 415 35.22 -10.44 12.28
CA TYR B 415 33.84 -9.89 12.40
C TYR B 415 33.05 -10.54 13.55
N LEU B 416 33.31 -11.81 13.87
CA LEU B 416 32.62 -12.42 15.03
C LEU B 416 33.04 -11.66 16.30
N ASN B 417 34.31 -11.27 16.39
CA ASN B 417 34.80 -10.49 17.56
C ASN B 417 34.16 -9.11 17.55
N ARG B 418 34.00 -8.50 16.37
CA ARG B 418 33.41 -7.13 16.27
C ARG B 418 31.89 -7.25 16.19
N SER C 7 -9.75 32.32 39.71
CA SER C 7 -8.36 32.01 39.42
C SER C 7 -7.98 32.43 38.01
N ASN C 8 -6.74 32.14 37.62
CA ASN C 8 -6.29 32.46 36.27
C ASN C 8 -6.91 31.52 35.24
N MET C 9 -7.20 30.27 35.64
CA MET C 9 -7.79 29.30 34.72
C MET C 9 -9.20 29.70 34.31
N SER C 10 -10.01 30.21 35.24
CA SER C 10 -11.35 30.68 34.91
C SER C 10 -11.29 31.93 34.02
N LEU C 11 -10.28 32.78 34.22
CA LEU C 11 -10.11 33.95 33.37
C LEU C 11 -9.74 33.55 31.94
N VAL C 12 -8.87 32.56 31.79
CA VAL C 12 -8.54 32.05 30.46
C VAL C 12 -9.75 31.36 29.84
N LYS C 13 -10.56 30.68 30.68
CA LYS C 13 -11.78 30.02 30.22
C LYS C 13 -12.77 31.03 29.64
N GLU C 14 -13.02 32.12 30.37
CA GLU C 14 -13.97 33.10 29.88
C GLU C 14 -13.41 33.91 28.71
N THR C 15 -12.08 34.08 28.64
CA THR C 15 -11.47 34.75 27.50
C THR C 15 -11.63 33.92 26.22
N VAL C 16 -11.31 32.63 26.29
CA VAL C 16 -11.46 31.74 25.13
C VAL C 16 -12.92 31.57 24.74
N ASP C 17 -13.82 31.47 25.73
CA ASP C 17 -15.25 31.39 25.46
C ASP C 17 -15.79 32.67 24.85
N ARG C 18 -15.22 33.83 25.19
CA ARG C 18 -15.60 35.07 24.52
C ARG C 18 -15.05 35.11 23.09
N LEU C 19 -13.84 34.56 22.89
CA LEU C 19 -13.24 34.55 21.57
C LEU C 19 -14.02 33.69 20.58
N LEU C 20 -14.51 32.52 21.02
CA LEU C 20 -15.26 31.65 20.13
C LEU C 20 -16.77 31.87 20.17
N LYS C 21 -17.25 32.88 20.89
CA LYS C 21 -18.68 33.19 20.87
C LYS C 21 -18.98 34.13 19.72
N GLY C 22 -19.89 33.72 18.84
CA GLY C 22 -20.16 34.47 17.64
C GLY C 22 -19.15 34.31 16.54
N TYR C 23 -18.22 33.36 16.67
CA TYR C 23 -17.23 33.12 15.64
C TYR C 23 -17.88 32.43 14.45
N ASP C 24 -17.58 32.94 13.26
CA ASP C 24 -18.10 32.35 12.02
C ASP C 24 -16.95 31.63 11.33
N ILE C 25 -16.98 30.30 11.37
CA ILE C 25 -15.96 29.49 10.72
C ILE C 25 -16.07 29.58 9.20
N ARG C 26 -17.26 29.93 8.70
CA ARG C 26 -17.48 29.97 7.25
C ARG C 26 -16.83 31.19 6.60
N LEU C 27 -16.45 32.20 7.38
CA LEU C 27 -15.86 33.42 6.83
C LEU C 27 -14.39 33.51 7.21
N ARG C 28 -13.55 33.74 6.21
CA ARG C 28 -12.13 33.98 6.43
C ARG C 28 -11.94 35.34 7.09
N PRO C 29 -10.79 35.56 7.76
CA PRO C 29 -10.50 36.89 8.31
C PRO C 29 -10.40 37.93 7.22
N ASP C 30 -11.00 39.10 7.49
CA ASP C 30 -11.19 40.19 6.53
C ASP C 30 -11.88 39.69 5.26
N PHE C 31 -13.12 39.23 5.44
CA PHE C 31 -13.85 38.55 4.37
C PHE C 31 -14.19 39.51 3.22
N GLY C 32 -14.59 40.73 3.54
CA GLY C 32 -14.86 41.71 2.52
C GLY C 32 -13.70 42.62 2.16
N GLY C 33 -12.52 42.37 2.70
CA GLY C 33 -11.41 43.27 2.53
C GLY C 33 -10.22 42.65 1.84
N PRO C 34 -9.02 43.01 2.29
CA PRO C 34 -7.80 42.53 1.64
C PRO C 34 -7.57 41.05 1.89
N PRO C 35 -6.79 40.37 1.06
CA PRO C 35 -6.49 38.96 1.30
C PRO C 35 -5.63 38.78 2.54
N VAL C 36 -5.79 37.62 3.17
CA VAL C 36 -5.01 37.28 4.35
C VAL C 36 -3.68 36.67 3.88
N ALA C 37 -2.60 37.02 4.58
CA ALA C 37 -1.28 36.51 4.26
C ALA C 37 -0.98 35.32 5.15
N VAL C 38 -0.77 34.16 4.55
CA VAL C 38 -0.56 32.91 5.27
C VAL C 38 0.90 32.51 5.09
N GLY C 39 1.72 32.73 6.12
CA GLY C 39 3.10 32.32 6.05
C GLY C 39 3.28 30.85 6.37
N MET C 40 4.28 30.25 5.75
CA MET C 40 4.51 28.81 5.89
C MET C 40 5.96 28.53 6.20
N ASN C 41 6.18 27.49 6.99
CA ASN C 41 7.51 26.96 7.23
C ASN C 41 7.39 25.48 7.55
N ILE C 42 8.32 24.69 7.03
CA ILE C 42 8.23 23.24 7.04
C ILE C 42 9.49 22.68 7.69
N ASP C 43 9.31 21.73 8.62
CA ASP C 43 10.42 20.96 9.17
C ASP C 43 10.29 19.53 8.67
N ILE C 44 11.16 19.13 7.75
CA ILE C 44 11.07 17.81 7.15
C ILE C 44 11.66 16.78 8.09
N ALA C 45 10.89 15.74 8.40
CA ALA C 45 11.35 14.69 9.29
C ALA C 45 12.15 13.63 8.56
N SER C 46 11.62 13.07 7.47
CA SER C 46 12.33 12.08 6.68
C SER C 46 11.70 12.00 5.29
N ILE C 47 12.46 11.44 4.37
CA ILE C 47 11.98 11.07 3.04
C ILE C 47 12.27 9.60 2.86
N ASP C 48 11.22 8.76 2.87
CA ASP C 48 11.40 7.34 3.09
C ASP C 48 11.60 6.55 1.80
N MET C 49 10.60 6.53 0.93
CA MET C 49 10.56 5.59 -0.20
C MET C 49 10.44 6.38 -1.50
N VAL C 50 11.58 6.75 -2.07
CA VAL C 50 11.61 7.32 -3.41
C VAL C 50 11.60 6.17 -4.40
N SER C 51 10.40 5.83 -4.87
CA SER C 51 10.19 4.61 -5.66
C SER C 51 10.05 4.97 -7.14
N GLU C 52 10.76 4.23 -7.99
CA GLU C 52 10.63 4.43 -9.42
C GLU C 52 9.57 3.52 -10.03
N VAL C 53 9.15 2.50 -9.29
CA VAL C 53 8.08 1.64 -9.77
C VAL C 53 6.75 2.38 -9.78
N ASN C 54 6.44 3.05 -8.67
CA ASN C 54 5.21 3.82 -8.55
C ASN C 54 5.38 5.28 -8.92
N MET C 55 6.63 5.71 -9.18
CA MET C 55 6.98 7.07 -9.63
C MET C 55 6.55 8.13 -8.62
N ASP C 56 6.83 7.89 -7.34
CA ASP C 56 6.50 8.84 -6.30
C ASP C 56 7.53 8.73 -5.18
N TYR C 57 7.39 9.61 -4.19
CA TYR C 57 8.24 9.61 -3.01
C TYR C 57 7.38 9.93 -1.79
N THR C 58 7.76 9.38 -0.64
CA THR C 58 7.02 9.58 0.60
C THR C 58 7.76 10.56 1.48
N LEU C 59 7.06 11.61 1.92
CA LEU C 59 7.68 12.72 2.64
C LEU C 59 6.94 12.98 3.94
N THR C 60 7.67 13.01 5.04
CA THR C 60 7.13 13.28 6.36
C THR C 60 7.61 14.65 6.84
N MET C 61 6.67 15.49 7.28
CA MET C 61 7.02 16.87 7.55
C MET C 61 6.21 17.39 8.73
N TYR C 62 6.70 18.48 9.32
CA TYR C 62 5.98 19.26 10.31
C TYR C 62 5.53 20.54 9.60
N PHE C 63 4.30 20.56 9.13
CA PHE C 63 3.80 21.60 8.24
C PHE C 63 3.15 22.70 9.06
N GLN C 64 3.87 23.81 9.26
CA GLN C 64 3.35 24.94 10.02
C GLN C 64 2.77 26.00 9.09
N GLN C 65 1.75 26.69 9.57
CA GLN C 65 1.13 27.82 8.89
C GLN C 65 0.90 28.93 9.90
N ALA C 66 0.85 30.17 9.41
CA ALA C 66 0.67 31.31 10.31
C ALA C 66 -0.07 32.41 9.58
N TRP C 67 -1.13 32.93 10.22
CA TRP C 67 -1.89 34.03 9.66
C TRP C 67 -2.44 34.86 10.80
N ARG C 68 -2.87 36.07 10.48
CA ARG C 68 -3.40 37.00 11.48
C ARG C 68 -4.91 37.07 11.37
N ASP C 69 -5.60 36.73 12.47
CA ASP C 69 -7.05 36.83 12.58
C ASP C 69 -7.34 37.87 13.64
N LYS C 70 -8.10 38.90 13.29
CA LYS C 70 -8.41 39.95 14.25
C LYS C 70 -9.56 39.57 15.17
N ARG C 71 -10.33 38.53 14.85
CA ARG C 71 -11.38 38.07 15.74
C ARG C 71 -10.82 37.32 16.95
N LEU C 72 -9.60 36.80 16.84
CA LEU C 72 -8.98 35.98 17.88
C LEU C 72 -7.92 36.76 18.64
N SER C 73 -8.17 38.03 18.91
CA SER C 73 -7.24 38.88 19.63
C SER C 73 -7.77 39.11 21.05
N TYR C 74 -6.91 38.89 22.04
CA TYR C 74 -7.23 39.11 23.43
C TYR C 74 -6.20 40.06 24.03
N ASN C 75 -6.65 40.94 24.92
CA ASN C 75 -5.79 41.95 25.52
C ASN C 75 -5.84 41.86 27.03
N VAL C 76 -5.93 40.64 27.55
CA VAL C 76 -5.99 40.43 28.99
C VAL C 76 -4.79 39.60 29.45
N ILE C 77 -4.61 38.43 28.83
CA ILE C 77 -3.55 37.49 29.21
C ILE C 77 -2.26 37.88 28.52
N PRO C 78 -1.16 38.10 29.24
CA PRO C 78 0.14 38.38 28.60
C PRO C 78 0.93 37.10 28.31
N LEU C 79 0.30 36.16 27.61
CA LEU C 79 0.93 34.86 27.37
C LEU C 79 0.35 34.24 26.11
N ASN C 80 1.19 33.53 25.37
CA ASN C 80 0.73 32.77 24.22
C ASN C 80 -0.07 31.55 24.68
N LEU C 81 -1.31 31.45 24.23
CA LEU C 81 -2.19 30.36 24.62
C LEU C 81 -2.01 29.21 23.65
N THR C 82 -1.47 28.09 24.13
CA THR C 82 -1.40 26.86 23.36
C THR C 82 -2.63 26.03 23.74
N LEU C 83 -3.67 26.14 22.92
CA LEU C 83 -4.91 25.44 23.19
C LEU C 83 -4.79 23.97 22.80
N ASP C 84 -5.86 23.24 23.09
CA ASP C 84 -5.94 21.83 22.76
C ASP C 84 -6.02 21.66 21.24
N ASN C 85 -5.69 20.46 20.76
CA ASN C 85 -5.73 20.24 19.32
C ASN C 85 -7.14 20.04 18.79
N ARG C 86 -8.15 20.01 19.66
CA ARG C 86 -9.53 19.82 19.22
C ARG C 86 -10.26 21.13 18.96
N VAL C 87 -9.65 22.28 19.25
CA VAL C 87 -10.35 23.54 19.00
C VAL C 87 -10.09 24.00 17.58
N ALA C 88 -9.14 23.36 16.89
CA ALA C 88 -8.84 23.68 15.50
C ALA C 88 -9.96 23.30 14.53
N ASP C 89 -10.92 22.50 14.97
CA ASP C 89 -12.12 22.23 14.19
C ASP C 89 -13.21 23.27 14.41
N GLN C 90 -13.00 24.21 15.33
CA GLN C 90 -13.95 25.28 15.58
C GLN C 90 -13.44 26.64 15.13
N LEU C 91 -12.29 26.68 14.45
CA LEU C 91 -11.69 27.92 13.99
C LEU C 91 -11.44 27.84 12.50
N TRP C 92 -11.36 29.01 11.86
CA TRP C 92 -11.05 29.05 10.43
C TRP C 92 -9.59 28.69 10.20
N VAL C 93 -9.37 27.79 9.26
CA VAL C 93 -8.02 27.46 8.78
C VAL C 93 -8.02 27.48 7.27
N PRO C 94 -6.89 27.82 6.64
CA PRO C 94 -6.83 27.80 5.18
C PRO C 94 -6.94 26.39 4.62
N ASP C 95 -7.53 26.31 3.43
CA ASP C 95 -7.79 25.02 2.78
C ASP C 95 -6.62 24.59 1.90
N THR C 96 -5.45 24.55 2.51
CA THR C 96 -4.22 24.23 1.81
C THR C 96 -4.20 22.76 1.39
N TYR C 97 -3.91 22.51 0.12
CA TYR C 97 -3.81 21.15 -0.38
C TYR C 97 -2.54 21.03 -1.20
N PHE C 98 -2.11 19.81 -1.41
CA PHE C 98 -0.96 19.52 -2.26
C PHE C 98 -1.45 18.92 -3.57
N LEU C 99 -1.00 19.49 -4.69
CA LEU C 99 -1.56 19.11 -5.98
C LEU C 99 -1.10 17.73 -6.41
N ASN C 100 0.20 17.42 -6.23
CA ASN C 100 0.72 16.12 -6.63
C ASN C 100 0.58 15.06 -5.55
N ASP C 101 -0.34 15.27 -4.61
CA ASP C 101 -0.64 14.30 -3.56
C ASP C 101 -1.27 13.05 -4.17
N LYS C 102 -0.90 11.89 -3.62
CA LYS C 102 -1.54 10.64 -3.97
C LYS C 102 -2.20 9.96 -2.78
N LYS C 103 -1.46 9.84 -1.69
CA LYS C 103 -2.06 9.29 -0.46
C LYS C 103 -1.44 10.06 0.69
N SER C 104 -2.23 10.43 1.67
CA SER C 104 -1.75 11.24 2.77
C SER C 104 -2.61 11.06 3.99
N PHE C 105 -2.04 11.41 5.15
CA PHE C 105 -2.75 11.32 6.42
C PHE C 105 -2.02 12.18 7.45
N VAL C 106 -2.80 12.87 8.28
CA VAL C 106 -2.27 13.43 9.52
C VAL C 106 -2.24 12.32 10.56
N HIS C 107 -1.12 12.20 11.27
CA HIS C 107 -0.95 11.12 12.22
C HIS C 107 -1.87 11.30 13.43
N GLY C 108 -2.47 10.21 13.89
CA GLY C 108 -3.48 10.29 14.92
C GLY C 108 -3.22 9.45 16.15
N VAL C 109 -1.95 9.34 16.56
CA VAL C 109 -1.56 8.63 17.76
C VAL C 109 -0.61 9.51 18.55
N THR C 110 -0.91 9.73 19.84
CA THR C 110 -2.02 9.20 20.62
C THR C 110 -3.27 10.05 20.49
N VAL C 111 -3.09 11.27 19.98
CA VAL C 111 -4.19 12.12 19.54
C VAL C 111 -3.88 12.54 18.10
N LYS C 112 -4.80 13.31 17.51
CA LYS C 112 -4.56 13.91 16.21
C LYS C 112 -3.42 14.89 16.30
N ASN C 113 -2.32 14.59 15.60
CA ASN C 113 -1.10 15.38 15.71
C ASN C 113 -1.28 16.70 14.99
N ARG C 114 -1.84 17.67 15.69
CA ARG C 114 -1.94 19.02 15.17
C ARG C 114 -1.76 19.99 16.34
N MET C 115 -1.40 21.21 15.98
CA MET C 115 -1.03 22.24 16.93
C MET C 115 -1.78 23.52 16.59
N ILE C 116 -2.31 24.18 17.59
CA ILE C 116 -2.81 25.54 17.41
C ILE C 116 -2.35 26.38 18.60
N ARG C 117 -1.87 27.58 18.31
CA ARG C 117 -1.36 28.47 19.35
C ARG C 117 -1.81 29.89 19.03
N LEU C 118 -2.41 30.56 20.00
CA LEU C 118 -3.06 31.85 19.80
C LEU C 118 -2.20 32.93 20.45
N HIS C 119 -1.54 33.72 19.65
CA HIS C 119 -0.77 34.87 20.10
C HIS C 119 -1.72 36.03 20.39
N PRO C 120 -1.35 36.94 21.31
CA PRO C 120 -2.30 37.98 21.72
C PRO C 120 -2.61 39.03 20.66
N ASP C 121 -1.74 39.21 19.67
CA ASP C 121 -2.05 40.18 18.61
C ASP C 121 -3.09 39.62 17.66
N GLY C 122 -3.16 38.30 17.53
CA GLY C 122 -4.13 37.66 16.67
C GLY C 122 -3.52 36.56 15.83
N THR C 123 -2.20 36.43 15.90
CA THR C 123 -1.50 35.45 15.07
C THR C 123 -1.79 34.04 15.55
N VAL C 124 -2.15 33.18 14.61
CA VAL C 124 -2.46 31.79 14.90
C VAL C 124 -1.37 30.94 14.28
N LEU C 125 -0.67 30.16 15.09
CA LEU C 125 0.37 29.24 14.62
C LEU C 125 -0.25 27.85 14.53
N TYR C 126 -0.65 27.48 13.32
CA TYR C 126 -1.27 26.19 13.07
C TYR C 126 -0.26 25.22 12.48
N GLY C 127 -0.12 24.06 13.09
CA GLY C 127 0.86 23.09 12.64
C GLY C 127 0.23 21.72 12.49
N LEU C 128 0.79 20.93 11.58
CA LEU C 128 0.33 19.58 11.31
C LEU C 128 1.56 18.70 11.13
N ARG C 129 1.39 17.41 11.39
CA ARG C 129 2.43 16.42 11.11
C ARG C 129 1.91 15.52 10.00
N ILE C 130 2.45 15.68 8.81
CA ILE C 130 1.89 15.12 7.58
C ILE C 130 2.88 14.15 6.99
N THR C 131 2.42 12.94 6.69
CA THR C 131 3.16 12.01 5.85
C THR C 131 2.43 11.95 4.52
N THR C 132 3.06 12.45 3.47
CA THR C 132 2.44 12.54 2.15
C THR C 132 3.22 11.71 1.15
N THR C 133 2.51 11.20 0.15
CA THR C 133 3.13 10.43 -0.93
C THR C 133 2.93 11.25 -2.21
N ALA C 134 3.89 12.12 -2.51
CA ALA C 134 3.76 13.05 -3.61
C ALA C 134 4.30 12.44 -4.89
N ALA C 135 3.57 12.63 -6.00
CA ALA C 135 3.98 12.11 -7.28
C ALA C 135 5.16 12.91 -7.82
N CYS C 136 6.19 12.19 -8.26
CA CYS C 136 7.40 12.82 -8.81
C CYS C 136 7.77 12.07 -10.07
N MET C 137 7.45 12.65 -11.22
CA MET C 137 7.77 12.03 -12.50
C MET C 137 9.28 12.08 -12.74
N MET C 138 9.83 10.93 -13.14
CA MET C 138 11.27 10.74 -13.21
C MET C 138 11.69 10.46 -14.64
N ASP C 139 12.79 11.09 -15.05
CA ASP C 139 13.40 10.85 -16.35
C ASP C 139 14.54 9.86 -16.14
N LEU C 140 14.28 8.58 -16.43
CA LEU C 140 15.24 7.52 -16.20
C LEU C 140 16.09 7.23 -17.42
N ARG C 141 16.37 8.24 -18.25
CA ARG C 141 17.22 8.02 -19.41
C ARG C 141 18.67 7.76 -19.01
N ARG C 142 19.12 8.39 -17.93
CA ARG C 142 20.48 8.20 -17.43
C ARG C 142 20.52 7.34 -16.18
N TYR C 143 19.60 6.39 -16.04
CA TYR C 143 19.58 5.52 -14.88
C TYR C 143 20.72 4.51 -14.96
N PRO C 144 21.46 4.27 -13.86
CA PRO C 144 21.32 4.81 -12.50
C PRO C 144 22.20 6.02 -12.20
N LEU C 145 22.78 6.66 -13.20
CA LEU C 145 23.62 7.84 -12.97
C LEU C 145 22.81 9.14 -13.02
N ASP C 146 21.49 9.06 -13.01
CA ASP C 146 20.64 10.22 -13.18
C ASP C 146 20.58 11.06 -11.92
N GLU C 147 20.09 12.29 -12.07
CA GLU C 147 19.68 13.10 -10.94
C GLU C 147 18.23 13.52 -11.15
N GLN C 148 17.46 13.54 -10.07
CA GLN C 148 16.03 13.78 -10.15
C GLN C 148 15.68 15.15 -9.59
N ASN C 149 14.44 15.56 -9.84
CA ASN C 149 13.88 16.83 -9.40
C ASN C 149 12.48 16.48 -8.91
N CYS C 150 12.36 16.22 -7.61
CA CYS C 150 11.07 15.89 -7.02
C CYS C 150 10.50 17.11 -6.30
N THR C 151 9.21 17.36 -6.54
CA THR C 151 8.59 18.61 -6.09
C THR C 151 7.42 18.32 -5.17
N LEU C 152 7.14 19.28 -4.30
CA LEU C 152 5.91 19.33 -3.52
C LEU C 152 5.18 20.63 -3.83
N GLU C 153 3.91 20.52 -4.22
CA GLU C 153 3.18 21.64 -4.80
C GLU C 153 2.10 22.11 -3.82
N ILE C 154 2.46 23.05 -2.96
CA ILE C 154 1.55 23.58 -1.96
C ILE C 154 0.66 24.64 -2.60
N GLU C 155 -0.65 24.51 -2.42
CA GLU C 155 -1.58 25.40 -3.10
C GLU C 155 -2.86 25.53 -2.29
N SER C 156 -3.56 26.64 -2.47
CA SER C 156 -4.87 26.85 -1.86
C SER C 156 -5.96 26.49 -2.85
N TYR C 157 -6.98 25.77 -2.36
CA TYR C 157 -8.00 25.25 -3.25
C TYR C 157 -9.09 26.28 -3.56
N GLY C 158 -9.81 26.73 -2.54
CA GLY C 158 -11.02 27.49 -2.78
C GLY C 158 -10.87 29.00 -2.84
N TYR C 159 -9.78 29.52 -2.33
CA TYR C 159 -9.59 30.97 -2.23
C TYR C 159 -8.55 31.41 -3.25
N THR C 160 -8.90 32.42 -4.04
CA THR C 160 -8.01 32.92 -5.07
C THR C 160 -6.97 33.87 -4.47
N THR C 161 -6.25 34.58 -5.33
CA THR C 161 -5.29 35.57 -4.86
C THR C 161 -5.96 36.84 -4.35
N ASP C 162 -7.25 37.02 -4.62
CA ASP C 162 -7.99 38.11 -4.02
C ASP C 162 -8.47 37.78 -2.61
N ASP C 163 -8.35 36.53 -2.18
CA ASP C 163 -8.83 36.10 -0.88
C ASP C 163 -7.75 35.54 0.04
N ILE C 164 -6.59 35.15 -0.49
CA ILE C 164 -5.54 34.58 0.34
C ILE C 164 -4.22 34.88 -0.34
N GLU C 165 -3.14 34.88 0.44
CA GLU C 165 -1.80 35.13 -0.06
C GLU C 165 -0.82 34.22 0.67
N PHE C 166 0.05 33.57 -0.10
CA PHE C 166 1.01 32.62 0.44
C PHE C 166 2.42 33.19 0.34
N TYR C 167 3.23 32.91 1.36
CA TYR C 167 4.64 33.27 1.32
C TYR C 167 5.40 32.33 2.24
N TRP C 168 6.67 32.10 1.93
CA TRP C 168 7.54 31.35 2.82
C TRP C 168 7.98 32.26 3.97
N ARG C 169 7.82 31.79 5.20
CA ARG C 169 8.14 32.58 6.38
C ARG C 169 9.59 32.32 6.77
N GLY C 170 10.47 33.27 6.44
CA GLY C 170 11.88 33.15 6.74
C GLY C 170 12.79 33.01 5.53
N ASP C 171 12.26 33.20 4.32
CA ASP C 171 12.99 33.15 3.03
C ASP C 171 13.58 31.76 2.88
N ASP C 172 14.90 31.62 2.69
CA ASP C 172 15.49 30.30 2.59
C ASP C 172 15.60 29.60 3.94
N ASN C 173 15.48 30.35 5.03
CA ASN C 173 15.40 29.75 6.37
C ASN C 173 13.96 29.46 6.76
N ALA C 174 13.23 28.81 5.86
CA ALA C 174 11.87 28.38 6.11
C ALA C 174 11.70 26.88 6.04
N VAL C 175 12.56 26.17 5.33
CA VAL C 175 12.54 24.71 5.29
C VAL C 175 13.84 24.23 5.93
N THR C 176 13.71 23.60 7.09
CA THR C 176 14.86 23.15 7.86
C THR C 176 14.89 21.63 7.89
N GLY C 177 16.02 21.10 8.35
CA GLY C 177 16.15 19.67 8.53
C GLY C 177 16.40 18.88 7.27
N VAL C 178 16.59 19.55 6.13
CA VAL C 178 16.84 18.85 4.87
C VAL C 178 18.22 18.21 4.87
N THR C 179 19.23 18.91 5.42
CA THR C 179 20.61 18.45 5.33
C THR C 179 20.86 17.20 6.17
N LYS C 180 20.06 16.99 7.21
CA LYS C 180 20.23 15.81 8.05
C LYS C 180 19.40 14.63 7.58
N ILE C 181 18.71 14.73 6.45
CA ILE C 181 17.99 13.58 5.90
C ILE C 181 18.99 12.63 5.25
N GLU C 182 18.90 11.36 5.60
CA GLU C 182 19.77 10.33 5.05
C GLU C 182 18.93 9.35 4.24
N LEU C 183 19.21 9.27 2.94
CA LEU C 183 18.57 8.27 2.11
C LEU C 183 19.57 7.16 1.78
N PRO C 184 19.12 5.92 1.61
CA PRO C 184 20.09 4.84 1.36
C PRO C 184 20.72 4.90 -0.02
N GLN C 185 19.96 5.27 -1.06
CA GLN C 185 20.50 5.27 -2.41
C GLN C 185 20.57 6.64 -3.06
N PHE C 186 19.98 7.67 -2.45
CA PHE C 186 20.00 9.01 -3.00
C PHE C 186 20.78 9.94 -2.07
N SER C 187 21.01 11.16 -2.57
CA SER C 187 21.66 12.20 -1.78
C SER C 187 21.12 13.54 -2.25
N ILE C 188 20.52 14.29 -1.32
CA ILE C 188 19.87 15.57 -1.62
C ILE C 188 20.96 16.60 -1.89
N VAL C 189 21.15 16.93 -3.16
CA VAL C 189 22.18 17.91 -3.54
C VAL C 189 21.73 19.32 -3.16
N ASP C 190 20.51 19.70 -3.53
CA ASP C 190 20.04 21.06 -3.33
C ASP C 190 18.54 21.04 -3.17
N TYR C 191 18.02 22.09 -2.53
CA TYR C 191 16.58 22.33 -2.46
C TYR C 191 16.31 23.80 -2.72
N LYS C 192 15.17 24.08 -3.36
CA LYS C 192 14.84 25.42 -3.80
C LYS C 192 13.37 25.70 -3.52
N LEU C 193 13.06 26.93 -3.11
CA LEU C 193 11.72 27.33 -2.74
C LEU C 193 11.23 28.42 -3.69
N ILE C 194 10.04 28.20 -4.25
CA ILE C 194 9.49 29.06 -5.30
C ILE C 194 8.13 29.57 -4.86
N THR C 195 7.92 30.88 -4.97
CA THR C 195 6.61 31.50 -4.76
C THR C 195 6.08 31.99 -6.10
N LYS C 196 4.88 31.54 -6.46
CA LYS C 196 4.32 31.87 -7.76
C LYS C 196 2.80 31.85 -7.67
N LYS C 197 2.16 32.15 -8.79
CA LYS C 197 0.71 32.04 -8.93
C LYS C 197 0.37 31.22 -10.16
N VAL C 198 -0.66 30.39 -10.06
CA VAL C 198 -1.14 29.59 -11.17
C VAL C 198 -2.54 30.05 -11.53
N VAL C 199 -2.86 30.05 -12.82
CA VAL C 199 -4.14 30.51 -13.31
C VAL C 199 -4.91 29.29 -13.82
N PHE C 200 -6.02 28.98 -13.16
CA PHE C 200 -6.94 27.96 -13.62
C PHE C 200 -8.14 28.63 -14.29
N SER C 201 -9.15 27.82 -14.61
CA SER C 201 -10.34 28.35 -15.26
C SER C 201 -11.18 29.17 -14.29
N THR C 202 -11.14 28.85 -13.00
CA THR C 202 -11.97 29.53 -12.02
C THR C 202 -11.29 30.75 -11.39
N GLY C 203 -10.02 30.98 -11.66
CA GLY C 203 -9.34 32.13 -11.12
C GLY C 203 -7.85 31.88 -11.04
N SER C 204 -7.16 32.77 -10.31
CA SER C 204 -5.72 32.68 -10.10
C SER C 204 -5.45 32.39 -8.64
N TYR C 205 -4.70 31.32 -8.38
CA TYR C 205 -4.49 30.84 -7.03
C TYR C 205 -3.02 30.92 -6.66
N PRO C 206 -2.69 31.24 -5.41
CA PRO C 206 -1.29 31.28 -5.00
C PRO C 206 -0.72 29.88 -4.87
N ARG C 207 0.60 29.79 -4.99
CA ARG C 207 1.25 28.50 -4.93
C ARG C 207 2.67 28.68 -4.41
N LEU C 208 3.02 27.87 -3.41
CA LEU C 208 4.40 27.72 -2.98
C LEU C 208 4.87 26.35 -3.46
N SER C 209 6.00 26.32 -4.14
CA SER C 209 6.54 25.08 -4.67
C SER C 209 7.84 24.76 -3.94
N LEU C 210 7.87 23.61 -3.28
CA LEU C 210 9.07 23.11 -2.65
C LEU C 210 9.61 21.99 -3.53
N SER C 211 10.93 21.97 -3.73
CA SER C 211 11.53 21.01 -4.63
C SER C 211 12.90 20.59 -4.11
N PHE C 212 13.30 19.38 -4.48
CA PHE C 212 14.60 18.82 -4.14
C PHE C 212 15.37 18.49 -5.40
N LYS C 213 16.63 18.13 -5.22
CA LYS C 213 17.46 17.61 -6.31
C LYS C 213 18.16 16.36 -5.80
N LEU C 214 17.56 15.20 -6.05
CA LEU C 214 18.09 13.93 -5.60
C LEU C 214 19.07 13.39 -6.62
N LYS C 215 20.27 13.04 -6.17
CA LYS C 215 21.27 12.41 -7.01
C LYS C 215 21.47 10.97 -6.53
N ARG C 216 21.47 10.03 -7.46
CA ARG C 216 21.51 8.61 -7.12
C ARG C 216 22.93 8.16 -6.88
N ASN C 217 23.13 7.36 -5.83
CA ASN C 217 24.44 6.77 -5.56
C ASN C 217 24.72 5.64 -6.54
N ILE C 218 25.99 5.46 -6.86
CA ILE C 218 26.40 4.60 -7.95
C ILE C 218 26.89 3.24 -7.45
N GLY C 219 27.50 3.18 -6.27
CA GLY C 219 28.25 2.01 -5.84
C GLY C 219 27.43 0.75 -5.63
N TYR C 220 26.15 0.90 -5.28
CA TYR C 220 25.28 -0.27 -5.21
C TYR C 220 25.08 -0.88 -6.59
N PHE C 221 24.91 -0.04 -7.61
CA PHE C 221 24.72 -0.55 -8.95
C PHE C 221 26.02 -1.07 -9.54
N ILE C 222 27.16 -0.53 -9.11
CA ILE C 222 28.45 -1.13 -9.46
C ILE C 222 28.55 -2.52 -8.84
N LEU C 223 28.14 -2.64 -7.57
CA LEU C 223 28.26 -3.92 -6.88
C LEU C 223 27.26 -4.96 -7.39
N GLN C 224 26.13 -4.52 -7.95
CA GLN C 224 25.10 -5.48 -8.35
C GLN C 224 25.08 -5.73 -9.85
N THR C 225 25.05 -4.69 -10.68
CA THR C 225 24.76 -4.84 -12.11
C THR C 225 26.00 -4.71 -12.98
N TYR C 226 26.83 -3.70 -12.75
CA TYR C 226 27.91 -3.39 -13.68
C TYR C 226 29.04 -4.42 -13.58
N MET C 227 29.48 -4.74 -12.37
CA MET C 227 30.63 -5.61 -12.19
C MET C 227 30.36 -7.09 -12.50
N PRO C 228 29.20 -7.69 -12.18
CA PRO C 228 28.92 -9.03 -12.74
C PRO C 228 28.85 -9.08 -14.26
N SER C 229 28.35 -8.04 -14.91
CA SER C 229 28.37 -8.01 -16.37
C SER C 229 29.79 -7.89 -16.91
N ILE C 230 30.62 -7.10 -16.23
CA ILE C 230 32.03 -6.97 -16.63
C ILE C 230 32.75 -8.31 -16.49
N LEU C 231 32.54 -8.99 -15.35
CA LEU C 231 33.20 -10.28 -15.12
C LEU C 231 32.68 -11.37 -16.06
N ILE C 232 31.38 -11.35 -16.38
CA ILE C 232 30.83 -12.34 -17.28
C ILE C 232 31.24 -12.03 -18.72
N THR C 233 31.69 -10.80 -19.00
CA THR C 233 32.26 -10.47 -20.30
C THR C 233 33.74 -10.85 -20.37
N ILE C 234 34.47 -10.72 -19.25
CA ILE C 234 35.85 -11.22 -19.17
C ILE C 234 35.88 -12.73 -19.34
N LEU C 235 34.88 -13.43 -18.82
CA LEU C 235 34.76 -14.88 -18.98
C LEU C 235 34.62 -15.28 -20.45
N SER C 236 34.02 -14.42 -21.27
CA SER C 236 33.76 -14.77 -22.67
C SER C 236 35.04 -14.82 -23.49
N TRP C 237 36.07 -14.07 -23.08
CA TRP C 237 37.32 -14.07 -23.82
C TRP C 237 38.34 -15.05 -23.27
N VAL C 238 37.97 -15.88 -22.29
CA VAL C 238 38.80 -17.01 -21.94
C VAL C 238 38.83 -18.00 -23.09
N SER C 239 37.73 -18.09 -23.85
CA SER C 239 37.57 -19.05 -24.93
C SER C 239 38.54 -18.84 -26.09
N PHE C 240 39.21 -17.69 -26.17
CA PHE C 240 40.18 -17.48 -27.23
C PHE C 240 41.46 -18.28 -26.98
N TRP C 241 41.74 -18.62 -25.71
CA TRP C 241 42.96 -19.33 -25.39
C TRP C 241 42.82 -20.84 -25.55
N ILE C 242 41.60 -21.37 -25.40
CA ILE C 242 41.34 -22.78 -25.67
C ILE C 242 41.51 -23.04 -27.17
N ASN C 243 42.13 -24.18 -27.49
CA ASN C 243 42.43 -24.59 -28.86
C ASN C 243 41.17 -24.67 -29.71
N TYR C 244 41.37 -24.54 -31.03
CA TYR C 244 40.25 -24.33 -31.95
C TYR C 244 39.39 -25.59 -32.09
N ASP C 245 39.99 -26.77 -32.00
CA ASP C 245 39.24 -28.00 -32.24
C ASP C 245 38.40 -28.43 -31.06
N ALA C 246 38.61 -27.86 -29.88
CA ALA C 246 37.81 -28.19 -28.70
C ALA C 246 36.47 -27.48 -28.84
N SER C 247 35.52 -28.15 -29.50
CA SER C 247 34.26 -27.51 -29.85
C SER C 247 33.37 -27.32 -28.61
N ALA C 248 33.25 -28.36 -27.79
CA ALA C 248 32.28 -28.36 -26.69
C ALA C 248 32.65 -27.34 -25.63
N ALA C 249 33.94 -27.20 -25.32
CA ALA C 249 34.38 -26.25 -24.32
C ALA C 249 34.14 -24.81 -24.76
N ARG C 250 34.48 -24.48 -26.00
CA ARG C 250 34.32 -23.12 -26.49
C ARG C 250 32.86 -22.75 -26.73
N VAL C 251 32.01 -23.68 -27.20
CA VAL C 251 30.59 -23.36 -27.31
C VAL C 251 29.87 -23.44 -25.97
N ALA C 252 30.45 -24.06 -24.95
CA ALA C 252 29.93 -23.89 -23.60
C ALA C 252 30.26 -22.51 -23.07
N LEU C 253 31.51 -22.09 -23.26
CA LEU C 253 31.97 -20.78 -22.82
C LEU C 253 31.20 -19.66 -23.49
N GLY C 254 30.91 -19.79 -24.78
CA GLY C 254 30.12 -18.79 -25.46
C GLY C 254 28.66 -18.75 -25.07
N ILE C 255 27.98 -19.90 -25.13
CA ILE C 255 26.53 -19.95 -24.97
C ILE C 255 26.10 -19.65 -23.54
N THR C 256 26.87 -20.14 -22.54
CA THR C 256 26.48 -19.87 -21.15
C THR C 256 26.58 -18.39 -20.80
N THR C 257 27.56 -17.68 -21.36
CA THR C 257 27.62 -16.25 -21.04
C THR C 257 26.68 -15.44 -21.94
N VAL C 258 26.32 -15.94 -23.12
CA VAL C 258 25.23 -15.31 -23.91
C VAL C 258 23.92 -15.38 -23.13
N LEU C 259 23.59 -16.56 -22.62
CA LEU C 259 22.36 -16.75 -21.86
C LEU C 259 22.42 -16.04 -20.52
N THR C 260 23.62 -15.92 -19.93
CA THR C 260 23.79 -15.16 -18.70
C THR C 260 23.53 -13.67 -18.93
N MET C 261 24.07 -13.12 -20.02
CA MET C 261 23.88 -11.71 -20.29
C MET C 261 22.43 -11.39 -20.61
N THR C 262 21.76 -12.27 -21.35
CA THR C 262 20.34 -12.01 -21.63
C THR C 262 19.47 -12.25 -20.40
N THR C 263 19.88 -13.14 -19.48
CA THR C 263 19.13 -13.35 -18.25
C THR C 263 19.33 -12.18 -17.29
N ILE C 264 20.53 -11.61 -17.27
CA ILE C 264 20.79 -10.42 -16.47
C ILE C 264 20.02 -9.23 -17.02
N ASN C 265 19.96 -9.10 -18.35
CA ASN C 265 19.23 -8.00 -18.98
C ASN C 265 17.72 -8.11 -18.73
N THR C 266 17.17 -9.32 -18.81
CA THR C 266 15.74 -9.49 -18.55
C THR C 266 15.45 -9.42 -17.04
N HIS C 267 16.44 -9.75 -16.22
CA HIS C 267 16.21 -9.87 -14.78
C HIS C 267 16.22 -8.52 -14.07
N LEU C 268 17.00 -7.57 -14.56
CA LEU C 268 17.11 -6.26 -13.93
C LEU C 268 16.11 -5.25 -14.48
N ARG C 269 15.07 -5.70 -15.17
CA ARG C 269 14.17 -4.80 -15.89
C ARG C 269 12.71 -4.94 -15.50
N GLU C 270 12.26 -6.11 -15.03
CA GLU C 270 10.87 -6.21 -14.62
C GLU C 270 10.63 -5.57 -13.26
N THR C 271 11.69 -5.34 -12.47
CA THR C 271 11.56 -4.54 -11.27
C THR C 271 11.35 -3.06 -11.62
N LEU C 272 12.03 -2.59 -12.66
CA LEU C 272 11.83 -1.25 -13.18
C LEU C 272 10.47 -1.16 -13.89
N PRO C 273 9.92 0.06 -14.06
CA PRO C 273 8.65 0.18 -14.81
C PRO C 273 8.79 -0.08 -16.29
N LYS C 274 7.69 0.09 -17.02
CA LYS C 274 7.59 -0.29 -18.43
C LYS C 274 7.83 0.89 -19.35
N ILE C 275 8.80 1.73 -19.00
CA ILE C 275 9.17 2.93 -19.75
C ILE C 275 9.61 2.56 -21.16
N PRO C 276 9.27 3.34 -22.18
CA PRO C 276 9.55 2.96 -23.58
C PRO C 276 10.88 3.43 -24.14
N TYR C 277 11.77 3.99 -23.33
CA TYR C 277 13.07 4.40 -23.82
C TYR C 277 14.16 3.48 -23.27
N VAL C 278 15.40 3.74 -23.70
CA VAL C 278 16.54 2.92 -23.33
C VAL C 278 17.38 3.68 -22.30
N LYS C 279 17.83 2.98 -21.28
CA LYS C 279 18.54 3.58 -20.16
C LYS C 279 20.04 3.47 -20.35
N ALA C 280 20.79 4.04 -19.40
CA ALA C 280 22.24 3.93 -19.45
C ALA C 280 22.71 2.52 -19.08
N ILE C 281 22.10 1.94 -18.04
CA ILE C 281 22.42 0.56 -17.65
C ILE C 281 21.98 -0.40 -18.75
N ASP C 282 20.88 -0.08 -19.42
CA ASP C 282 20.42 -0.87 -20.56
C ASP C 282 21.41 -0.77 -21.71
N MET C 283 21.96 0.42 -21.95
CA MET C 283 22.97 0.58 -23.00
C MET C 283 24.24 -0.20 -22.70
N TYR C 284 24.65 -0.21 -21.43
CA TYR C 284 25.84 -0.98 -21.04
C TYR C 284 25.61 -2.47 -21.20
N LEU C 285 24.43 -2.96 -20.83
CA LEU C 285 24.13 -4.38 -20.99
C LEU C 285 24.01 -4.78 -22.45
N MET C 286 23.45 -3.92 -23.30
CA MET C 286 23.40 -4.21 -24.73
C MET C 286 24.80 -4.21 -25.36
N GLY C 287 25.67 -3.30 -24.92
CA GLY C 287 27.04 -3.32 -25.42
C GLY C 287 27.82 -4.55 -25.00
N CYS C 288 27.65 -4.97 -23.74
CA CYS C 288 28.28 -6.21 -23.29
C CYS C 288 27.73 -7.42 -24.02
N PHE C 289 26.42 -7.42 -24.31
CA PHE C 289 25.83 -8.53 -25.06
C PHE C 289 26.34 -8.56 -26.49
N VAL C 290 26.58 -7.40 -27.10
CA VAL C 290 27.16 -7.36 -28.45
C VAL C 290 28.57 -7.92 -28.45
N PHE C 291 29.38 -7.56 -27.44
CA PHE C 291 30.74 -8.11 -27.35
C PHE C 291 30.74 -9.62 -27.13
N VAL C 292 29.84 -10.11 -26.28
CA VAL C 292 29.74 -11.55 -26.02
C VAL C 292 29.27 -12.31 -27.25
N PHE C 293 28.27 -11.76 -27.96
CA PHE C 293 27.78 -12.37 -29.18
C PHE C 293 28.84 -12.36 -30.29
N MET C 294 29.64 -11.31 -30.38
CA MET C 294 30.74 -11.30 -31.33
C MET C 294 31.85 -12.26 -30.95
N ALA C 295 32.05 -12.55 -29.66
CA ALA C 295 32.97 -13.63 -29.29
C ALA C 295 32.46 -15.00 -29.75
N LEU C 296 31.17 -15.25 -29.59
CA LEU C 296 30.60 -16.52 -30.06
C LEU C 296 30.63 -16.62 -31.58
N LEU C 297 30.36 -15.52 -32.27
CA LEU C 297 30.48 -15.50 -33.72
C LEU C 297 31.93 -15.56 -34.19
N GLU C 298 32.88 -15.13 -33.36
CA GLU C 298 34.29 -15.35 -33.65
C GLU C 298 34.64 -16.84 -33.63
N TYR C 299 34.10 -17.57 -32.63
CA TYR C 299 34.30 -19.02 -32.66
C TYR C 299 33.59 -19.65 -33.86
N ALA C 300 32.41 -19.14 -34.22
CA ALA C 300 31.70 -19.67 -35.38
C ALA C 300 32.50 -19.43 -36.67
N LEU C 301 33.18 -18.29 -36.77
CA LEU C 301 34.00 -18.01 -37.94
C LEU C 301 35.23 -18.91 -37.99
N VAL C 302 35.90 -19.10 -36.84
CA VAL C 302 37.14 -19.90 -36.86
C VAL C 302 36.80 -21.39 -36.91
N ASN C 303 35.52 -21.74 -36.70
CA ASN C 303 35.11 -23.12 -36.91
C ASN C 303 34.60 -23.34 -38.34
N TYR C 304 34.35 -22.28 -39.09
CA TYR C 304 33.98 -22.52 -40.51
C TYR C 304 35.22 -22.35 -41.39
N ILE C 305 36.20 -21.59 -40.93
CA ILE C 305 37.42 -21.33 -41.76
C ILE C 305 38.28 -22.59 -41.81
N PHE C 306 38.07 -23.52 -40.88
CA PHE C 306 38.91 -24.75 -40.81
C PHE C 306 38.14 -26.00 -41.24
N PHE C 307 37.38 -26.58 -40.32
CA PHE C 307 36.66 -27.84 -40.59
C PHE C 307 35.75 -27.72 -41.83
N GLY C 308 35.35 -26.50 -42.19
CA GLY C 308 34.53 -26.34 -43.41
C GLY C 308 35.39 -26.02 -44.61
N ARG C 309 35.64 -24.73 -44.86
CA ARG C 309 36.55 -24.34 -45.97
C ARG C 309 37.60 -25.29 -45.39
N ASP C 459 44.59 -18.51 -41.62
CA ASP C 459 45.16 -19.30 -40.52
C ASP C 459 44.33 -19.17 -39.25
N VAL C 460 44.02 -20.30 -38.64
CA VAL C 460 43.17 -20.30 -37.45
C VAL C 460 43.92 -19.79 -36.23
N ASN C 461 45.24 -19.97 -36.20
CA ASN C 461 46.02 -19.45 -35.09
C ASN C 461 46.27 -17.95 -35.24
N ALA C 462 46.16 -17.44 -36.46
CA ALA C 462 46.38 -16.01 -36.68
C ALA C 462 45.16 -15.19 -36.26
N ILE C 463 43.96 -15.76 -36.42
CA ILE C 463 42.76 -14.97 -36.26
C ILE C 463 42.34 -14.88 -34.78
N ASP C 464 42.52 -15.95 -34.02
CA ASP C 464 42.16 -15.89 -32.61
C ASP C 464 43.20 -15.14 -31.78
N ARG C 465 44.47 -15.14 -32.24
CA ARG C 465 45.49 -14.32 -31.60
C ARG C 465 45.18 -12.83 -31.77
N TRP C 466 44.68 -12.45 -32.95
CA TRP C 466 44.23 -11.09 -33.18
C TRP C 466 43.02 -10.75 -32.32
N SER C 467 42.16 -11.74 -32.07
CA SER C 467 41.00 -11.50 -31.21
C SER C 467 41.40 -11.51 -29.74
N ARG C 468 42.57 -12.06 -29.42
CA ARG C 468 43.06 -12.03 -28.04
C ARG C 468 43.46 -10.61 -27.64
N ILE C 469 43.95 -9.83 -28.61
CA ILE C 469 44.48 -8.51 -28.29
C ILE C 469 43.45 -7.42 -28.57
N PHE C 470 42.55 -7.66 -29.52
CA PHE C 470 41.64 -6.60 -29.95
C PHE C 470 40.39 -6.54 -29.09
N PHE C 471 39.85 -7.71 -28.69
CA PHE C 471 38.62 -7.74 -27.91
C PHE C 471 38.70 -7.08 -26.53
N PRO C 472 39.75 -7.26 -25.71
CA PRO C 472 39.81 -6.43 -24.49
C PRO C 472 40.09 -4.96 -24.77
N VAL C 473 40.72 -4.62 -25.90
CA VAL C 473 41.03 -3.22 -26.17
C VAL C 473 39.78 -2.46 -26.59
N VAL C 474 38.97 -3.03 -27.50
CA VAL C 474 37.78 -2.32 -27.96
C VAL C 474 36.69 -2.35 -26.89
N PHE C 475 36.79 -3.26 -25.93
CA PHE C 475 35.91 -3.19 -24.76
C PHE C 475 36.32 -2.04 -23.86
N SER C 476 37.62 -1.83 -23.68
CA SER C 476 38.09 -0.72 -22.86
C SER C 476 37.86 0.61 -23.56
N PHE C 477 37.90 0.63 -24.90
CA PHE C 477 37.53 1.83 -25.63
C PHE C 477 36.03 2.10 -25.52
N PHE C 478 35.22 1.04 -25.51
CA PHE C 478 33.79 1.21 -25.27
C PHE C 478 33.53 1.65 -23.83
N ASN C 479 34.31 1.12 -22.90
CA ASN C 479 34.06 1.40 -21.48
C ASN C 479 34.50 2.81 -21.13
N ILE C 480 35.55 3.32 -21.78
CA ILE C 480 35.97 4.70 -21.55
C ILE C 480 34.96 5.67 -22.16
N VAL C 481 34.47 5.38 -23.36
CA VAL C 481 33.50 6.23 -24.03
C VAL C 481 32.18 6.26 -23.25
N TYR C 482 31.79 5.13 -22.66
CA TYR C 482 30.56 5.06 -21.88
C TYR C 482 30.65 5.90 -20.61
N TRP C 483 31.74 5.76 -19.85
CA TRP C 483 31.80 6.42 -18.54
C TRP C 483 32.10 7.91 -18.68
N LEU C 484 32.83 8.32 -19.71
CA LEU C 484 33.10 9.74 -19.88
C LEU C 484 31.88 10.49 -20.42
N TYR C 485 31.06 9.83 -21.23
CA TYR C 485 29.86 10.47 -21.74
C TYR C 485 28.78 10.58 -20.66
N TYR C 486 28.62 9.52 -19.86
CA TYR C 486 27.54 9.47 -18.89
C TYR C 486 27.92 10.05 -17.53
N VAL C 487 29.19 10.35 -17.30
CA VAL C 487 29.60 11.00 -16.05
C VAL C 487 30.41 12.25 -16.38
N ASP D 10 -18.23 43.72 14.03
CA ASP D 10 -19.43 44.12 13.32
C ASP D 10 -19.26 44.01 11.81
N ASN D 11 -18.00 43.90 11.38
CA ASN D 11 -17.71 43.78 9.95
C ASN D 11 -18.13 42.42 9.42
N THR D 12 -17.93 41.36 10.21
CA THR D 12 -18.28 40.02 9.77
C THR D 12 -19.76 39.70 9.94
N THR D 13 -20.50 40.50 10.71
CA THR D 13 -21.90 40.21 10.97
C THR D 13 -22.77 40.48 9.75
N VAL D 14 -22.30 41.34 8.85
CA VAL D 14 -23.05 41.66 7.63
C VAL D 14 -23.16 40.43 6.73
N PHE D 15 -22.07 39.68 6.59
CA PHE D 15 -22.10 38.46 5.81
C PHE D 15 -22.61 37.27 6.60
N THR D 16 -22.44 37.29 7.93
CA THR D 16 -22.99 36.24 8.78
C THR D 16 -24.51 36.25 8.75
N ARG D 17 -25.12 37.44 8.75
CA ARG D 17 -26.57 37.54 8.65
C ARG D 17 -27.07 37.08 7.29
N ILE D 18 -26.32 37.35 6.23
CA ILE D 18 -26.70 36.91 4.89
C ILE D 18 -26.63 35.39 4.79
N LEU D 19 -25.55 34.80 5.31
CA LEU D 19 -25.39 33.34 5.28
C LEU D 19 -26.40 32.65 6.18
N ASP D 20 -26.81 33.29 7.28
CA ASP D 20 -27.85 32.69 8.12
C ASP D 20 -29.23 32.86 7.49
N ARG D 21 -29.43 33.92 6.70
CA ARG D 21 -30.70 34.09 6.01
C ARG D 21 -30.85 33.13 4.84
N LEU D 22 -29.73 32.77 4.19
CA LEU D 22 -29.79 31.85 3.06
C LEU D 22 -30.22 30.45 3.49
N LEU D 23 -29.71 29.97 4.62
CA LEU D 23 -30.04 28.64 5.11
C LEU D 23 -31.25 28.63 6.04
N ASP D 24 -31.89 29.78 6.25
CA ASP D 24 -33.08 29.82 7.09
C ASP D 24 -34.27 29.27 6.32
N GLY D 25 -34.82 28.14 6.79
CA GLY D 25 -35.91 27.50 6.10
C GLY D 25 -35.51 26.68 4.90
N TYR D 26 -34.22 26.51 4.65
CA TYR D 26 -33.75 25.77 3.49
C TYR D 26 -33.86 24.27 3.75
N ASP D 27 -34.39 23.55 2.77
CA ASP D 27 -34.51 22.09 2.83
C ASP D 27 -33.50 21.52 1.85
N ASN D 28 -32.46 20.88 2.38
CA ASN D 28 -31.41 20.33 1.53
C ASN D 28 -31.75 18.95 1.00
N ARG D 29 -32.90 18.39 1.35
CA ARG D 29 -33.29 17.08 0.84
C ARG D 29 -33.92 17.16 -0.55
N LEU D 30 -34.28 18.36 -1.00
CA LEU D 30 -35.03 18.54 -2.24
C LEU D 30 -34.19 19.30 -3.25
N ARG D 31 -34.25 18.84 -4.51
CA ARG D 31 -33.60 19.54 -5.60
C ARG D 31 -34.29 20.87 -5.89
N PRO D 32 -33.58 21.86 -6.41
CA PRO D 32 -34.24 23.12 -6.75
C PRO D 32 -35.18 22.96 -7.93
N GLY D 33 -36.28 23.70 -7.89
CA GLY D 33 -37.31 23.60 -8.89
C GLY D 33 -37.97 22.23 -8.90
N LEU D 34 -38.33 21.74 -7.70
CA LEU D 34 -38.84 20.39 -7.58
C LEU D 34 -40.22 20.25 -8.20
N GLY D 35 -41.08 21.25 -8.04
CA GLY D 35 -42.42 21.19 -8.53
C GLY D 35 -42.69 21.89 -9.84
N GLU D 36 -41.68 22.52 -10.47
CA GLU D 36 -41.95 23.31 -11.66
C GLU D 36 -41.02 23.06 -12.84
N ARG D 37 -39.81 22.56 -12.65
CA ARG D 37 -38.89 22.46 -13.77
C ARG D 37 -37.96 21.27 -13.54
N VAL D 38 -36.94 21.16 -14.40
CA VAL D 38 -35.92 20.13 -14.31
C VAL D 38 -34.60 20.80 -13.97
N THR D 39 -33.93 20.30 -12.95
CA THR D 39 -32.67 20.87 -12.50
C THR D 39 -31.58 20.48 -13.49
N GLU D 40 -31.03 21.47 -14.19
CA GLU D 40 -29.97 21.23 -15.16
C GLU D 40 -28.61 21.54 -14.53
N VAL D 41 -27.68 20.61 -14.66
CA VAL D 41 -26.37 20.69 -14.02
C VAL D 41 -25.33 20.82 -15.13
N LYS D 42 -24.59 21.92 -15.11
CA LYS D 42 -23.56 22.19 -16.10
C LYS D 42 -22.22 21.77 -15.51
N THR D 43 -21.55 20.84 -16.19
CA THR D 43 -20.34 20.23 -15.65
C THR D 43 -19.19 20.30 -16.65
N ASP D 44 -17.98 20.31 -16.11
CA ASP D 44 -16.78 20.16 -16.92
C ASP D 44 -15.70 19.54 -16.04
N ILE D 45 -14.67 19.00 -16.69
CA ILE D 45 -13.60 18.27 -16.03
C ILE D 45 -12.27 18.90 -16.41
N PHE D 46 -11.44 19.18 -15.42
CA PHE D 46 -10.05 19.57 -15.64
C PHE D 46 -9.18 18.43 -15.13
N VAL D 47 -8.57 17.69 -16.05
CA VAL D 47 -7.72 16.55 -15.68
C VAL D 47 -6.35 17.11 -15.31
N THR D 48 -6.02 17.09 -14.02
CA THR D 48 -4.71 17.59 -13.59
C THR D 48 -3.60 16.63 -13.98
N SER D 49 -3.86 15.33 -13.89
CA SER D 49 -2.85 14.33 -14.23
C SER D 49 -3.53 13.03 -14.58
N PHE D 50 -3.25 12.51 -15.78
CA PHE D 50 -3.77 11.22 -16.21
C PHE D 50 -2.80 10.15 -15.70
N GLY D 51 -3.22 9.40 -14.69
CA GLY D 51 -2.36 8.50 -14.00
C GLY D 51 -2.08 7.23 -14.79
N PRO D 52 -1.30 6.34 -14.20
CA PRO D 52 -0.84 5.15 -14.93
C PRO D 52 -1.97 4.16 -15.15
N VAL D 53 -1.87 3.45 -16.27
CA VAL D 53 -2.88 2.48 -16.69
C VAL D 53 -2.44 1.11 -16.20
N SER D 54 -3.28 0.47 -15.39
CA SER D 54 -3.00 -0.87 -14.88
C SER D 54 -3.51 -1.87 -15.91
N ASP D 55 -2.59 -2.49 -16.64
CA ASP D 55 -2.98 -3.42 -17.69
C ASP D 55 -3.48 -4.74 -17.09
N HIS D 56 -3.02 -5.09 -15.89
CA HIS D 56 -3.47 -6.31 -15.24
C HIS D 56 -4.93 -6.21 -14.81
N ASP D 57 -5.32 -5.09 -14.22
CA ASP D 57 -6.70 -5.02 -13.69
C ASP D 57 -7.58 -4.25 -14.66
N MET D 58 -7.18 -4.13 -15.90
CA MET D 58 -8.03 -3.46 -16.92
C MET D 58 -8.63 -2.22 -16.27
N GLU D 59 -7.79 -1.35 -15.72
CA GLU D 59 -8.28 -0.11 -15.06
C GLU D 59 -7.29 1.02 -15.31
N TYR D 60 -7.73 2.28 -15.24
CA TYR D 60 -6.84 3.46 -15.38
C TYR D 60 -7.03 4.30 -14.12
N THR D 61 -6.27 5.37 -13.92
CA THR D 61 -6.51 6.25 -12.75
C THR D 61 -6.39 7.71 -13.16
N ILE D 62 -7.50 8.41 -13.22
CA ILE D 62 -7.50 9.84 -13.60
C ILE D 62 -7.58 10.67 -12.34
N ASP D 63 -7.02 11.87 -12.31
CA ASP D 63 -7.01 12.82 -11.21
C ASP D 63 -7.56 14.14 -11.74
N VAL D 64 -8.78 14.50 -11.31
CA VAL D 64 -9.56 15.52 -11.98
C VAL D 64 -9.93 16.65 -11.03
N PHE D 65 -10.35 17.77 -11.62
CA PHE D 65 -11.10 18.81 -10.92
C PHE D 65 -12.55 18.77 -11.39
N PHE D 66 -13.35 17.96 -10.72
CA PHE D 66 -14.71 17.73 -11.19
C PHE D 66 -15.62 18.90 -10.86
N ARG D 67 -15.84 19.77 -11.83
CA ARG D 67 -16.65 20.97 -11.64
C ARG D 67 -18.11 20.71 -11.99
N GLN D 68 -19.01 21.29 -11.19
CA GLN D 68 -20.43 21.25 -11.45
C GLN D 68 -21.02 22.63 -11.20
N SER D 69 -22.15 22.90 -11.85
CA SER D 69 -22.80 24.19 -11.72
C SER D 69 -24.29 24.02 -11.99
N TRP D 70 -25.12 24.65 -11.16
CA TRP D 70 -26.56 24.53 -11.31
C TRP D 70 -27.22 25.76 -10.73
N LYS D 71 -28.49 25.95 -11.09
CA LYS D 71 -29.26 27.09 -10.64
C LYS D 71 -30.10 26.72 -9.44
N ASP D 72 -30.05 27.56 -8.41
CA ASP D 72 -30.80 27.33 -7.18
C ASP D 72 -31.38 28.68 -6.75
N GLU D 73 -32.68 28.86 -6.93
CA GLU D 73 -33.32 30.15 -6.66
C GLU D 73 -33.48 30.43 -5.17
N ARG D 74 -33.27 29.43 -4.30
CA ARG D 74 -33.40 29.67 -2.87
C ARG D 74 -32.20 30.41 -2.30
N LEU D 75 -31.08 30.46 -3.02
CA LEU D 75 -29.86 31.09 -2.53
C LEU D 75 -29.63 32.47 -3.14
N LYS D 76 -30.69 33.14 -3.58
CA LYS D 76 -30.55 34.52 -4.02
C LYS D 76 -30.28 35.43 -2.82
N PHE D 77 -29.40 36.41 -3.03
CA PHE D 77 -29.04 37.34 -1.98
C PHE D 77 -28.67 38.67 -2.60
N LYS D 78 -28.67 39.71 -1.77
CA LYS D 78 -28.22 41.03 -2.16
C LYS D 78 -27.32 41.58 -1.06
N GLY D 79 -26.07 41.88 -1.40
CA GLY D 79 -25.10 42.31 -0.43
C GLY D 79 -24.03 43.21 -1.00
N PRO D 80 -22.97 43.44 -0.21
CA PRO D 80 -21.87 44.29 -0.70
C PRO D 80 -21.09 43.71 -1.86
N MET D 81 -20.98 42.39 -1.96
CA MET D 81 -20.21 41.75 -3.01
C MET D 81 -21.10 40.81 -3.81
N THR D 82 -20.75 40.64 -5.08
CA THR D 82 -21.59 39.87 -6.00
C THR D 82 -21.37 38.36 -5.87
N VAL D 83 -20.13 37.91 -5.94
CA VAL D 83 -19.80 36.50 -5.81
C VAL D 83 -19.41 36.22 -4.37
N LEU D 84 -19.74 35.02 -3.88
CA LEU D 84 -19.50 34.62 -2.50
C LEU D 84 -18.64 33.37 -2.48
N ARG D 85 -17.32 33.55 -2.36
CA ARG D 85 -16.38 32.43 -2.29
C ARG D 85 -16.26 32.02 -0.82
N LEU D 86 -16.80 30.85 -0.48
CA LEU D 86 -16.86 30.42 0.90
C LEU D 86 -16.00 29.19 1.17
N ASN D 87 -16.08 28.77 2.44
CA ASN D 87 -15.52 27.53 2.93
C ASN D 87 -16.31 26.33 2.40
N ASN D 88 -15.83 25.15 2.76
CA ASN D 88 -16.38 23.93 2.19
C ASN D 88 -17.57 23.42 2.99
N LEU D 89 -17.71 23.81 4.26
CA LEU D 89 -18.70 23.16 5.10
C LEU D 89 -20.14 23.61 4.81
N MET D 90 -20.34 24.58 3.91
CA MET D 90 -21.70 24.85 3.45
C MET D 90 -22.11 23.93 2.31
N ALA D 91 -21.17 23.18 1.73
CA ALA D 91 -21.54 22.24 0.68
C ALA D 91 -22.39 21.09 1.22
N SER D 92 -22.17 20.69 2.48
CA SER D 92 -23.05 19.71 3.08
C SER D 92 -24.34 20.34 3.57
N LYS D 93 -24.36 21.65 3.77
CA LYS D 93 -25.57 22.32 4.25
C LYS D 93 -26.60 22.47 3.15
N ILE D 94 -26.18 22.54 1.89
CA ILE D 94 -27.07 22.84 0.79
C ILE D 94 -27.25 21.61 -0.09
N TRP D 95 -28.17 21.71 -1.05
CA TRP D 95 -28.38 20.63 -1.99
C TRP D 95 -27.25 20.58 -3.01
N THR D 96 -26.67 19.41 -3.17
CA THR D 96 -25.65 19.13 -4.17
C THR D 96 -26.08 17.90 -4.94
N PRO D 97 -25.80 17.85 -6.26
CA PRO D 97 -26.19 16.68 -7.03
C PRO D 97 -25.40 15.44 -6.66
N ASP D 98 -26.06 14.29 -6.76
CA ASP D 98 -25.48 13.01 -6.35
C ASP D 98 -24.82 12.30 -7.52
N THR D 99 -23.86 12.97 -8.15
CA THR D 99 -23.19 12.41 -9.32
C THR D 99 -22.27 11.27 -8.91
N PHE D 100 -22.38 10.14 -9.60
CA PHE D 100 -21.51 9.00 -9.38
C PHE D 100 -20.98 8.55 -10.73
N PHE D 101 -19.83 7.87 -10.70
CA PHE D 101 -19.15 7.39 -11.93
C PHE D 101 -19.55 5.95 -12.22
N HIS D 102 -20.23 5.68 -13.33
CA HIS D 102 -20.83 4.37 -13.63
C HIS D 102 -19.75 3.34 -13.90
N ASN D 103 -18.54 3.78 -14.17
CA ASN D 103 -17.47 2.83 -14.55
C ASN D 103 -16.41 2.90 -13.47
N GLY D 104 -16.76 3.38 -12.28
CA GLY D 104 -15.76 3.57 -11.22
C GLY D 104 -15.41 2.27 -10.53
N LYS D 105 -14.31 2.25 -9.78
CA LYS D 105 -13.94 1.04 -9.02
C LYS D 105 -13.57 1.47 -7.59
N LYS D 106 -12.99 2.66 -7.43
CA LYS D 106 -12.67 3.19 -6.10
C LYS D 106 -12.13 4.62 -6.20
N SER D 107 -12.86 5.60 -5.68
CA SER D 107 -12.45 7.02 -5.75
C SER D 107 -12.18 7.60 -4.36
N VAL D 108 -11.22 8.50 -4.21
CA VAL D 108 -10.78 9.16 -2.98
C VAL D 108 -11.07 10.64 -3.11
N ALA D 109 -11.63 11.24 -2.05
CA ALA D 109 -12.02 12.63 -2.07
C ALA D 109 -10.91 13.61 -1.71
N HIS D 110 -9.72 13.12 -1.32
CA HIS D 110 -8.51 13.93 -1.06
C HIS D 110 -8.74 14.96 0.05
N ASN D 111 -8.88 14.47 1.27
CA ASN D 111 -9.36 15.30 2.35
C ASN D 111 -8.27 16.27 2.86
N MET D 112 -6.98 16.04 2.57
CA MET D 112 -5.91 16.82 3.19
C MET D 112 -5.73 18.18 2.52
N THR D 113 -5.71 19.25 3.33
CA THR D 113 -5.83 19.33 4.78
C THR D 113 -7.28 19.56 5.17
N MET D 114 -7.84 20.65 4.68
CA MET D 114 -9.28 20.84 4.59
C MET D 114 -9.78 20.16 3.33
N PRO D 115 -11.04 19.71 3.30
CA PRO D 115 -11.49 18.86 2.18
C PRO D 115 -11.53 19.65 0.88
N ASN D 116 -10.85 19.12 -0.14
CA ASN D 116 -10.59 19.85 -1.39
C ASN D 116 -11.87 19.96 -2.22
N LYS D 117 -12.77 20.83 -1.76
CA LYS D 117 -13.89 21.29 -2.56
C LYS D 117 -14.02 22.79 -2.36
N LEU D 118 -14.71 23.44 -3.28
CA LEU D 118 -15.01 24.86 -3.13
C LEU D 118 -16.46 25.10 -3.47
N LEU D 119 -16.99 26.23 -3.00
CA LEU D 119 -18.35 26.62 -3.29
C LEU D 119 -18.42 28.11 -3.53
N ARG D 120 -18.98 28.51 -4.67
CA ARG D 120 -19.14 29.92 -5.01
C ARG D 120 -20.62 30.15 -5.33
N ILE D 121 -21.23 31.11 -4.65
CA ILE D 121 -22.65 31.38 -4.77
C ILE D 121 -22.79 32.76 -5.40
N THR D 122 -23.13 32.79 -6.70
CA THR D 122 -23.36 34.05 -7.38
C THR D 122 -24.69 34.64 -6.91
N GLU D 123 -24.79 35.97 -6.96
CA GLU D 123 -25.94 36.67 -6.37
C GLU D 123 -27.25 36.40 -7.08
N ASP D 124 -27.23 35.90 -8.32
CA ASP D 124 -28.47 35.54 -8.98
C ASP D 124 -28.93 34.13 -8.63
N GLY D 125 -28.14 33.38 -7.87
CA GLY D 125 -28.48 32.03 -7.48
C GLY D 125 -27.64 30.95 -8.15
N THR D 126 -26.83 31.30 -9.13
CA THR D 126 -25.99 30.32 -9.80
C THR D 126 -24.89 29.84 -8.86
N LEU D 127 -24.66 28.54 -8.86
CA LEU D 127 -23.71 27.90 -7.97
C LEU D 127 -22.56 27.31 -8.75
N LEU D 128 -21.39 27.21 -8.11
CA LEU D 128 -20.23 26.54 -8.68
C LEU D 128 -19.62 25.72 -7.57
N TYR D 129 -19.43 24.43 -7.83
CA TYR D 129 -19.05 23.48 -6.78
C TYR D 129 -18.12 22.45 -7.41
N THR D 130 -16.82 22.67 -7.27
CA THR D 130 -15.81 21.80 -7.84
C THR D 130 -15.17 21.00 -6.72
N MET D 131 -14.72 19.79 -7.02
CA MET D 131 -14.01 18.99 -6.04
C MET D 131 -12.88 18.24 -6.72
N ARG D 132 -11.88 17.86 -5.93
CA ARG D 132 -10.71 17.17 -6.44
C ARG D 132 -10.81 15.70 -6.11
N LEU D 133 -10.80 14.85 -7.15
CA LEU D 133 -11.04 13.39 -6.97
C LEU D 133 -9.89 12.60 -7.60
N THR D 134 -9.87 11.28 -7.44
CA THR D 134 -8.84 10.43 -8.08
C THR D 134 -9.51 9.15 -8.58
N VAL D 135 -10.46 9.26 -9.49
CA VAL D 135 -11.26 8.10 -9.96
C VAL D 135 -10.40 7.00 -10.56
N ARG D 136 -10.49 5.77 -10.05
CA ARG D 136 -9.83 4.61 -10.68
C ARG D 136 -10.95 3.94 -11.45
N ALA D 137 -10.90 3.91 -12.77
CA ALA D 137 -12.08 3.42 -13.51
C ALA D 137 -11.77 2.18 -14.34
N GLU D 138 -12.78 1.62 -14.99
CA GLU D 138 -12.59 0.37 -15.76
C GLU D 138 -12.40 0.69 -17.24
N CYS D 139 -11.27 0.29 -17.81
CA CYS D 139 -11.07 0.49 -19.26
C CYS D 139 -11.16 -0.89 -19.90
N PRO D 140 -12.32 -1.33 -20.41
CA PRO D 140 -12.39 -2.67 -20.95
C PRO D 140 -11.39 -2.67 -22.11
N MET D 141 -10.63 -3.75 -22.29
CA MET D 141 -9.57 -3.74 -23.32
C MET D 141 -9.66 -4.98 -24.23
N HIS D 142 -9.32 -4.83 -25.51
CA HIS D 142 -9.27 -5.98 -26.42
C HIS D 142 -7.80 -6.18 -26.79
N LEU D 143 -7.23 -7.29 -26.33
CA LEU D 143 -5.78 -7.50 -26.40
C LEU D 143 -5.36 -8.29 -27.63
N GLU D 144 -6.10 -8.18 -28.73
CA GLU D 144 -5.77 -8.95 -29.92
C GLU D 144 -4.50 -8.44 -30.61
N ASP D 145 -4.23 -7.14 -30.51
CA ASP D 145 -3.07 -6.54 -31.14
C ASP D 145 -2.01 -6.11 -30.13
N PHE D 146 -1.90 -6.85 -29.03
CA PHE D 146 -0.86 -6.58 -28.05
C PHE D 146 0.51 -6.91 -28.65
N PRO D 147 1.52 -6.06 -28.44
CA PRO D 147 1.55 -4.82 -27.66
C PRO D 147 1.40 -3.56 -28.48
N MET D 148 0.84 -3.59 -29.68
CA MET D 148 0.67 -2.38 -30.50
C MET D 148 -0.80 -2.07 -30.70
N ASP D 149 -1.59 -2.19 -29.64
CA ASP D 149 -3.00 -1.90 -29.67
C ASP D 149 -3.28 -0.46 -29.29
N ALA D 150 -4.50 -0.02 -29.57
CA ALA D 150 -4.98 1.29 -29.16
C ALA D 150 -6.29 1.11 -28.41
N HIS D 151 -6.46 1.85 -27.32
CA HIS D 151 -7.64 1.74 -26.48
C HIS D 151 -8.38 3.07 -26.40
N ALA D 152 -9.65 2.99 -26.01
CA ALA D 152 -10.48 4.15 -25.75
C ALA D 152 -11.11 3.94 -24.38
N CYS D 153 -10.35 4.28 -23.35
CA CYS D 153 -10.79 4.08 -21.95
C CYS D 153 -11.94 5.02 -21.64
N PRO D 154 -13.10 4.56 -21.16
CA PRO D 154 -14.23 5.44 -20.95
C PRO D 154 -14.34 6.02 -19.54
N LEU D 155 -15.08 7.11 -19.36
CA LEU D 155 -15.37 7.61 -18.00
C LEU D 155 -16.81 8.09 -17.99
N LYS D 156 -17.76 7.25 -17.61
CA LYS D 156 -19.18 7.57 -17.59
C LYS D 156 -19.56 8.09 -16.21
N PHE D 157 -20.37 9.14 -16.18
CA PHE D 157 -20.90 9.63 -14.92
C PHE D 157 -22.29 10.19 -15.12
N GLY D 158 -23.10 10.13 -14.07
CA GLY D 158 -24.46 10.64 -14.12
C GLY D 158 -25.05 10.59 -12.73
N SER D 159 -26.31 11.04 -12.64
CA SER D 159 -27.00 11.04 -11.36
C SER D 159 -27.36 9.62 -10.94
N TYR D 160 -27.48 9.41 -9.63
CA TYR D 160 -27.88 8.11 -9.11
C TYR D 160 -29.37 8.04 -8.82
N ALA D 161 -29.87 8.89 -7.93
CA ALA D 161 -31.23 8.79 -7.46
C ALA D 161 -32.23 9.61 -8.27
N TYR D 162 -31.76 10.45 -9.18
CA TYR D 162 -32.63 11.36 -9.92
C TYR D 162 -32.63 10.97 -11.40
N THR D 163 -33.84 10.79 -11.96
CA THR D 163 -34.00 10.34 -13.32
C THR D 163 -33.81 11.50 -14.30
N ARG D 164 -34.06 11.23 -15.59
CA ARG D 164 -33.89 12.25 -16.61
C ARG D 164 -35.02 13.27 -16.62
N ALA D 165 -36.11 12.99 -15.92
CA ALA D 165 -37.18 13.96 -15.77
C ALA D 165 -36.99 14.86 -14.56
N GLU D 166 -35.90 14.70 -13.81
CA GLU D 166 -35.66 15.53 -12.64
C GLU D 166 -34.29 16.20 -12.66
N VAL D 167 -33.25 15.49 -13.10
CA VAL D 167 -31.90 16.06 -13.17
C VAL D 167 -31.30 15.68 -14.52
N VAL D 168 -30.87 16.69 -15.28
CA VAL D 168 -30.20 16.49 -16.55
C VAL D 168 -28.82 17.11 -16.46
N TYR D 169 -27.87 16.55 -17.20
CA TYR D 169 -26.50 17.03 -17.20
C TYR D 169 -26.14 17.60 -18.56
N GLU D 170 -25.24 18.59 -18.54
CA GLU D 170 -24.81 19.23 -19.77
C GLU D 170 -23.39 19.75 -19.56
N TRP D 171 -22.67 19.93 -20.65
CA TRP D 171 -21.34 20.53 -20.59
C TRP D 171 -21.47 22.04 -20.57
N THR D 172 -20.68 22.71 -19.71
CA THR D 172 -20.84 24.16 -19.56
C THR D 172 -20.17 24.93 -20.68
N ARG D 173 -19.11 24.40 -21.27
CA ARG D 173 -18.49 24.97 -22.44
C ARG D 173 -18.82 24.07 -23.63
N GLU D 174 -18.21 24.36 -24.77
CA GLU D 174 -18.38 23.51 -25.95
C GLU D 174 -17.86 22.11 -25.66
N PRO D 175 -18.52 21.06 -26.18
CA PRO D 175 -18.14 19.69 -25.82
C PRO D 175 -16.72 19.30 -26.18
N ALA D 176 -16.14 19.90 -27.22
CA ALA D 176 -14.73 19.66 -27.49
C ALA D 176 -13.84 20.36 -26.48
N ARG D 177 -14.35 21.41 -25.83
CA ARG D 177 -13.57 22.23 -24.91
C ARG D 177 -13.96 22.02 -23.46
N SER D 178 -14.82 21.04 -23.16
CA SER D 178 -15.33 20.86 -21.80
C SER D 178 -14.55 19.83 -20.99
N VAL D 179 -13.59 19.15 -21.59
CA VAL D 179 -12.65 18.32 -20.85
C VAL D 179 -11.26 18.79 -21.23
N VAL D 180 -10.53 19.32 -20.25
CA VAL D 180 -9.22 19.92 -20.49
C VAL D 180 -8.19 19.10 -19.74
N VAL D 181 -7.17 18.63 -20.47
CA VAL D 181 -6.07 17.89 -19.87
C VAL D 181 -4.92 18.86 -19.64
N ALA D 182 -4.37 18.85 -18.43
CA ALA D 182 -3.23 19.68 -18.11
C ALA D 182 -2.00 19.23 -18.90
N GLU D 183 -1.17 20.20 -19.30
CA GLU D 183 -0.07 19.91 -20.21
C GLU D 183 1.07 19.18 -19.50
N ASP D 184 1.15 19.28 -18.18
CA ASP D 184 2.22 18.63 -17.44
C ASP D 184 1.80 17.33 -16.79
N GLY D 185 0.50 17.05 -16.70
CA GLY D 185 0.06 15.80 -16.11
C GLY D 185 -0.05 14.70 -17.14
N SER D 186 1.02 13.90 -17.25
CA SER D 186 1.12 12.84 -18.24
C SER D 186 1.73 11.60 -17.61
N ARG D 187 1.19 11.16 -16.47
CA ARG D 187 1.75 10.07 -15.68
C ARG D 187 1.70 8.70 -16.35
N LEU D 188 1.24 8.59 -17.60
CA LEU D 188 1.35 7.35 -18.35
C LEU D 188 2.80 6.96 -18.57
N ASN D 189 3.11 5.68 -18.38
CA ASN D 189 4.46 5.19 -18.59
C ASN D 189 4.63 4.64 -19.99
N GLN D 190 3.83 3.65 -20.37
CA GLN D 190 3.96 3.00 -21.66
C GLN D 190 2.86 3.37 -22.64
N TYR D 191 1.93 4.23 -22.27
CA TYR D 191 0.84 4.64 -23.14
C TYR D 191 1.05 6.06 -23.63
N ASP D 192 0.18 6.48 -24.56
CA ASP D 192 0.26 7.79 -25.17
C ASP D 192 -1.15 8.33 -25.37
N LEU D 193 -1.48 9.40 -24.66
CA LEU D 193 -2.82 9.98 -24.71
C LEU D 193 -2.94 10.80 -26.00
N LEU D 194 -3.65 10.25 -26.98
CA LEU D 194 -3.83 10.97 -28.24
C LEU D 194 -4.83 12.10 -28.12
N GLY D 195 -5.94 11.87 -27.42
CA GLY D 195 -6.94 12.91 -27.25
C GLY D 195 -8.13 12.37 -26.51
N GLN D 196 -9.11 13.26 -26.30
CA GLN D 196 -10.33 12.88 -25.60
C GLN D 196 -11.54 13.28 -26.43
N THR D 197 -12.59 12.47 -26.32
CA THR D 197 -13.88 12.74 -26.94
C THR D 197 -14.97 12.57 -25.89
N VAL D 198 -16.03 13.38 -26.00
CA VAL D 198 -17.11 13.33 -25.04
C VAL D 198 -18.40 12.98 -25.76
N ASP D 199 -19.40 12.59 -24.97
CA ASP D 199 -20.71 12.22 -25.49
C ASP D 199 -21.71 12.29 -24.35
N SER D 200 -22.99 12.33 -24.71
CA SER D 200 -24.09 12.32 -23.76
C SER D 200 -25.15 11.35 -24.23
N GLY D 201 -25.79 10.67 -23.30
CA GLY D 201 -26.76 9.66 -23.66
C GLY D 201 -27.75 9.37 -22.55
N ILE D 202 -28.65 8.43 -22.85
CA ILE D 202 -29.71 8.01 -21.94
C ILE D 202 -29.58 6.51 -21.72
N VAL D 203 -29.59 6.08 -20.46
CA VAL D 203 -29.56 4.67 -20.12
C VAL D 203 -30.93 4.25 -19.60
N GLN D 204 -31.36 3.06 -19.98
CA GLN D 204 -32.61 2.48 -19.52
C GLN D 204 -32.33 1.53 -18.36
N SER D 205 -32.75 1.92 -17.16
CA SER D 205 -32.61 1.07 -15.98
C SER D 205 -33.98 0.63 -15.51
N SER D 206 -33.99 -0.22 -14.49
CA SER D 206 -35.25 -0.73 -13.96
C SER D 206 -36.00 0.32 -13.15
N THR D 207 -35.33 1.39 -12.72
CA THR D 207 -35.96 2.43 -11.92
C THR D 207 -36.30 3.69 -12.70
N GLY D 208 -35.88 3.79 -13.95
CA GLY D 208 -36.18 4.94 -14.78
C GLY D 208 -35.11 5.18 -15.81
N GLU D 209 -35.19 6.33 -16.46
CA GLU D 209 -34.22 6.74 -17.48
C GLU D 209 -33.30 7.79 -16.89
N TYR D 210 -32.00 7.60 -17.06
CA TYR D 210 -31.00 8.48 -16.47
C TYR D 210 -30.13 9.10 -17.55
N VAL D 211 -29.73 10.34 -17.34
CA VAL D 211 -28.79 11.00 -18.25
C VAL D 211 -27.38 10.59 -17.86
N VAL D 212 -26.63 10.06 -18.82
CA VAL D 212 -25.25 9.66 -18.61
C VAL D 212 -24.36 10.53 -19.48
N MET D 213 -23.21 10.93 -18.94
CA MET D 213 -22.22 11.69 -19.68
C MET D 213 -20.99 10.81 -19.88
N THR D 214 -20.62 10.59 -21.13
CA THR D 214 -19.54 9.69 -21.47
C THR D 214 -18.34 10.49 -21.94
N THR D 215 -17.15 10.10 -21.49
CA THR D 215 -15.89 10.71 -21.93
C THR D 215 -14.89 9.61 -22.23
N HIS D 216 -14.44 9.53 -23.47
CA HIS D 216 -13.52 8.51 -23.92
C HIS D 216 -12.12 9.10 -24.01
N PHE D 217 -11.14 8.42 -23.43
CA PHE D 217 -9.74 8.82 -23.49
C PHE D 217 -9.03 7.84 -24.42
N HIS D 218 -8.55 8.33 -25.55
CA HIS D 218 -7.91 7.49 -26.55
C HIS D 218 -6.43 7.32 -26.23
N LEU D 219 -6.03 6.09 -25.92
CA LEU D 219 -4.65 5.77 -25.59
C LEU D 219 -4.07 4.83 -26.64
N LYS D 220 -2.79 5.01 -26.91
CA LYS D 220 -2.06 4.15 -27.83
C LYS D 220 -0.78 3.69 -27.15
N ARG D 221 -0.58 2.36 -27.11
CA ARG D 221 0.59 1.82 -26.43
C ARG D 221 1.86 2.08 -27.23
N LYS D 222 2.96 2.27 -26.53
CA LYS D 222 4.26 2.52 -27.12
C LYS D 222 5.09 1.25 -27.00
N ILE D 223 5.58 0.75 -28.14
CA ILE D 223 6.46 -0.42 -28.12
C ILE D 223 7.92 -0.01 -27.95
N GLY D 224 8.29 0.31 -26.72
CA GLY D 224 9.69 0.52 -26.42
C GLY D 224 10.16 -0.43 -25.34
N TYR D 225 9.25 -0.79 -24.45
CA TYR D 225 9.57 -1.79 -23.44
C TYR D 225 9.56 -3.18 -24.03
N PHE D 226 8.60 -3.46 -24.92
CA PHE D 226 8.42 -4.81 -25.46
C PHE D 226 9.39 -5.13 -26.58
N VAL D 227 9.85 -4.13 -27.33
CA VAL D 227 10.91 -4.36 -28.32
C VAL D 227 12.21 -4.78 -27.69
N ILE D 228 12.67 -4.06 -26.65
CA ILE D 228 13.88 -4.41 -25.93
C ILE D 228 13.69 -5.68 -25.10
N GLN D 229 12.52 -5.84 -24.47
CA GLN D 229 12.31 -6.92 -23.53
C GLN D 229 11.97 -8.26 -24.17
N THR D 230 11.17 -8.28 -25.23
CA THR D 230 10.68 -9.56 -25.76
C THR D 230 11.10 -9.79 -27.20
N TYR D 231 10.92 -8.78 -28.06
CA TYR D 231 11.17 -8.97 -29.49
C TYR D 231 12.64 -9.15 -29.80
N LEU D 232 13.49 -8.27 -29.25
CA LEU D 232 14.94 -8.41 -29.48
C LEU D 232 15.55 -9.67 -28.88
N PRO D 233 15.20 -10.12 -27.66
CA PRO D 233 15.72 -11.43 -27.22
C PRO D 233 15.23 -12.61 -28.06
N CYS D 234 14.01 -12.57 -28.61
CA CYS D 234 13.56 -13.63 -29.51
C CYS D 234 14.35 -13.61 -30.82
N ILE D 235 14.61 -12.42 -31.36
CA ILE D 235 15.38 -12.30 -32.60
C ILE D 235 16.82 -12.76 -32.38
N MET D 236 17.42 -12.39 -31.25
CA MET D 236 18.78 -12.83 -30.95
C MET D 236 18.84 -14.32 -30.66
N THR D 237 17.80 -14.90 -30.06
CA THR D 237 17.77 -16.34 -29.82
C THR D 237 17.66 -17.12 -31.13
N VAL D 238 16.81 -16.64 -32.05
CA VAL D 238 16.63 -17.38 -33.29
C VAL D 238 17.82 -17.14 -34.23
N ILE D 239 18.54 -16.03 -34.05
CA ILE D 239 19.81 -15.86 -34.75
C ILE D 239 20.88 -16.76 -34.14
N LEU D 240 20.85 -16.94 -32.82
CA LEU D 240 21.75 -17.87 -32.14
C LEU D 240 21.50 -19.32 -32.58
N SER D 241 20.26 -19.64 -32.97
CA SER D 241 20.00 -20.94 -33.57
C SER D 241 20.65 -21.06 -34.94
N GLN D 242 20.81 -19.95 -35.67
CA GLN D 242 21.42 -20.00 -36.99
C GLN D 242 22.92 -20.19 -36.92
N VAL D 243 23.53 -19.92 -35.76
CA VAL D 243 24.98 -20.08 -35.60
C VAL D 243 25.37 -21.55 -35.68
N SER D 244 24.48 -22.45 -35.24
CA SER D 244 24.76 -23.88 -35.25
C SER D 244 24.85 -24.46 -36.65
N PHE D 245 24.35 -23.73 -37.66
CA PHE D 245 24.38 -24.22 -39.03
C PHE D 245 25.74 -24.11 -39.68
N TRP D 246 26.60 -23.21 -39.17
CA TRP D 246 27.92 -23.01 -39.74
C TRP D 246 28.97 -23.90 -39.11
N LEU D 247 28.61 -24.67 -38.10
CA LEU D 247 29.51 -25.64 -37.49
C LEU D 247 29.47 -26.94 -38.28
N ASN D 248 30.57 -27.69 -38.23
CA ASN D 248 30.67 -28.93 -38.98
C ASN D 248 29.88 -30.05 -38.28
N ARG D 249 29.60 -31.11 -39.02
CA ARG D 249 28.67 -32.16 -38.60
C ARG D 249 29.14 -32.97 -37.41
N GLU D 250 30.44 -33.06 -37.13
CA GLU D 250 30.93 -33.94 -36.09
C GLU D 250 30.81 -33.35 -34.70
N SER D 251 30.55 -32.04 -34.58
CA SER D 251 30.46 -31.40 -33.28
C SER D 251 29.09 -31.60 -32.68
N VAL D 252 28.75 -32.85 -32.39
CA VAL D 252 27.45 -33.25 -31.89
C VAL D 252 27.13 -32.66 -30.51
N PRO D 253 28.03 -32.68 -29.49
CA PRO D 253 27.69 -31.96 -28.24
C PRO D 253 27.53 -30.47 -28.44
N ALA D 254 28.32 -29.87 -29.35
CA ALA D 254 28.25 -28.43 -29.59
C ALA D 254 26.90 -28.03 -30.17
N ARG D 255 26.46 -28.75 -31.20
CA ARG D 255 25.22 -28.39 -31.85
C ARG D 255 24.00 -28.79 -31.01
N THR D 256 24.08 -29.86 -30.21
CA THR D 256 22.95 -30.13 -29.35
C THR D 256 22.88 -29.17 -28.16
N VAL D 257 24.02 -28.63 -27.70
CA VAL D 257 24.00 -27.58 -26.70
C VAL D 257 23.37 -26.31 -27.27
N PHE D 258 23.74 -25.95 -28.51
CA PHE D 258 23.08 -24.87 -29.23
C PHE D 258 21.57 -25.04 -29.31
N GLY D 259 21.11 -26.21 -29.77
CA GLY D 259 19.69 -26.48 -29.89
C GLY D 259 18.92 -26.44 -28.58
N VAL D 260 19.41 -27.14 -27.54
CA VAL D 260 18.64 -27.19 -26.31
C VAL D 260 18.69 -25.85 -25.57
N THR D 261 19.81 -25.12 -25.67
CA THR D 261 19.86 -23.84 -24.98
C THR D 261 18.99 -22.79 -25.66
N THR D 262 18.89 -22.82 -26.99
CA THR D 262 17.98 -21.90 -27.65
C THR D 262 16.51 -22.26 -27.41
N VAL D 263 16.18 -23.56 -27.33
CA VAL D 263 14.79 -23.92 -27.03
C VAL D 263 14.44 -23.55 -25.59
N LEU D 264 15.38 -23.76 -24.66
CA LEU D 264 15.20 -23.33 -23.27
C LEU D 264 15.03 -21.81 -23.15
N THR D 265 15.83 -21.05 -23.90
CA THR D 265 15.69 -19.61 -23.91
C THR D 265 14.34 -19.18 -24.46
N MET D 266 13.85 -19.87 -25.50
CA MET D 266 12.54 -19.54 -26.05
C MET D 266 11.41 -19.90 -25.08
N THR D 267 11.54 -20.99 -24.34
CA THR D 267 10.50 -21.36 -23.38
C THR D 267 10.46 -20.38 -22.21
N THR D 268 11.63 -19.97 -21.71
CA THR D 268 11.60 -19.01 -20.60
C THR D 268 11.19 -17.61 -21.08
N LEU D 269 11.44 -17.29 -22.35
CA LEU D 269 10.92 -16.05 -22.91
C LEU D 269 9.41 -16.11 -23.09
N SER D 270 8.87 -17.26 -23.47
CA SER D 270 7.43 -17.41 -23.63
C SER D 270 6.71 -17.36 -22.28
N ILE D 271 7.35 -17.90 -21.23
CA ILE D 271 6.77 -17.78 -19.90
C ILE D 271 6.89 -16.35 -19.39
N SER D 272 8.04 -15.70 -19.55
CA SER D 272 8.26 -14.39 -18.99
C SER D 272 7.69 -13.26 -19.84
N ALA D 273 7.11 -13.58 -20.99
CA ALA D 273 6.40 -12.58 -21.78
C ALA D 273 4.91 -12.56 -21.48
N ARG D 274 4.38 -13.67 -20.99
CA ARG D 274 2.94 -13.77 -20.73
C ARG D 274 2.54 -13.16 -19.40
N ASN D 275 3.46 -13.09 -18.42
CA ASN D 275 3.08 -12.70 -17.07
C ASN D 275 2.82 -11.20 -16.95
N SER D 276 3.26 -10.41 -17.93
CA SER D 276 2.93 -8.99 -17.93
C SER D 276 1.48 -8.75 -18.34
N LEU D 277 0.84 -9.73 -18.95
CA LEU D 277 -0.54 -9.69 -19.40
C LEU D 277 -1.45 -10.31 -18.35
N PRO D 278 -2.76 -10.01 -18.40
CA PRO D 278 -3.71 -10.82 -17.61
C PRO D 278 -3.91 -12.20 -18.20
N LYS D 279 -4.67 -13.04 -17.51
CA LYS D 279 -4.87 -14.43 -17.89
C LYS D 279 -5.98 -14.57 -18.92
N VAL D 280 -5.84 -13.88 -20.06
CA VAL D 280 -6.87 -13.89 -21.09
C VAL D 280 -6.87 -15.23 -21.83
N ALA D 281 -7.97 -15.51 -22.52
CA ALA D 281 -8.18 -16.80 -23.18
C ALA D 281 -8.06 -16.69 -24.69
N TYR D 282 -7.15 -15.86 -25.19
CA TYR D 282 -6.87 -15.77 -26.61
C TYR D 282 -5.42 -15.39 -26.81
N ALA D 283 -4.92 -15.60 -28.02
CA ALA D 283 -3.52 -15.37 -28.34
C ALA D 283 -3.34 -13.98 -28.94
N THR D 284 -2.38 -13.24 -28.41
CA THR D 284 -2.06 -11.90 -28.85
C THR D 284 -1.03 -11.97 -29.98
N ALA D 285 -0.64 -10.80 -30.49
CA ALA D 285 0.31 -10.75 -31.59
C ALA D 285 1.72 -11.10 -31.12
N MET D 286 2.03 -10.78 -29.87
CA MET D 286 3.34 -11.18 -29.31
C MET D 286 3.44 -12.69 -29.18
N ASP D 287 2.33 -13.34 -28.83
CA ASP D 287 2.30 -14.80 -28.81
C ASP D 287 2.46 -15.39 -30.20
N TRP D 288 1.88 -14.77 -31.23
CA TRP D 288 2.09 -15.24 -32.59
C TRP D 288 3.49 -14.95 -33.11
N PHE D 289 4.21 -13.98 -32.53
CA PHE D 289 5.63 -13.85 -32.82
C PHE D 289 6.47 -14.91 -32.14
N ILE D 290 6.21 -15.16 -30.85
CA ILE D 290 6.99 -16.13 -30.08
C ILE D 290 6.76 -17.55 -30.60
N ALA D 291 5.55 -17.85 -31.07
CA ALA D 291 5.25 -19.17 -31.62
C ALA D 291 6.04 -19.44 -32.90
N VAL D 292 6.11 -18.46 -33.82
CA VAL D 292 6.86 -18.66 -35.06
C VAL D 292 8.35 -18.71 -34.79
N CYS D 293 8.84 -17.90 -33.85
CA CYS D 293 10.25 -17.96 -33.49
C CYS D 293 10.60 -19.30 -32.84
N TYR D 294 9.69 -19.85 -32.03
CA TYR D 294 9.85 -21.18 -31.45
C TYR D 294 9.84 -22.24 -32.55
N ALA D 295 8.99 -22.06 -33.57
CA ALA D 295 8.94 -22.99 -34.69
C ALA D 295 10.25 -23.01 -35.46
N PHE D 296 10.87 -21.84 -35.66
CA PHE D 296 12.17 -21.81 -36.33
C PHE D 296 13.29 -22.41 -35.48
N VAL D 297 13.27 -22.18 -34.17
CA VAL D 297 14.29 -22.78 -33.30
C VAL D 297 14.15 -24.30 -33.25
N PHE D 298 12.91 -24.78 -33.15
CA PHE D 298 12.66 -26.21 -33.16
C PHE D 298 12.97 -26.83 -34.52
N SER D 299 12.77 -26.07 -35.60
CA SER D 299 13.18 -26.54 -36.93
C SER D 299 14.69 -26.62 -37.06
N ALA D 300 15.43 -25.71 -36.41
CA ALA D 300 16.88 -25.86 -36.34
C ALA D 300 17.29 -27.11 -35.57
N LEU D 301 16.56 -27.45 -34.52
CA LEU D 301 16.81 -28.72 -33.83
C LEU D 301 16.55 -29.94 -34.72
N ILE D 302 15.45 -29.93 -35.48
CA ILE D 302 15.14 -31.01 -36.41
C ILE D 302 16.17 -31.08 -37.54
N GLU D 303 16.67 -29.91 -37.97
CA GLU D 303 17.78 -29.81 -38.91
C GLU D 303 19.03 -30.54 -38.41
N PHE D 304 19.41 -30.28 -37.15
CA PHE D 304 20.54 -31.00 -36.57
C PHE D 304 20.25 -32.49 -36.44
N ALA D 305 19.01 -32.86 -36.12
CA ALA D 305 18.65 -34.27 -36.00
C ALA D 305 18.82 -35.01 -37.32
N THR D 306 18.38 -34.39 -38.43
CA THR D 306 18.54 -35.01 -39.75
C THR D 306 20.00 -35.06 -40.18
N VAL D 307 20.77 -34.00 -39.88
CA VAL D 307 22.19 -33.98 -40.24
C VAL D 307 22.96 -35.05 -39.47
N ASN D 308 22.67 -35.20 -38.18
CA ASN D 308 23.30 -36.25 -37.38
C ASN D 308 22.85 -37.63 -37.80
N TYR D 309 21.61 -37.79 -38.26
CA TYR D 309 21.18 -39.09 -38.76
C TYR D 309 21.88 -39.45 -40.05
N PHE D 310 22.18 -38.46 -40.90
CA PHE D 310 22.89 -38.72 -42.15
C PHE D 310 24.41 -38.60 -42.01
N THR D 311 24.94 -38.84 -40.81
CA THR D 311 26.37 -38.75 -40.55
C THR D 311 26.95 -40.16 -40.53
N LYS D 312 27.95 -40.40 -41.39
CA LYS D 312 28.54 -41.76 -41.51
C LYS D 312 29.76 -41.86 -40.61
N ARG D 313 30.88 -41.29 -41.04
CA ARG D 313 32.14 -41.38 -40.25
C ARG D 313 32.00 -40.53 -38.99
N GLY D 314 32.62 -40.96 -37.89
CA GLY D 314 32.52 -40.22 -36.61
C GLY D 314 33.70 -39.32 -36.34
N TYR D 315 34.77 -39.42 -37.14
CA TYR D 315 35.89 -38.47 -36.96
C TYR D 315 35.55 -37.18 -37.70
N ALA D 316 36.53 -36.28 -37.84
CA ALA D 316 36.24 -34.98 -38.49
C ALA D 316 37.18 -34.78 -39.67
N TRP D 317 37.95 -33.70 -39.67
CA TRP D 317 38.96 -33.51 -40.73
C TRP D 317 40.20 -32.91 -40.09
N ASP D 318 41.37 -33.11 -40.71
CA ASP D 318 42.62 -32.51 -40.21
C ASP D 318 43.46 -32.12 -41.42
N GLY D 319 43.97 -30.88 -41.44
CA GLY D 319 44.80 -30.43 -42.57
C GLY D 319 45.36 -31.59 -43.36
N LYS D 384 41.83 -43.34 -46.75
CA LYS D 384 41.01 -42.86 -45.65
C LYS D 384 39.96 -41.86 -46.12
N THR D 385 38.71 -42.30 -46.20
CA THR D 385 37.61 -41.41 -46.56
C THR D 385 37.29 -40.48 -45.41
N PHE D 386 36.95 -39.24 -45.72
CA PHE D 386 36.67 -38.22 -44.73
C PHE D 386 35.26 -37.69 -44.90
N ASN D 387 34.66 -37.22 -43.80
CA ASN D 387 33.33 -36.63 -43.86
C ASN D 387 33.38 -35.28 -44.55
N SER D 388 32.31 -34.96 -45.27
CA SER D 388 32.18 -33.70 -45.98
C SER D 388 31.09 -32.85 -45.32
N VAL D 389 30.93 -31.63 -45.83
CA VAL D 389 29.86 -30.77 -45.34
C VAL D 389 28.53 -31.27 -45.89
N SER D 390 27.45 -30.79 -45.28
CA SER D 390 26.11 -31.28 -45.59
C SER D 390 25.44 -30.38 -46.61
N LYS D 391 24.85 -30.98 -47.64
CA LYS D 391 23.98 -30.25 -48.54
C LYS D 391 22.72 -29.78 -47.82
N ILE D 392 22.29 -30.50 -46.78
CA ILE D 392 21.16 -30.05 -45.97
C ILE D 392 21.55 -28.79 -45.21
N ASP D 393 22.77 -28.75 -44.67
CA ASP D 393 23.24 -27.57 -43.96
C ASP D 393 23.60 -26.45 -44.93
N ARG D 394 24.02 -26.79 -46.14
CA ARG D 394 24.37 -25.76 -47.12
C ARG D 394 23.13 -25.00 -47.58
N LEU D 395 22.00 -25.70 -47.69
CA LEU D 395 20.74 -25.02 -48.03
C LEU D 395 20.20 -24.23 -46.85
N SER D 396 20.34 -24.77 -45.64
CA SER D 396 19.77 -24.16 -44.45
C SER D 396 20.58 -22.97 -43.96
N ARG D 397 21.81 -22.81 -44.46
CA ARG D 397 22.57 -21.59 -44.16
C ARG D 397 21.96 -20.39 -44.88
N ILE D 398 21.29 -20.63 -46.00
CA ILE D 398 20.68 -19.53 -46.75
C ILE D 398 19.18 -19.46 -46.50
N ALA D 399 18.49 -20.60 -46.50
CA ALA D 399 17.03 -20.60 -46.49
C ALA D 399 16.47 -20.22 -45.12
N PHE D 400 17.06 -20.74 -44.05
CA PHE D 400 16.58 -20.42 -42.71
C PHE D 400 16.74 -18.95 -42.30
N PRO D 401 17.85 -18.25 -42.56
CA PRO D 401 17.82 -16.78 -42.33
C PRO D 401 16.88 -16.03 -43.25
N LEU D 402 16.67 -16.54 -44.46
CA LEU D 402 15.83 -15.85 -45.44
C LEU D 402 14.35 -15.93 -45.05
N LEU D 403 13.89 -17.11 -44.69
CA LEU D 403 12.49 -17.29 -44.32
C LEU D 403 12.14 -16.64 -42.99
N PHE D 404 13.12 -16.33 -42.14
CA PHE D 404 12.85 -15.49 -40.99
C PHE D 404 12.75 -14.02 -41.37
N GLY D 405 13.54 -13.58 -42.35
CA GLY D 405 13.43 -12.20 -42.81
C GLY D 405 12.12 -11.94 -43.54
N ILE D 406 11.62 -12.94 -44.27
CA ILE D 406 10.35 -12.82 -44.96
C ILE D 406 9.20 -12.77 -43.95
N PHE D 407 9.26 -13.62 -42.92
CA PHE D 407 8.24 -13.60 -41.88
C PHE D 407 8.27 -12.30 -41.10
N ASN D 408 9.47 -11.80 -40.79
CA ASN D 408 9.55 -10.59 -39.98
C ASN D 408 9.16 -9.35 -40.78
N LEU D 409 9.28 -9.42 -42.11
CA LEU D 409 8.84 -8.30 -42.94
C LEU D 409 7.32 -8.28 -43.05
N VAL D 410 6.69 -9.46 -43.05
CA VAL D 410 5.24 -9.50 -43.24
C VAL D 410 4.51 -9.39 -41.90
N TYR D 411 5.19 -9.73 -40.80
CA TYR D 411 4.58 -9.57 -39.49
C TYR D 411 4.52 -8.10 -39.09
N TRP D 412 5.60 -7.36 -39.31
CA TRP D 412 5.63 -5.97 -38.90
C TRP D 412 4.83 -5.09 -39.86
N ALA D 413 4.65 -5.54 -41.11
CA ALA D 413 3.81 -4.79 -42.03
C ALA D 413 2.33 -4.98 -41.73
N THR D 414 1.97 -6.16 -41.24
CA THR D 414 0.55 -6.45 -40.96
C THR D 414 0.06 -5.70 -39.73
N TYR D 415 0.85 -5.72 -38.65
CA TYR D 415 0.38 -5.22 -37.37
C TYR D 415 0.74 -3.76 -37.11
N LEU D 416 1.99 -3.37 -37.39
CA LEU D 416 2.44 -2.03 -37.03
C LEU D 416 1.89 -0.96 -37.97
N ASN D 417 1.69 -1.29 -39.25
CA ASN D 417 1.17 -0.31 -40.19
C ASN D 417 -0.31 -0.01 -39.96
N ARG D 418 -1.12 -1.05 -39.77
CA ARG D 418 -2.53 -0.85 -39.42
C ARG D 418 -3.08 -2.06 -38.66
N GLU E 24 -40.34 25.53 3.69
CA GLU E 24 -41.75 25.17 3.56
C GLU E 24 -42.07 24.71 2.14
N GLY E 25 -43.35 24.57 1.85
CA GLY E 25 -43.80 24.12 0.54
C GLY E 25 -44.75 22.95 0.63
N ASP E 26 -44.54 21.94 -0.21
CA ASP E 26 -45.35 20.73 -0.21
C ASP E 26 -44.59 19.52 0.27
N VAL E 27 -43.39 19.28 -0.26
CA VAL E 27 -42.65 18.09 0.10
C VAL E 27 -41.95 18.27 1.44
N THR E 28 -41.64 19.51 1.81
CA THR E 28 -40.96 19.79 3.07
C THR E 28 -41.86 19.46 4.26
N VAL E 29 -43.11 19.93 4.22
CA VAL E 29 -44.04 19.65 5.32
C VAL E 29 -44.44 18.18 5.34
N ILE E 30 -44.47 17.52 4.18
CA ILE E 30 -44.76 16.10 4.12
C ILE E 30 -43.64 15.29 4.80
N LEU E 31 -42.38 15.63 4.49
CA LEU E 31 -41.26 14.93 5.11
C LEU E 31 -41.15 15.23 6.61
N ASN E 32 -41.39 16.48 7.00
CA ASN E 32 -41.34 16.86 8.40
C ASN E 32 -42.51 16.32 9.21
N ASN E 33 -43.62 15.97 8.55
CA ASN E 33 -44.71 15.28 9.23
C ASN E 33 -44.52 13.77 9.27
N LEU E 34 -43.84 13.20 8.27
CA LEU E 34 -43.50 11.78 8.33
C LEU E 34 -42.46 11.51 9.41
N LEU E 35 -41.48 12.39 9.56
CA LEU E 35 -40.34 12.10 10.44
C LEU E 35 -40.52 12.59 11.86
N GLU E 36 -41.66 13.18 12.21
CA GLU E 36 -41.94 13.50 13.59
C GLU E 36 -42.63 12.32 14.27
N GLY E 37 -42.19 11.99 15.49
CA GLY E 37 -42.70 10.81 16.17
C GLY E 37 -42.25 9.51 15.55
N TYR E 38 -41.10 9.51 14.87
CA TYR E 38 -40.58 8.34 14.18
C TYR E 38 -39.38 7.80 14.94
N ASP E 39 -39.38 6.51 15.22
CA ASP E 39 -38.23 5.81 15.78
C ASP E 39 -37.66 4.90 14.70
N ASN E 40 -36.43 5.17 14.29
CA ASN E 40 -35.74 4.30 13.34
C ASN E 40 -35.16 3.05 13.99
N LYS E 41 -35.23 2.94 15.31
CA LYS E 41 -34.75 1.74 15.99
C LYS E 41 -35.74 0.60 15.86
N LEU E 42 -37.03 0.90 15.82
CA LEU E 42 -38.06 -0.13 15.76
C LEU E 42 -38.46 -0.39 14.32
N ARG E 43 -38.46 -1.67 13.94
CA ARG E 43 -38.90 -2.07 12.60
C ARG E 43 -40.42 -1.90 12.48
N PRO E 44 -40.93 -1.75 11.25
CA PRO E 44 -42.38 -1.71 11.07
C PRO E 44 -43.03 -3.02 11.47
N ASP E 45 -44.15 -2.90 12.21
CA ASP E 45 -44.88 -4.00 12.83
C ASP E 45 -43.95 -4.83 13.72
N ILE E 46 -43.45 -4.15 14.76
CA ILE E 46 -42.48 -4.76 15.67
C ILE E 46 -43.12 -5.88 16.48
N GLY E 47 -44.40 -5.73 16.84
CA GLY E 47 -45.08 -6.75 17.59
C GLY E 47 -46.34 -7.23 16.92
N VAL E 48 -46.36 -7.25 15.59
CA VAL E 48 -47.55 -7.64 14.85
C VAL E 48 -47.25 -8.82 13.95
N LYS E 49 -46.31 -8.65 13.02
CA LYS E 49 -46.08 -9.62 11.97
C LYS E 49 -44.67 -9.43 11.44
N PRO E 50 -44.06 -10.46 10.83
CA PRO E 50 -42.75 -10.27 10.21
C PRO E 50 -42.79 -9.33 9.02
N THR E 51 -41.70 -8.60 8.84
CA THR E 51 -41.58 -7.63 7.76
C THR E 51 -41.16 -8.34 6.49
N LEU E 52 -42.00 -8.28 5.46
CA LEU E 52 -41.72 -8.95 4.20
C LEU E 52 -40.96 -8.00 3.30
N ILE E 53 -39.74 -8.39 2.92
CA ILE E 53 -38.85 -7.56 2.13
C ILE E 53 -38.63 -8.23 0.79
N HIS E 54 -38.95 -7.53 -0.30
CA HIS E 54 -38.72 -8.02 -1.64
C HIS E 54 -37.40 -7.44 -2.15
N THR E 55 -36.42 -8.31 -2.38
CA THR E 55 -35.12 -7.89 -2.82
C THR E 55 -34.98 -8.05 -4.33
N ASP E 56 -34.07 -7.30 -4.88
CA ASP E 56 -33.77 -7.44 -6.31
C ASP E 56 -32.29 -7.17 -6.41
N MET E 57 -31.70 -7.43 -7.54
CA MET E 57 -30.29 -7.22 -7.77
C MET E 57 -30.05 -6.99 -9.26
N TYR E 58 -29.01 -6.22 -9.60
CA TYR E 58 -28.63 -6.00 -11.02
C TYR E 58 -27.12 -6.05 -11.17
N VAL E 59 -26.56 -7.22 -11.47
CA VAL E 59 -25.08 -7.35 -11.53
C VAL E 59 -24.57 -6.44 -12.63
N ASN E 60 -23.42 -5.80 -12.40
CA ASN E 60 -22.84 -4.86 -13.39
C ASN E 60 -21.70 -5.55 -14.14
N SER E 61 -20.71 -6.08 -13.41
CA SER E 61 -19.57 -6.78 -14.04
C SER E 61 -18.92 -7.74 -13.04
N ILE E 62 -19.27 -9.03 -13.10
CA ILE E 62 -18.60 -10.02 -12.21
C ILE E 62 -17.09 -9.92 -12.45
N GLY E 63 -16.33 -9.56 -11.42
CA GLY E 63 -14.88 -9.33 -11.61
C GLY E 63 -14.04 -10.58 -11.58
N PRO E 64 -12.73 -10.49 -11.32
CA PRO E 64 -11.86 -11.66 -11.47
C PRO E 64 -12.13 -12.71 -10.40
N VAL E 65 -12.12 -13.97 -10.82
CA VAL E 65 -12.31 -15.09 -9.91
C VAL E 65 -10.91 -15.51 -9.47
N ASN E 66 -10.56 -15.16 -8.24
CA ASN E 66 -9.24 -15.45 -7.72
C ASN E 66 -9.21 -16.86 -7.13
N ALA E 67 -8.26 -17.68 -7.59
CA ALA E 67 -8.23 -19.08 -7.22
C ALA E 67 -7.27 -19.38 -6.09
N ILE E 68 -6.18 -18.62 -5.98
CA ILE E 68 -5.23 -18.82 -4.88
C ILE E 68 -5.83 -18.35 -3.56
N ASN E 69 -6.70 -17.35 -3.61
CA ASN E 69 -7.30 -16.79 -2.42
C ASN E 69 -8.76 -17.19 -2.24
N MET E 70 -9.34 -17.86 -3.25
CA MET E 70 -10.67 -18.46 -3.25
C MET E 70 -11.79 -17.44 -3.01
N GLU E 71 -11.87 -16.40 -3.84
CA GLU E 71 -13.02 -15.51 -3.84
C GLU E 71 -13.16 -14.89 -5.23
N TYR E 72 -14.31 -14.26 -5.46
CA TYR E 72 -14.59 -13.54 -6.69
C TYR E 72 -15.17 -12.18 -6.32
N THR E 73 -14.98 -11.21 -7.20
CA THR E 73 -15.47 -9.85 -6.99
C THR E 73 -16.74 -9.63 -7.81
N ILE E 74 -17.72 -8.96 -7.22
CA ILE E 74 -18.97 -8.70 -7.90
C ILE E 74 -19.41 -7.27 -7.59
N ASP E 75 -19.92 -6.59 -8.62
CA ASP E 75 -20.45 -5.24 -8.51
C ASP E 75 -21.93 -5.28 -8.87
N ILE E 76 -22.78 -4.87 -7.93
CA ILE E 76 -24.23 -5.00 -8.07
C ILE E 76 -24.91 -3.70 -7.71
N PHE E 77 -26.20 -3.62 -8.05
CA PHE E 77 -27.11 -2.58 -7.59
C PHE E 77 -28.14 -3.27 -6.70
N PHE E 78 -27.82 -3.41 -5.41
CA PHE E 78 -28.68 -4.14 -4.50
C PHE E 78 -29.87 -3.28 -4.09
N ALA E 79 -31.08 -3.72 -4.42
CA ALA E 79 -32.28 -2.97 -4.16
C ALA E 79 -33.23 -3.78 -3.27
N GLN E 80 -33.83 -3.11 -2.29
CA GLN E 80 -34.75 -3.74 -1.36
C GLN E 80 -36.05 -2.95 -1.33
N THR E 81 -37.15 -3.67 -1.13
CA THR E 81 -38.46 -3.04 -1.06
C THR E 81 -39.25 -3.64 0.09
N TRP E 82 -39.87 -2.79 0.91
CA TRP E 82 -40.70 -3.24 2.00
C TRP E 82 -41.83 -2.23 2.22
N TYR E 83 -42.60 -2.45 3.27
CA TYR E 83 -43.70 -1.58 3.63
C TYR E 83 -43.47 -1.01 5.02
N ASP E 84 -43.72 0.29 5.16
CA ASP E 84 -43.65 0.96 6.46
C ASP E 84 -44.91 1.80 6.58
N ARG E 85 -45.78 1.46 7.53
CA ARG E 85 -47.04 2.17 7.67
C ARG E 85 -46.87 3.55 8.27
N ARG E 86 -45.73 3.83 8.91
CA ARG E 86 -45.48 5.17 9.42
C ARG E 86 -45.11 6.15 8.32
N LEU E 87 -44.56 5.66 7.22
CA LEU E 87 -44.20 6.49 6.07
C LEU E 87 -45.34 6.57 5.06
N LYS E 88 -46.52 6.98 5.53
CA LYS E 88 -47.71 7.06 4.71
C LYS E 88 -48.19 8.51 4.68
N PHE E 89 -48.39 9.03 3.48
CA PHE E 89 -48.83 10.42 3.32
C PHE E 89 -49.94 10.48 2.29
N ASN E 90 -50.85 11.43 2.49
CA ASN E 90 -51.97 11.66 1.58
C ASN E 90 -51.81 13.03 0.94
N SER E 91 -51.43 13.04 -0.34
CA SER E 91 -51.28 14.29 -1.09
C SER E 91 -51.33 13.95 -2.57
N THR E 92 -51.18 14.99 -3.39
CA THR E 92 -51.14 14.80 -4.84
C THR E 92 -49.81 14.22 -5.29
N ILE E 93 -48.77 14.35 -4.48
CA ILE E 93 -47.48 13.77 -4.81
C ILE E 93 -47.55 12.26 -4.63
N LYS E 94 -47.14 11.52 -5.65
CA LYS E 94 -47.18 10.06 -5.59
C LYS E 94 -45.89 9.47 -5.04
N VAL E 95 -44.74 9.89 -5.56
CA VAL E 95 -43.44 9.35 -5.17
C VAL E 95 -42.58 10.48 -4.65
N LEU E 96 -41.94 10.25 -3.50
CA LEU E 96 -40.93 11.16 -2.97
C LEU E 96 -39.57 10.59 -3.38
N ARG E 97 -38.99 11.12 -4.45
CA ARG E 97 -37.69 10.68 -4.92
C ARG E 97 -36.62 11.43 -4.15
N LEU E 98 -35.95 10.74 -3.24
CA LEU E 98 -35.01 11.34 -2.32
C LEU E 98 -33.60 10.79 -2.55
N ASN E 99 -32.61 11.50 -2.05
CA ASN E 99 -31.21 11.10 -2.13
C ASN E 99 -30.85 10.31 -0.87
N SER E 100 -29.55 10.09 -0.67
CA SER E 100 -29.06 9.30 0.45
C SER E 100 -29.14 10.02 1.79
N ASN E 101 -29.49 11.31 1.83
CA ASN E 101 -29.57 12.04 3.09
C ASN E 101 -30.70 11.54 3.99
N MET E 102 -31.73 10.93 3.41
CA MET E 102 -32.88 10.46 4.16
C MET E 102 -32.75 9.01 4.60
N VAL E 103 -31.64 8.37 4.29
CA VAL E 103 -31.39 6.99 4.71
C VAL E 103 -31.16 6.98 6.22
N GLY E 104 -30.38 7.93 6.73
CA GLY E 104 -30.03 7.92 8.14
C GLY E 104 -31.16 8.26 9.10
N LYS E 105 -32.33 8.63 8.57
CA LYS E 105 -33.47 8.99 9.40
C LYS E 105 -34.53 7.91 9.50
N ILE E 106 -34.54 6.93 8.60
CA ILE E 106 -35.60 5.92 8.59
C ILE E 106 -35.02 4.54 8.89
N TRP E 107 -35.88 3.53 8.95
CA TRP E 107 -35.45 2.16 9.22
C TRP E 107 -35.05 1.44 7.95
N ILE E 108 -33.91 0.76 8.00
CA ILE E 108 -33.39 -0.07 6.91
C ILE E 108 -33.03 -1.43 7.49
N PRO E 109 -33.42 -2.54 6.84
CA PRO E 109 -33.00 -3.86 7.31
C PRO E 109 -31.50 -4.04 7.24
N ASP E 110 -30.98 -4.75 8.23
CA ASP E 110 -29.54 -4.98 8.38
C ASP E 110 -29.06 -6.14 7.52
N THR E 111 -29.22 -6.00 6.21
CA THR E 111 -28.86 -7.09 5.31
C THR E 111 -27.35 -7.16 5.15
N PHE E 112 -26.76 -8.30 5.52
CA PHE E 112 -25.34 -8.52 5.38
C PHE E 112 -25.13 -9.76 4.52
N PHE E 113 -23.97 -9.81 3.88
CA PHE E 113 -23.65 -10.90 2.96
C PHE E 113 -22.83 -11.94 3.70
N ARG E 114 -23.36 -13.16 3.79
CA ARG E 114 -22.86 -14.14 4.74
C ARG E 114 -21.53 -14.75 4.32
N ASN E 115 -21.16 -14.63 3.05
CA ASN E 115 -19.92 -15.21 2.56
C ASN E 115 -19.00 -14.17 1.96
N SER E 116 -19.13 -12.91 2.39
CA SER E 116 -18.31 -11.83 1.87
C SER E 116 -17.09 -11.65 2.78
N LYS E 117 -15.90 -11.75 2.19
CA LYS E 117 -14.68 -11.51 2.97
C LYS E 117 -14.47 -10.04 3.26
N LYS E 118 -14.76 -9.20 2.27
CA LYS E 118 -14.64 -7.74 2.42
C LYS E 118 -15.57 -7.10 1.40
N ALA E 119 -16.29 -6.05 1.78
CA ALA E 119 -17.14 -5.35 0.83
C ALA E 119 -17.26 -3.90 1.28
N ASP E 120 -17.58 -3.03 0.32
CA ASP E 120 -17.76 -1.62 0.62
C ASP E 120 -18.66 -1.01 -0.42
N ALA E 121 -19.47 -0.05 0.02
CA ALA E 121 -20.27 0.75 -0.90
C ALA E 121 -19.40 1.83 -1.51
N HIS E 122 -20.00 2.65 -2.37
CA HIS E 122 -19.28 3.70 -3.08
C HIS E 122 -19.76 5.06 -2.61
N TRP E 123 -18.82 5.96 -2.35
CA TRP E 123 -19.09 7.16 -1.56
C TRP E 123 -18.66 8.41 -2.31
N ILE E 124 -18.52 8.34 -3.63
CA ILE E 124 -18.01 9.46 -4.43
C ILE E 124 -18.99 9.68 -5.58
N THR E 125 -19.42 10.92 -5.78
CA THR E 125 -19.10 12.16 -5.08
C THR E 125 -20.02 12.36 -3.87
N THR E 126 -21.03 11.53 -3.82
CA THR E 126 -22.09 11.49 -2.82
C THR E 126 -22.26 10.01 -2.49
N PRO E 127 -22.77 9.66 -1.32
CA PRO E 127 -23.16 8.27 -1.06
C PRO E 127 -24.14 7.76 -2.11
N ASN E 128 -23.76 6.65 -2.76
CA ASN E 128 -24.46 6.11 -3.91
C ASN E 128 -25.64 5.28 -3.42
N ARG E 129 -26.65 5.97 -2.89
CA ARG E 129 -27.85 5.34 -2.36
C ARG E 129 -29.08 6.06 -2.89
N MET E 130 -30.16 5.32 -3.05
CA MET E 130 -31.43 5.84 -3.55
C MET E 130 -32.52 5.51 -2.54
N LEU E 131 -33.45 6.43 -2.37
CA LEU E 131 -34.57 6.21 -1.46
C LEU E 131 -35.82 6.81 -2.05
N ARG E 132 -36.82 5.98 -2.34
CA ARG E 132 -38.08 6.43 -2.90
C ARG E 132 -39.22 5.92 -2.04
N ILE E 133 -40.12 6.82 -1.65
CA ILE E 133 -41.25 6.50 -0.80
C ILE E 133 -42.53 6.80 -1.55
N TRP E 134 -43.39 5.80 -1.69
CA TRP E 134 -44.70 5.98 -2.30
C TRP E 134 -45.70 6.42 -1.25
N ASN E 135 -46.92 6.73 -1.68
CA ASN E 135 -47.91 7.26 -0.76
C ASN E 135 -48.62 6.17 0.05
N ASP E 136 -48.46 4.91 -0.32
CA ASP E 136 -49.07 3.83 0.45
C ASP E 136 -48.13 3.23 1.48
N GLY E 137 -46.93 3.81 1.65
CA GLY E 137 -45.96 3.30 2.58
C GLY E 137 -44.87 2.45 1.98
N ARG E 138 -44.92 2.20 0.68
CA ARG E 138 -43.91 1.37 0.03
C ARG E 138 -42.62 2.16 -0.10
N VAL E 139 -41.51 1.53 0.30
CA VAL E 139 -40.19 2.16 0.32
C VAL E 139 -39.25 1.32 -0.54
N LEU E 140 -38.56 1.98 -1.48
CA LEU E 140 -37.54 1.34 -2.29
C LEU E 140 -36.20 1.93 -1.92
N TYR E 141 -35.21 1.06 -1.68
CA TYR E 141 -33.91 1.49 -1.19
C TYR E 141 -32.83 0.74 -1.98
N THR E 142 -32.10 1.46 -2.82
CA THR E 142 -31.11 0.88 -3.72
C THR E 142 -29.75 1.48 -3.42
N LEU E 143 -28.73 0.63 -3.36
CA LEU E 143 -27.37 1.09 -3.12
C LEU E 143 -26.40 0.28 -3.96
N ARG E 144 -25.22 0.84 -4.20
CA ARG E 144 -24.21 0.23 -5.05
C ARG E 144 -23.15 -0.41 -4.18
N LEU E 145 -22.83 -1.67 -4.46
CA LEU E 145 -21.95 -2.46 -3.61
C LEU E 145 -20.91 -3.19 -4.45
N THR E 146 -19.72 -3.37 -3.88
CA THR E 146 -18.66 -4.16 -4.47
C THR E 146 -18.24 -5.22 -3.45
N ILE E 147 -18.48 -6.48 -3.77
CA ILE E 147 -18.41 -7.57 -2.80
C ILE E 147 -17.39 -8.60 -3.23
N ASP E 148 -16.46 -8.94 -2.32
CA ASP E 148 -15.54 -10.05 -2.49
C ASP E 148 -16.14 -11.26 -1.77
N ALA E 149 -16.93 -12.04 -2.49
CA ALA E 149 -17.66 -13.14 -1.88
C ALA E 149 -16.85 -14.43 -1.94
N GLU E 150 -16.92 -15.28 -0.93
CA GLU E 150 -16.08 -16.52 -0.91
C GLU E 150 -16.71 -17.61 -1.78
N CYS E 151 -15.96 -18.12 -2.76
CA CYS E 151 -16.44 -19.25 -3.61
C CYS E 151 -15.48 -20.39 -3.30
N GLN E 152 -15.98 -21.57 -2.91
CA GLN E 152 -15.08 -22.70 -2.50
C GLN E 152 -14.64 -23.51 -3.71
N LEU E 153 -13.86 -22.91 -4.61
CA LEU E 153 -13.50 -23.58 -5.88
C LEU E 153 -12.68 -24.85 -5.65
N GLN E 154 -13.20 -26.02 -6.05
CA GLN E 154 -12.44 -27.28 -5.96
C GLN E 154 -11.46 -27.30 -7.12
N LEU E 155 -10.16 -27.36 -6.83
CA LEU E 155 -9.16 -27.24 -7.93
C LEU E 155 -8.80 -28.60 -8.54
N HIS E 156 -9.53 -29.66 -8.20
CA HIS E 156 -9.30 -30.93 -8.93
C HIS E 156 -9.88 -30.67 -10.32
N ASN E 157 -9.45 -31.39 -11.36
CA ASN E 157 -9.91 -31.12 -12.75
C ASN E 157 -9.20 -29.89 -13.30
N PHE E 158 -8.63 -29.05 -12.43
CA PHE E 158 -7.98 -27.80 -12.90
C PHE E 158 -6.79 -28.20 -13.76
N PRO E 159 -6.66 -27.64 -14.99
CA PRO E 159 -7.19 -26.34 -15.31
C PRO E 159 -8.50 -26.46 -16.09
N MET E 160 -9.16 -27.60 -15.97
CA MET E 160 -10.46 -27.80 -16.66
C MET E 160 -11.56 -27.88 -15.60
N ASP E 161 -11.72 -26.84 -14.78
CA ASP E 161 -12.70 -26.90 -13.66
C ASP E 161 -14.02 -26.22 -14.03
N GLU E 162 -15.07 -26.49 -13.26
CA GLU E 162 -16.37 -25.82 -13.46
C GLU E 162 -16.88 -25.51 -12.05
N HIS E 163 -17.44 -24.33 -11.83
CA HIS E 163 -17.80 -23.97 -10.43
C HIS E 163 -19.17 -23.29 -10.37
N SER E 164 -19.81 -23.32 -9.19
CA SER E 164 -21.09 -22.59 -8.98
C SER E 164 -20.81 -21.67 -7.79
N CYS E 165 -20.63 -20.38 -8.05
CA CYS E 165 -20.23 -19.44 -7.01
C CYS E 165 -21.46 -18.82 -6.36
N PRO E 166 -21.60 -18.91 -5.04
CA PRO E 166 -22.81 -18.39 -4.40
C PRO E 166 -22.67 -16.96 -3.94
N LEU E 167 -23.80 -16.33 -3.61
CA LEU E 167 -23.81 -15.02 -2.97
C LEU E 167 -24.97 -15.06 -1.98
N GLU E 168 -24.65 -15.34 -0.72
CA GLU E 168 -25.65 -15.53 0.32
C GLU E 168 -25.80 -14.26 1.13
N PHE E 169 -27.04 -13.82 1.33
CA PHE E 169 -27.30 -12.67 2.19
C PHE E 169 -28.49 -12.94 3.07
N SER E 170 -28.50 -12.30 4.24
CA SER E 170 -29.56 -12.46 5.22
C SER E 170 -29.51 -11.26 6.15
N SER E 171 -30.55 -11.11 6.95
CA SER E 171 -30.51 -10.10 8.00
C SER E 171 -29.62 -10.61 9.13
N TYR E 172 -28.94 -9.67 9.80
CA TYR E 172 -28.03 -10.09 10.86
C TYR E 172 -28.76 -10.33 12.17
N GLY E 173 -29.54 -9.36 12.62
CA GLY E 173 -30.11 -9.44 13.95
C GLY E 173 -31.53 -9.93 14.02
N TYR E 174 -32.30 -9.74 12.95
CA TYR E 174 -33.72 -10.06 12.97
C TYR E 174 -33.94 -11.49 12.51
N PRO E 175 -34.53 -12.36 13.33
CA PRO E 175 -34.75 -13.75 12.91
C PRO E 175 -35.90 -13.91 11.92
N ARG E 176 -36.28 -15.17 11.66
CA ARG E 176 -37.35 -15.48 10.72
C ARG E 176 -38.70 -14.93 11.19
N GLU E 177 -38.89 -14.81 12.50
CA GLU E 177 -40.13 -14.28 13.05
C GLU E 177 -40.26 -12.77 12.91
N GLU E 178 -39.21 -12.07 12.46
CA GLU E 178 -39.24 -10.62 12.37
C GLU E 178 -38.97 -10.07 10.99
N ILE E 179 -38.06 -10.66 10.22
CA ILE E 179 -37.84 -10.28 8.83
C ILE E 179 -37.87 -11.54 7.97
N VAL E 180 -38.76 -11.57 6.99
CA VAL E 180 -38.83 -12.64 6.00
C VAL E 180 -38.46 -12.03 4.65
N TYR E 181 -37.33 -12.45 4.10
CA TYR E 181 -36.95 -12.02 2.77
C TYR E 181 -37.65 -12.87 1.72
N GLN E 182 -37.79 -12.30 0.51
CA GLN E 182 -38.48 -13.02 -0.60
C GLN E 182 -37.87 -12.56 -1.93
N TRP E 183 -37.94 -13.39 -2.98
CA TRP E 183 -37.35 -13.06 -4.30
C TRP E 183 -38.41 -12.53 -5.26
N LYS E 184 -38.06 -11.58 -6.13
CA LYS E 184 -39.01 -11.11 -7.17
C LYS E 184 -38.84 -12.06 -8.37
N ARG E 185 -39.84 -12.13 -9.28
CA ARG E 185 -39.68 -13.14 -10.36
C ARG E 185 -38.47 -12.79 -11.24
N SER E 186 -38.33 -11.52 -11.62
CA SER E 186 -37.19 -11.09 -12.46
C SER E 186 -36.24 -10.23 -11.61
N SER E 187 -35.99 -10.64 -10.37
CA SER E 187 -35.14 -9.84 -9.45
C SER E 187 -33.71 -9.73 -9.99
N VAL E 188 -33.04 -10.88 -10.20
CA VAL E 188 -31.61 -10.86 -10.61
C VAL E 188 -31.50 -10.37 -12.05
N GLU E 189 -30.80 -9.25 -12.25
CA GLU E 189 -30.59 -8.71 -13.63
C GLU E 189 -29.09 -8.66 -13.89
N VAL E 190 -28.60 -9.47 -14.82
CA VAL E 190 -27.14 -9.41 -15.18
C VAL E 190 -26.93 -8.25 -16.16
N GLY E 191 -25.71 -8.08 -16.66
CA GLY E 191 -25.44 -6.92 -17.55
C GLY E 191 -25.32 -7.32 -19.01
N ASP E 192 -24.23 -6.91 -19.67
CA ASP E 192 -23.99 -7.30 -21.10
C ASP E 192 -23.14 -8.57 -21.13
N THR E 193 -22.54 -8.94 -19.99
CA THR E 193 -21.74 -10.19 -19.89
C THR E 193 -20.48 -10.08 -20.77
N ARG E 194 -20.11 -8.87 -21.18
CA ARG E 194 -18.83 -8.70 -21.94
C ARG E 194 -17.97 -7.66 -21.24
N SER E 195 -18.58 -6.75 -20.48
CA SER E 195 -17.78 -5.79 -19.66
C SER E 195 -17.30 -6.55 -18.42
N TRP E 196 -17.80 -7.77 -18.23
CA TRP E 196 -17.40 -8.60 -17.08
C TRP E 196 -15.93 -8.96 -17.24
N ARG E 197 -15.14 -8.78 -16.19
CA ARG E 197 -13.69 -9.04 -16.27
C ARG E 197 -13.41 -10.55 -16.15
N LEU E 198 -14.45 -11.38 -16.22
CA LEU E 198 -14.21 -12.84 -16.21
C LEU E 198 -13.33 -13.13 -17.42
N TYR E 199 -12.08 -13.56 -17.20
CA TYR E 199 -11.15 -13.77 -18.33
C TYR E 199 -11.17 -15.23 -18.77
N GLN E 200 -10.68 -16.14 -17.94
CA GLN E 200 -10.60 -17.56 -18.25
C GLN E 200 -11.91 -18.30 -18.01
N PHE E 201 -12.91 -17.65 -17.42
CA PHE E 201 -14.19 -18.26 -17.15
C PHE E 201 -15.25 -17.71 -18.09
N SER E 202 -16.48 -18.18 -17.91
CA SER E 202 -17.61 -17.66 -18.72
C SER E 202 -18.93 -17.92 -18.00
N PHE E 203 -19.65 -16.88 -17.61
CA PHE E 203 -20.93 -17.04 -16.87
C PHE E 203 -21.85 -17.94 -17.70
N VAL E 204 -22.25 -19.08 -17.13
CA VAL E 204 -23.13 -20.03 -17.86
C VAL E 204 -24.59 -19.67 -17.56
N GLY E 205 -24.87 -19.26 -16.33
CA GLY E 205 -26.22 -18.91 -15.96
C GLY E 205 -26.33 -18.61 -14.48
N LEU E 206 -27.56 -18.44 -14.03
CA LEU E 206 -27.83 -18.08 -12.64
C LEU E 206 -29.08 -18.79 -12.16
N ARG E 207 -29.11 -18.99 -10.83
CA ARG E 207 -30.27 -19.61 -10.16
C ARG E 207 -30.34 -18.99 -8.76
N ASN E 208 -31.54 -18.63 -8.31
CA ASN E 208 -31.73 -18.00 -6.99
C ASN E 208 -32.45 -19.01 -6.09
N THR E 209 -32.04 -19.15 -4.83
CA THR E 209 -32.76 -20.06 -3.89
C THR E 209 -32.94 -19.38 -2.53
N THR E 210 -33.83 -19.93 -1.70
CA THR E 210 -34.04 -19.39 -0.36
C THR E 210 -34.18 -20.55 0.62
N GLU E 211 -33.74 -20.32 1.85
CA GLU E 211 -33.73 -21.37 2.86
C GLU E 211 -33.66 -20.72 4.24
N VAL E 212 -33.93 -21.53 5.26
CA VAL E 212 -33.87 -21.10 6.65
C VAL E 212 -32.72 -21.82 7.32
N VAL E 213 -31.77 -21.05 7.84
CA VAL E 213 -30.63 -21.60 8.56
C VAL E 213 -30.94 -21.51 10.04
N LYS E 214 -30.33 -22.37 10.85
CA LYS E 214 -30.49 -22.32 12.29
C LYS E 214 -29.15 -22.02 12.94
N THR E 215 -29.09 -20.88 13.64
CA THR E 215 -27.84 -20.46 14.33
C THR E 215 -28.09 -20.42 15.84
N THR E 216 -27.10 -19.95 16.60
CA THR E 216 -27.24 -19.85 18.08
C THR E 216 -28.34 -18.85 18.43
N SER E 217 -28.36 -17.69 17.77
CA SER E 217 -29.35 -16.63 18.09
C SER E 217 -30.77 -17.06 17.73
N GLY E 218 -30.96 -17.64 16.53
CA GLY E 218 -32.31 -18.04 16.09
C GLY E 218 -32.33 -18.51 14.65
N ASP E 219 -33.51 -18.57 14.02
CA ASP E 219 -33.62 -19.01 12.64
C ASP E 219 -33.69 -17.81 11.71
N TYR E 220 -32.88 -17.83 10.66
CA TYR E 220 -32.78 -16.70 9.74
C TYR E 220 -33.06 -17.15 8.33
N VAL E 221 -33.73 -16.29 7.56
CA VAL E 221 -34.02 -16.55 6.15
C VAL E 221 -32.80 -16.15 5.33
N VAL E 222 -32.24 -17.11 4.61
CA VAL E 222 -31.02 -16.89 3.84
C VAL E 222 -31.36 -16.99 2.35
N MET E 223 -30.98 -15.97 1.59
CA MET E 223 -31.23 -15.88 0.17
C MET E 223 -29.91 -16.05 -0.56
N SER E 224 -29.87 -16.97 -1.52
CA SER E 224 -28.65 -17.29 -2.23
C SER E 224 -28.82 -17.07 -3.72
N VAL E 225 -27.77 -16.58 -4.37
CA VAL E 225 -27.71 -16.47 -5.82
C VAL E 225 -26.50 -17.26 -6.28
N TYR E 226 -26.72 -18.27 -7.11
CA TYR E 226 -25.65 -19.12 -7.61
C TYR E 226 -25.25 -18.66 -8.99
N PHE E 227 -23.95 -18.42 -9.19
CA PHE E 227 -23.40 -17.99 -10.46
C PHE E 227 -22.63 -19.14 -11.07
N ASP E 228 -23.14 -19.71 -12.15
CA ASP E 228 -22.50 -20.84 -12.82
C ASP E 228 -21.40 -20.34 -13.72
N LEU E 229 -20.16 -20.72 -13.41
CA LEU E 229 -18.99 -20.33 -14.21
C LEU E 229 -18.26 -21.58 -14.67
N SER E 230 -17.94 -21.62 -15.96
CA SER E 230 -17.17 -22.72 -16.54
C SER E 230 -15.88 -22.15 -17.11
N ARG E 231 -14.76 -22.85 -16.86
CA ARG E 231 -13.42 -22.31 -17.23
C ARG E 231 -13.06 -22.45 -18.70
N ARG E 232 -12.01 -21.76 -19.14
CA ARG E 232 -11.47 -21.86 -20.52
C ARG E 232 -9.97 -22.12 -20.36
N MET E 233 -9.43 -23.20 -20.91
CA MET E 233 -8.00 -23.56 -20.67
C MET E 233 -7.04 -22.86 -21.64
N GLY E 234 -7.56 -22.09 -22.60
CA GLY E 234 -6.68 -21.48 -23.61
C GLY E 234 -5.44 -20.86 -22.98
N TYR E 235 -5.57 -20.35 -21.76
CA TYR E 235 -4.43 -19.69 -21.07
C TYR E 235 -3.38 -20.74 -20.68
N PHE E 236 -3.78 -21.81 -20.00
CA PHE E 236 -2.76 -22.77 -19.50
C PHE E 236 -2.17 -23.57 -20.66
N THR E 237 -2.91 -23.73 -21.75
CA THR E 237 -2.34 -24.42 -22.93
C THR E 237 -1.01 -23.76 -23.27
N ILE E 238 -0.95 -22.43 -23.29
CA ILE E 238 0.29 -21.72 -23.58
C ILE E 238 1.12 -21.53 -22.31
N GLN E 239 0.54 -21.74 -21.13
CA GLN E 239 1.33 -21.67 -19.90
C GLN E 239 2.14 -22.95 -19.70
N THR E 240 1.45 -24.09 -19.55
CA THR E 240 2.17 -25.27 -19.11
C THR E 240 2.00 -26.48 -20.03
N TYR E 241 0.90 -26.54 -20.77
CA TYR E 241 0.64 -27.77 -21.57
C TYR E 241 1.56 -27.81 -22.79
N ILE E 242 1.25 -27.00 -23.81
CA ILE E 242 2.15 -26.95 -25.01
C ILE E 242 3.60 -26.91 -24.52
N PRO E 243 4.02 -25.94 -23.68
CA PRO E 243 5.43 -25.84 -23.28
C PRO E 243 6.01 -27.18 -22.83
N CYS E 244 5.27 -27.93 -22.01
CA CYS E 244 5.83 -29.20 -21.48
C CYS E 244 5.83 -30.25 -22.60
N THR E 245 4.77 -30.29 -23.41
CA THR E 245 4.70 -31.22 -24.53
C THR E 245 5.85 -31.00 -25.51
N LEU E 246 6.26 -29.76 -25.74
CA LEU E 246 7.38 -29.54 -26.65
C LEU E 246 8.72 -29.93 -26.00
N ILE E 247 8.84 -29.78 -24.68
CA ILE E 247 10.02 -30.26 -23.98
C ILE E 247 10.12 -31.79 -24.07
N VAL E 248 9.00 -32.50 -23.88
CA VAL E 248 9.09 -33.95 -23.98
C VAL E 248 9.17 -34.43 -25.43
N VAL E 249 8.79 -33.58 -26.40
CA VAL E 249 9.13 -33.89 -27.80
C VAL E 249 10.63 -33.76 -28.01
N LEU E 250 11.25 -32.72 -27.42
CA LEU E 250 12.70 -32.59 -27.44
C LEU E 250 13.40 -33.72 -26.68
N SER E 251 12.68 -34.36 -25.75
CA SER E 251 13.22 -35.55 -25.11
C SER E 251 13.30 -36.72 -26.10
N TRP E 252 12.39 -36.77 -27.07
CA TRP E 252 12.33 -37.93 -27.95
C TRP E 252 13.27 -37.83 -29.14
N VAL E 253 13.97 -36.71 -29.33
CA VAL E 253 14.94 -36.63 -30.42
C VAL E 253 16.28 -37.24 -30.03
N SER E 254 16.59 -37.50 -28.78
CA SER E 254 17.82 -38.15 -28.34
C SER E 254 18.01 -39.49 -29.04
N PHE E 255 16.92 -40.16 -29.41
CA PHE E 255 17.01 -41.49 -30.03
C PHE E 255 17.58 -41.41 -31.44
N TRP E 256 17.42 -40.27 -32.10
CA TRP E 256 18.00 -40.06 -33.43
C TRP E 256 19.49 -39.74 -33.38
N ILE E 257 20.03 -39.43 -32.21
CA ILE E 257 21.45 -39.17 -32.06
C ILE E 257 22.18 -40.50 -31.86
N ASN E 258 23.37 -40.60 -32.44
CA ASN E 258 24.15 -41.84 -32.42
C ASN E 258 24.61 -42.17 -31.01
N LYS E 259 24.81 -43.47 -30.77
CA LYS E 259 25.04 -43.96 -29.41
C LYS E 259 26.45 -43.65 -28.91
N ASP E 260 27.39 -43.35 -29.81
CA ASP E 260 28.74 -43.05 -29.35
C ASP E 260 28.89 -41.62 -28.87
N ALA E 261 27.92 -40.75 -29.17
CA ALA E 261 27.96 -39.35 -28.71
C ALA E 261 27.36 -39.30 -27.31
N VAL E 262 28.15 -39.71 -26.33
CA VAL E 262 27.73 -39.78 -24.94
C VAL E 262 27.54 -38.41 -24.29
N PRO E 263 28.49 -37.43 -24.34
CA PRO E 263 28.21 -36.14 -23.68
C PRO E 263 27.06 -35.36 -24.28
N ALA E 264 26.84 -35.51 -25.59
CA ALA E 264 25.72 -34.84 -26.27
C ALA E 264 24.38 -35.32 -25.72
N ARG E 265 24.19 -36.64 -25.69
CA ARG E 265 22.91 -37.20 -25.28
C ARG E 265 22.69 -37.06 -23.77
N THR E 266 23.76 -37.13 -22.97
CA THR E 266 23.54 -36.91 -21.54
C THR E 266 23.33 -35.43 -21.23
N SER E 267 23.87 -34.51 -22.04
CA SER E 267 23.58 -33.09 -21.85
C SER E 267 22.13 -32.79 -22.21
N LEU E 268 21.65 -33.39 -23.30
CA LEU E 268 20.23 -33.31 -23.66
C LEU E 268 19.35 -33.87 -22.55
N GLY E 269 19.77 -34.99 -21.96
CA GLY E 269 19.00 -35.61 -20.89
C GLY E 269 18.93 -34.76 -19.63
N ILE E 270 20.07 -34.22 -19.20
CA ILE E 270 20.08 -33.45 -17.95
C ILE E 270 19.35 -32.12 -18.14
N THR E 271 19.45 -31.51 -19.33
CA THR E 271 18.70 -30.28 -19.58
C THR E 271 17.20 -30.53 -19.59
N THR E 272 16.76 -31.65 -20.20
CA THR E 272 15.34 -31.99 -20.22
C THR E 272 14.80 -32.23 -18.81
N VAL E 273 15.55 -32.96 -17.97
CA VAL E 273 15.00 -33.27 -16.64
C VAL E 273 15.04 -32.05 -15.73
N LEU E 274 16.07 -31.19 -15.83
CA LEU E 274 16.11 -30.01 -14.98
C LEU E 274 15.03 -29.01 -15.40
N THR E 275 14.76 -28.90 -16.69
CA THR E 275 13.70 -27.99 -17.10
C THR E 275 12.31 -28.57 -16.90
N MET E 276 12.18 -29.91 -16.85
CA MET E 276 10.91 -30.47 -16.44
C MET E 276 10.64 -30.20 -14.96
N THR E 277 11.69 -30.26 -14.13
CA THR E 277 11.55 -29.85 -12.73
C THR E 277 11.24 -28.37 -12.62
N THR E 278 11.87 -27.54 -13.46
CA THR E 278 11.64 -26.10 -13.44
C THR E 278 10.21 -25.76 -13.86
N LEU E 279 9.69 -26.43 -14.87
CA LEU E 279 8.33 -26.17 -15.32
C LEU E 279 7.31 -26.78 -14.36
N SER E 280 7.69 -27.82 -13.62
CA SER E 280 6.86 -28.30 -12.52
C SER E 280 6.79 -27.25 -11.40
N THR E 281 7.91 -26.58 -11.13
CA THR E 281 7.94 -25.55 -10.09
C THR E 281 7.14 -24.31 -10.52
N ILE E 282 7.29 -23.89 -11.78
CA ILE E 282 6.69 -22.65 -12.26
C ILE E 282 5.17 -22.78 -12.36
N ALA E 283 4.68 -23.91 -12.88
CA ALA E 283 3.24 -24.10 -13.03
C ALA E 283 2.54 -24.29 -11.69
N ARG E 284 3.30 -24.67 -10.65
CA ARG E 284 2.73 -24.79 -9.31
C ARG E 284 2.52 -23.42 -8.66
N LYS E 285 3.22 -22.39 -9.15
CA LYS E 285 3.07 -21.05 -8.58
C LYS E 285 1.68 -20.47 -8.85
N SER E 286 1.08 -20.84 -9.98
CA SER E 286 -0.27 -20.38 -10.28
C SER E 286 -1.30 -21.07 -9.39
N LEU E 287 -1.04 -22.32 -9.02
CA LEU E 287 -1.95 -23.05 -8.15
C LEU E 287 -1.72 -22.65 -6.69
N PRO E 288 -2.76 -22.72 -5.86
CA PRO E 288 -2.57 -22.50 -4.42
C PRO E 288 -1.97 -23.74 -3.76
N LYS E 289 -1.74 -23.63 -2.46
CA LYS E 289 -1.03 -24.65 -1.69
C LYS E 289 -2.02 -25.71 -1.18
N VAL E 290 -2.52 -26.51 -2.11
CA VAL E 290 -3.45 -27.58 -1.79
C VAL E 290 -2.70 -28.91 -1.76
N SER E 291 -3.29 -29.88 -1.07
CA SER E 291 -2.61 -31.15 -0.84
C SER E 291 -2.82 -32.13 -1.98
N TYR E 292 -4.03 -32.16 -2.55
CA TYR E 292 -4.38 -33.17 -3.54
C TYR E 292 -3.74 -32.84 -4.90
N VAL E 293 -3.78 -33.80 -5.79
CA VAL E 293 -3.18 -33.69 -7.12
C VAL E 293 -4.23 -33.22 -8.11
N THR E 294 -3.81 -32.44 -9.09
CA THR E 294 -4.67 -31.96 -10.16
C THR E 294 -4.34 -32.70 -11.45
N ALA E 295 -5.15 -32.45 -12.48
CA ALA E 295 -4.90 -33.06 -13.78
C ALA E 295 -3.67 -32.44 -14.45
N MET E 296 -3.41 -31.17 -14.20
CA MET E 296 -2.18 -30.53 -14.70
C MET E 296 -0.95 -31.14 -14.03
N ASP E 297 -1.03 -31.38 -12.71
CA ASP E 297 0.07 -32.03 -12.01
C ASP E 297 0.23 -33.48 -12.43
N LEU E 298 -0.88 -34.15 -12.75
CA LEU E 298 -0.80 -35.51 -13.28
C LEU E 298 -0.13 -35.54 -14.65
N PHE E 299 -0.44 -34.55 -15.50
CA PHE E 299 0.22 -34.43 -16.80
C PHE E 299 1.72 -34.14 -16.65
N VAL E 300 2.07 -33.28 -15.70
CA VAL E 300 3.47 -32.96 -15.42
C VAL E 300 4.21 -34.20 -14.94
N SER E 301 3.58 -34.98 -14.05
CA SER E 301 4.19 -36.21 -13.55
C SER E 301 4.34 -37.26 -14.65
N VAL E 302 3.36 -37.38 -15.55
CA VAL E 302 3.47 -38.33 -16.65
C VAL E 302 4.58 -37.92 -17.61
N CYS E 303 4.71 -36.63 -17.90
CA CYS E 303 5.81 -36.16 -18.74
C CYS E 303 7.16 -36.37 -18.07
N PHE E 304 7.23 -36.17 -16.75
CA PHE E 304 8.49 -36.37 -16.04
C PHE E 304 8.90 -37.85 -16.01
N ILE E 305 7.94 -38.75 -15.82
CA ILE E 305 8.31 -40.16 -15.80
C ILE E 305 8.60 -40.64 -17.23
N PHE E 306 8.00 -40.00 -18.24
CA PHE E 306 8.35 -40.33 -19.63
C PHE E 306 9.77 -39.93 -19.96
N VAL E 307 10.18 -38.71 -19.58
CA VAL E 307 11.55 -38.29 -19.89
C VAL E 307 12.56 -39.06 -19.03
N PHE E 308 12.19 -39.41 -17.79
CA PHE E 308 13.08 -40.21 -16.95
C PHE E 308 13.23 -41.62 -17.50
N SER E 309 12.14 -42.19 -18.04
CA SER E 309 12.22 -43.48 -18.72
C SER E 309 13.09 -43.41 -19.96
N ALA E 310 13.03 -42.28 -20.69
CA ALA E 310 13.89 -42.10 -21.86
C ALA E 310 15.37 -42.04 -21.48
N LEU E 311 15.69 -41.33 -20.40
CA LEU E 311 17.08 -41.26 -19.93
C LEU E 311 17.57 -42.61 -19.44
N VAL E 312 16.75 -43.36 -18.71
CA VAL E 312 17.26 -44.66 -18.23
C VAL E 312 17.29 -45.68 -19.35
N GLU E 313 16.46 -45.51 -20.39
CA GLU E 313 16.57 -46.37 -21.58
C GLU E 313 17.86 -46.10 -22.34
N TYR E 314 18.22 -44.81 -22.49
CA TYR E 314 19.50 -44.48 -23.12
C TYR E 314 20.67 -44.97 -22.28
N GLY E 315 20.57 -44.86 -20.95
CA GLY E 315 21.62 -45.37 -20.09
C GLY E 315 21.80 -46.87 -20.22
N THR E 316 20.69 -47.62 -20.21
CA THR E 316 20.73 -49.07 -20.36
C THR E 316 21.29 -49.47 -21.73
N LEU E 317 20.95 -48.73 -22.78
CA LEU E 317 21.55 -48.97 -24.10
C LEU E 317 23.05 -48.73 -24.09
N HIS E 318 23.50 -47.68 -23.40
CA HIS E 318 24.92 -47.38 -23.31
C HIS E 318 25.68 -48.44 -22.54
N TYR E 319 25.06 -48.99 -21.49
CA TYR E 319 25.75 -50.03 -20.73
C TYR E 319 25.70 -51.37 -21.47
N PHE E 320 24.70 -51.55 -22.33
CA PHE E 320 24.63 -52.76 -23.15
C PHE E 320 25.68 -52.74 -24.25
N VAL E 321 25.89 -51.58 -24.89
CA VAL E 321 26.85 -51.53 -25.98
C VAL E 321 28.28 -51.54 -25.45
N SER E 322 28.47 -51.10 -24.21
CA SER E 322 29.80 -51.12 -23.59
C SER E 322 30.04 -52.44 -22.88
N MET E 410 17.58 -51.54 -29.57
CA MET E 410 16.41 -51.13 -28.74
C MET E 410 16.18 -49.63 -28.94
N ASP E 411 17.17 -48.94 -29.52
CA ASP E 411 17.01 -47.50 -29.80
C ASP E 411 15.86 -47.32 -30.79
N SER E 412 15.87 -48.08 -31.89
CA SER E 412 14.76 -48.01 -32.87
C SER E 412 13.47 -48.48 -32.19
N TYR E 413 13.58 -49.48 -31.32
CA TYR E 413 12.38 -50.02 -30.63
C TYR E 413 11.69 -48.85 -29.92
N ALA E 414 12.48 -48.04 -29.23
CA ALA E 414 11.90 -46.86 -28.56
C ALA E 414 11.52 -45.83 -29.61
N ARG E 415 12.19 -45.87 -30.77
CA ARG E 415 11.92 -44.82 -31.75
C ARG E 415 10.46 -44.75 -32.14
N ILE E 416 9.68 -45.79 -31.85
CA ILE E 416 8.26 -45.81 -32.18
C ILE E 416 7.44 -45.83 -30.89
N PHE E 417 7.96 -46.52 -29.86
CA PHE E 417 7.19 -46.79 -28.65
C PHE E 417 6.96 -45.52 -27.83
N PHE E 418 8.00 -44.70 -27.68
CA PHE E 418 7.88 -43.51 -26.83
C PHE E 418 7.02 -42.39 -27.43
N PRO E 419 7.04 -42.10 -28.75
CA PRO E 419 5.98 -41.21 -29.28
C PRO E 419 4.57 -41.79 -29.18
N THR E 420 4.43 -43.11 -29.30
CA THR E 420 3.09 -43.71 -29.33
C THR E 420 2.48 -43.77 -27.93
N ALA E 421 3.32 -43.95 -26.90
CA ALA E 421 2.81 -44.05 -25.53
C ALA E 421 2.23 -42.73 -25.06
N PHE E 422 2.82 -41.61 -25.50
CA PHE E 422 2.26 -40.30 -25.19
C PHE E 422 1.02 -40.01 -26.02
N CYS E 423 0.99 -40.53 -27.26
CA CYS E 423 -0.15 -40.30 -28.13
C CYS E 423 -1.39 -41.03 -27.65
N LEU E 424 -1.21 -42.24 -27.10
CA LEU E 424 -2.34 -42.93 -26.48
C LEU E 424 -2.69 -42.31 -25.14
N PHE E 425 -1.71 -41.72 -24.46
CA PHE E 425 -1.97 -41.06 -23.18
C PHE E 425 -2.85 -39.81 -23.37
N ASN E 426 -2.58 -39.04 -24.42
CA ASN E 426 -3.34 -37.80 -24.65
C ASN E 426 -4.78 -38.11 -25.03
N LEU E 427 -5.01 -39.22 -25.71
CA LEU E 427 -6.38 -39.67 -25.95
C LEU E 427 -7.03 -40.15 -24.65
N VAL E 428 -6.24 -40.75 -23.76
CA VAL E 428 -6.75 -41.15 -22.45
C VAL E 428 -7.01 -39.92 -21.58
N TYR E 429 -6.07 -38.98 -21.57
CA TYR E 429 -6.12 -37.85 -20.63
C TYR E 429 -7.24 -36.88 -20.97
N TRP E 430 -7.37 -36.50 -22.25
CA TRP E 430 -8.30 -35.44 -22.61
C TRP E 430 -9.75 -35.95 -22.64
N VAL E 431 -9.97 -37.20 -23.01
CA VAL E 431 -11.33 -37.74 -23.04
C VAL E 431 -11.85 -37.94 -21.62
N SER E 432 -11.01 -38.43 -20.71
CA SER E 432 -11.46 -38.71 -19.35
C SER E 432 -11.70 -37.42 -18.56
N TYR E 433 -10.98 -36.35 -18.92
CA TYR E 433 -11.15 -35.06 -18.21
C TYR E 433 -12.05 -34.13 -19.01
N LEU E 434 -12.45 -34.55 -20.22
CA LEU E 434 -13.37 -33.74 -21.05
C LEU E 434 -14.37 -34.67 -21.76
N ASN F 1 24.67 -3.50 41.53
CA ASN F 1 24.30 -2.09 41.64
C ASN F 1 25.19 -1.22 40.76
N ILE F 2 24.88 0.07 40.73
CA ILE F 2 25.68 1.05 39.99
C ILE F 2 26.70 1.64 40.96
N VAL F 3 27.96 1.67 40.55
CA VAL F 3 29.06 2.09 41.42
C VAL F 3 29.56 3.45 40.94
N MET F 4 29.53 4.43 41.84
CA MET F 4 30.04 5.77 41.55
C MET F 4 31.48 5.88 42.04
N THR F 5 32.39 6.29 41.15
CA THR F 5 33.83 6.31 41.41
C THR F 5 34.39 7.70 41.15
N GLN F 6 33.79 8.72 41.78
CA GLN F 6 34.29 10.08 41.61
C GLN F 6 35.67 10.26 42.23
N SER F 7 36.51 11.01 41.53
CA SER F 7 37.91 11.19 41.85
C SER F 7 38.27 12.65 41.64
N PRO F 8 39.24 13.20 42.40
CA PRO F 8 40.01 12.60 43.50
C PRO F 8 39.36 12.81 44.87
N LYS F 9 40.10 12.54 45.95
CA LYS F 9 39.54 12.73 47.28
C LYS F 9 39.43 14.21 47.64
N SER F 10 40.47 14.99 47.36
CA SER F 10 40.45 16.41 47.68
C SER F 10 41.42 17.13 46.75
N MET F 11 41.17 18.43 46.56
CA MET F 11 42.04 19.30 45.79
C MET F 11 42.27 20.57 46.60
N SER F 12 43.49 21.12 46.50
CA SER F 12 43.91 22.25 47.33
C SER F 12 44.52 23.34 46.46
N MET F 13 43.69 24.24 45.96
CA MET F 13 44.13 25.40 45.20
C MET F 13 43.53 26.67 45.77
N SER F 14 43.84 27.80 45.12
CA SER F 14 43.48 29.12 45.62
C SER F 14 42.12 29.55 45.04
N VAL F 15 41.81 30.83 45.21
CA VAL F 15 40.52 31.41 44.84
C VAL F 15 40.66 32.17 43.53
N GLY F 16 39.81 31.84 42.57
CA GLY F 16 39.72 32.59 41.33
C GLY F 16 40.24 31.90 40.10
N GLU F 17 40.14 30.57 40.00
CA GLU F 17 40.59 29.85 38.82
C GLU F 17 39.65 28.67 38.59
N ARG F 18 39.91 27.94 37.51
CA ARG F 18 39.01 26.88 37.06
C ARG F 18 39.43 25.56 37.68
N VAL F 19 38.48 24.88 38.31
CA VAL F 19 38.66 23.51 38.80
C VAL F 19 37.52 22.65 38.29
N THR F 20 37.87 21.47 37.78
CA THR F 20 36.89 20.51 37.29
C THR F 20 36.90 19.27 38.19
N LEU F 21 35.78 18.56 38.20
CA LEU F 21 35.64 17.29 38.90
C LEU F 21 35.35 16.20 37.88
N SER F 22 35.23 14.97 38.37
CA SER F 22 34.94 13.84 37.50
C SER F 22 34.13 12.81 38.26
N CYS F 23 33.14 12.22 37.59
CA CYS F 23 32.36 11.12 38.15
C CYS F 23 32.21 10.06 37.07
N LYS F 24 32.68 8.85 37.38
CA LYS F 24 32.70 7.75 36.43
C LYS F 24 31.76 6.66 36.91
N ALA F 25 30.91 6.17 36.00
CA ALA F 25 29.90 5.18 36.33
C ALA F 25 30.39 3.79 35.92
N SER F 26 30.07 2.78 36.72
CA SER F 26 30.43 1.42 36.37
C SER F 26 29.54 0.87 35.26
N GLU F 27 28.24 1.15 35.34
CA GLU F 27 27.26 0.70 34.37
C GLU F 27 26.59 1.96 33.83
N TYR F 28 25.87 1.81 32.70
CA TYR F 28 25.22 2.94 32.05
C TYR F 28 24.19 3.63 32.94
N VAL F 29 24.38 4.93 33.16
CA VAL F 29 23.34 5.81 33.65
C VAL F 29 23.22 6.97 32.64
N GLY F 30 22.05 7.12 32.05
CA GLY F 30 21.93 8.07 30.95
C GLY F 30 21.36 9.42 31.33
N THR F 31 22.27 10.36 31.61
CA THR F 31 21.89 11.75 31.96
C THR F 31 20.98 11.76 33.19
N TYR F 32 21.23 10.92 34.18
CA TYR F 32 20.43 10.98 35.41
C TYR F 32 21.32 11.14 36.63
N VAL F 33 22.44 11.84 36.52
CA VAL F 33 23.26 12.08 37.69
C VAL F 33 22.78 13.33 38.42
N SER F 34 23.33 13.53 39.62
CA SER F 34 23.05 14.72 40.40
C SER F 34 24.27 15.07 41.23
N TRP F 35 24.48 16.37 41.43
CA TRP F 35 25.62 16.88 42.18
C TRP F 35 25.13 17.70 43.38
N TYR F 36 25.74 17.48 44.52
CA TYR F 36 25.37 18.16 45.76
C TYR F 36 26.62 18.76 46.40
N GLN F 37 26.39 19.73 47.29
CA GLN F 37 27.46 20.31 48.09
C GLN F 37 27.26 19.91 49.54
N GLN F 38 28.38 19.85 50.27
CA GLN F 38 28.33 19.42 51.67
C GLN F 38 29.28 20.31 52.45
N LYS F 39 28.72 21.37 53.05
CA LYS F 39 29.48 22.18 53.99
C LYS F 39 29.66 21.40 55.29
N PRO F 40 30.67 21.74 56.08
CA PRO F 40 30.73 21.18 57.45
C PRO F 40 29.55 21.66 58.28
N GLU F 41 28.96 20.72 59.04
CA GLU F 41 27.77 20.92 59.89
C GLU F 41 26.60 21.47 59.08
N GLN F 42 26.30 20.81 57.95
CA GLN F 42 25.24 21.29 57.07
C GLN F 42 24.68 20.12 56.27
N SER F 43 23.37 20.17 56.04
CA SER F 43 22.70 19.20 55.18
C SER F 43 23.10 19.44 53.72
N PRO F 44 23.04 18.41 52.88
CA PRO F 44 23.35 18.60 51.46
C PRO F 44 22.30 19.45 50.75
N LYS F 45 22.76 20.15 49.71
CA LYS F 45 21.92 20.98 48.86
C LYS F 45 22.14 20.58 47.40
N LEU F 46 21.06 20.54 46.64
CA LEU F 46 21.15 20.16 45.23
C LEU F 46 21.81 21.26 44.41
N LEU F 47 22.61 20.86 43.42
CA LEU F 47 23.17 21.82 42.48
C LEU F 47 22.74 21.53 41.05
N ILE F 48 23.02 20.33 40.55
CA ILE F 48 22.80 19.97 39.16
C ILE F 48 21.92 18.73 39.13
N TYR F 49 20.93 18.71 38.24
CA TYR F 49 20.15 17.51 37.99
C TYR F 49 20.25 17.14 36.52
N GLY F 50 19.70 15.97 36.18
CA GLY F 50 19.82 15.45 34.84
C GLY F 50 21.26 15.09 34.51
N ALA F 51 21.84 15.77 33.53
CA ALA F 51 23.29 15.76 33.35
C ALA F 51 23.87 17.15 33.56
N SER F 52 23.38 18.15 32.83
CA SER F 52 23.78 19.54 33.03
C SER F 52 22.51 20.39 33.02
N ASN F 53 21.85 20.47 34.17
CA ASN F 53 20.70 21.34 34.36
C ASN F 53 20.93 22.11 35.64
N ARG F 54 20.90 23.44 35.55
CA ARG F 54 21.20 24.27 36.70
C ARG F 54 19.93 24.49 37.53
N TYR F 55 20.03 24.22 38.82
CA TYR F 55 18.91 24.40 39.73
C TYR F 55 18.73 25.89 40.05
N THR F 56 17.56 26.23 40.58
CA THR F 56 17.27 27.60 40.98
C THR F 56 18.11 27.99 42.19
N GLY F 57 18.64 29.20 42.16
CA GLY F 57 19.54 29.68 43.20
C GLY F 57 21.00 29.35 42.98
N VAL F 58 21.31 28.50 42.01
CA VAL F 58 22.71 28.17 41.71
C VAL F 58 23.34 29.31 40.93
N PRO F 59 24.55 29.76 41.27
CA PRO F 59 25.23 30.76 40.45
C PRO F 59 25.63 30.21 39.09
N ASP F 60 25.90 31.14 38.17
CA ASP F 60 26.21 30.76 36.79
C ASP F 60 27.61 30.16 36.67
N ARG F 61 28.46 30.31 37.70
CA ARG F 61 29.81 29.78 37.64
C ARG F 61 29.83 28.25 37.69
N PHE F 62 28.78 27.64 38.23
CA PHE F 62 28.71 26.19 38.38
C PHE F 62 28.15 25.61 37.09
N THR F 63 29.03 25.01 36.29
CA THR F 63 28.66 24.43 35.01
C THR F 63 28.91 22.92 35.05
N GLY F 64 27.87 22.15 34.77
CA GLY F 64 28.01 20.70 34.71
C GLY F 64 28.08 20.20 33.29
N SER F 65 28.39 18.91 33.13
CA SER F 65 28.37 18.26 31.82
C SER F 65 28.26 16.77 32.05
N GLY F 66 27.88 16.05 30.99
CA GLY F 66 27.66 14.63 31.14
C GLY F 66 27.63 13.90 29.82
N SER F 67 27.53 12.58 29.91
CA SER F 67 27.54 11.68 28.75
C SER F 67 26.86 10.39 29.18
N ALA F 68 27.08 9.32 28.42
CA ALA F 68 26.49 8.03 28.77
C ALA F 68 27.15 7.42 30.00
N THR F 69 28.46 7.60 30.14
CA THR F 69 29.19 7.03 31.26
C THR F 69 30.03 8.05 32.01
N ASP F 70 30.69 8.97 31.30
CA ASP F 70 31.56 9.95 31.94
C ASP F 70 30.79 11.21 32.29
N PHE F 71 31.03 11.72 33.50
CA PHE F 71 30.37 12.92 33.99
C PHE F 71 31.39 13.83 34.65
N THR F 72 31.12 15.12 34.64
CA THR F 72 32.05 16.09 35.18
C THR F 72 31.30 17.33 35.67
N LEU F 73 31.96 18.10 36.52
CA LEU F 73 31.42 19.34 37.06
C LEU F 73 32.53 20.39 37.08
N THR F 74 32.41 21.39 36.23
CA THR F 74 33.44 22.42 36.09
C THR F 74 33.05 23.66 36.88
N ILE F 75 34.01 24.21 37.62
CA ILE F 75 33.80 25.41 38.42
C ILE F 75 34.61 26.53 37.80
N GLY F 76 33.95 27.67 37.57
CA GLY F 76 34.65 28.83 37.05
C GLY F 76 34.88 29.89 38.11
N SER F 77 36.16 30.12 38.47
CA SER F 77 36.60 31.10 39.46
C SER F 77 35.94 30.83 40.82
N VAL F 78 36.34 29.70 41.42
CA VAL F 78 35.85 29.30 42.72
C VAL F 78 36.27 30.32 43.79
N GLN F 79 35.34 30.62 44.70
CA GLN F 79 35.57 31.60 45.76
C GLN F 79 35.72 30.91 47.11
N ALA F 80 35.84 31.73 48.15
CA ALA F 80 36.14 31.22 49.48
C ALA F 80 34.92 30.56 50.12
N GLU F 81 33.71 31.04 49.80
CA GLU F 81 32.51 30.47 50.38
C GLU F 81 32.12 29.15 49.74
N ASP F 82 32.77 28.76 48.65
CA ASP F 82 32.51 27.50 47.98
C ASP F 82 33.37 26.36 48.50
N LEU F 83 34.13 26.59 49.57
CA LEU F 83 35.02 25.59 50.13
C LEU F 83 34.22 24.54 50.90
N ALA F 84 33.79 23.50 50.20
CA ALA F 84 32.98 22.44 50.81
C ALA F 84 33.26 21.14 50.09
N ASP F 85 32.49 20.11 50.44
CA ASP F 85 32.63 18.78 49.85
C ASP F 85 31.51 18.55 48.84
N TYR F 86 31.86 17.91 47.72
CA TYR F 86 30.92 17.68 46.63
C TYR F 86 30.66 16.20 46.47
N HIS F 87 29.41 15.86 46.15
CA HIS F 87 28.97 14.48 46.03
C HIS F 87 28.37 14.24 44.65
N CYS F 88 28.60 13.06 44.10
CA CYS F 88 28.02 12.62 42.84
C CYS F 88 27.09 11.44 43.09
N GLY F 89 25.86 11.56 42.61
CA GLY F 89 24.89 10.49 42.78
C GLY F 89 24.28 10.17 41.44
N GLN F 90 23.54 9.06 41.41
CA GLN F 90 22.82 8.65 40.20
C GLN F 90 21.43 8.18 40.60
N SER F 91 20.50 8.24 39.66
CA SER F 91 19.17 7.71 39.92
C SER F 91 18.56 7.01 38.71
N TYR F 92 19.39 6.50 37.79
CA TYR F 92 18.86 5.71 36.68
C TYR F 92 18.34 4.37 37.19
N SER F 93 18.94 3.86 38.24
CA SER F 93 18.51 2.69 39.00
C SER F 93 18.17 3.17 40.41
N TYR F 94 18.07 2.22 41.34
CA TYR F 94 18.02 2.57 42.74
C TYR F 94 19.25 3.39 43.12
N PRO F 95 19.09 4.49 43.84
CA PRO F 95 20.14 5.52 43.90
C PRO F 95 21.36 5.10 44.71
N THR F 96 22.54 5.42 44.16
CA THR F 96 23.81 5.23 44.84
C THR F 96 24.57 6.54 44.83
N PHE F 97 25.69 6.57 45.54
CA PHE F 97 26.47 7.79 45.74
C PHE F 97 27.95 7.47 45.65
N GLY F 98 28.74 8.52 45.44
CA GLY F 98 30.18 8.42 45.41
C GLY F 98 30.80 8.63 46.78
N ALA F 99 32.14 8.68 46.78
CA ALA F 99 32.87 8.86 48.04
C ALA F 99 32.80 10.30 48.50
N GLY F 100 33.30 11.22 47.68
CA GLY F 100 33.26 12.63 48.02
C GLY F 100 34.53 13.37 47.64
N THR F 101 34.36 14.51 46.96
CA THR F 101 35.49 15.35 46.58
C THR F 101 35.48 16.61 47.44
N LYS F 102 36.59 16.87 48.12
CA LYS F 102 36.70 18.01 48.99
C LYS F 102 37.50 19.13 48.32
N LEU F 103 37.48 20.30 48.95
CA LEU F 103 38.25 21.44 48.48
C LEU F 103 39.04 22.03 49.63
N GLU F 104 40.24 22.51 49.32
CA GLU F 104 41.11 23.11 50.32
C GLU F 104 41.79 24.32 49.71
N LEU F 105 42.42 25.12 50.58
CA LEU F 105 43.14 26.31 50.13
C LEU F 105 44.47 25.94 49.48
N VAL G 2 7.39 22.67 51.76
CA VAL G 2 8.68 23.13 51.26
C VAL G 2 9.76 22.92 52.31
N GLN G 3 9.34 22.49 53.50
CA GLN G 3 10.24 22.29 54.62
C GLN G 3 10.07 20.88 55.17
N LEU G 4 11.19 20.21 55.42
CA LEU G 4 11.20 18.85 55.98
C LEU G 4 11.84 18.92 57.36
N GLN G 5 11.01 18.83 58.40
CA GLN G 5 11.49 18.88 59.77
C GLN G 5 11.59 17.47 60.33
N GLN G 6 12.77 17.11 60.80
CA GLN G 6 13.03 15.78 61.36
C GLN G 6 12.92 15.80 62.88
N SER G 7 13.31 14.69 63.49
CA SER G 7 13.28 14.53 64.93
C SER G 7 14.59 15.05 65.54
N GLY G 8 14.81 14.74 66.81
CA GLY G 8 16.03 15.13 67.48
C GLY G 8 17.08 14.04 67.49
N ALA G 9 18.21 14.34 68.11
CA ALA G 9 19.29 13.37 68.24
C ALA G 9 18.93 12.30 69.26
N GLU G 10 19.41 11.07 69.01
CA GLU G 10 19.09 9.94 69.85
C GLU G 10 20.37 9.29 70.36
N LEU G 11 20.29 8.72 71.57
CA LEU G 11 21.43 8.06 72.19
C LEU G 11 20.88 6.91 73.03
N VAL G 12 21.02 5.68 72.53
CA VAL G 12 20.55 4.49 73.22
C VAL G 12 21.68 3.47 73.27
N LYS G 13 21.46 2.41 74.04
CA LYS G 13 22.42 1.32 74.13
C LYS G 13 22.39 0.48 72.84
N PRO G 14 23.51 -0.15 72.50
CA PRO G 14 23.50 -1.09 71.37
C PRO G 14 22.60 -2.29 71.63
N GLY G 15 22.03 -2.80 70.54
CA GLY G 15 21.09 -3.91 70.62
C GLY G 15 19.65 -3.49 70.84
N ALA G 16 19.38 -2.21 71.06
CA ALA G 16 18.04 -1.72 71.30
C ALA G 16 17.42 -1.29 69.97
N SER G 17 16.26 -0.62 70.04
CA SER G 17 15.57 -0.11 68.87
C SER G 17 15.25 1.36 69.08
N VAL G 18 15.19 2.11 67.98
CA VAL G 18 14.95 3.55 68.03
C VAL G 18 13.85 3.91 67.03
N LYS G 19 12.98 4.82 67.44
CA LYS G 19 12.00 5.43 66.55
C LYS G 19 12.56 6.73 66.01
N LEU G 20 12.52 6.86 64.68
CA LEU G 20 13.05 8.06 64.03
C LEU G 20 12.04 8.50 62.97
N SER G 21 11.86 9.82 62.85
CA SER G 21 10.74 10.34 62.08
C SER G 21 11.11 11.69 61.49
N CYS G 22 10.42 12.04 60.41
CA CYS G 22 10.52 13.39 59.85
C CYS G 22 9.17 13.79 59.27
N THR G 23 8.79 15.04 59.52
CA THR G 23 7.49 15.55 59.14
C THR G 23 7.64 16.50 57.95
N ALA G 24 6.85 16.27 56.91
CA ALA G 24 6.87 17.11 55.72
C ALA G 24 5.74 18.13 55.80
N SER G 25 6.03 19.37 55.41
CA SER G 25 5.07 20.44 55.44
C SER G 25 5.12 21.21 54.13
N GLY G 26 4.00 21.85 53.79
CA GLY G 26 3.90 22.62 52.58
C GLY G 26 3.49 21.84 51.35
N PHE G 27 3.39 20.52 51.45
CA PHE G 27 2.99 19.66 50.33
C PHE G 27 2.45 18.36 50.92
N ASN G 28 2.23 17.37 50.07
CA ASN G 28 1.80 16.05 50.49
C ASN G 28 2.78 15.02 49.95
N ILE G 29 3.05 13.98 50.74
CA ILE G 29 4.03 12.97 50.34
C ILE G 29 3.43 11.88 49.47
N LYS G 30 2.13 11.94 49.17
CA LYS G 30 1.52 10.96 48.30
C LYS G 30 1.94 11.16 46.84
N ASP G 31 2.40 12.36 46.49
CA ASP G 31 2.78 12.64 45.11
C ASP G 31 4.16 12.08 44.80
N THR G 32 5.16 12.51 45.56
CA THR G 32 6.55 12.14 45.29
C THR G 32 7.01 11.03 46.23
N TYR G 33 8.04 10.32 45.79
CA TYR G 33 8.68 9.30 46.62
C TYR G 33 9.43 9.96 47.77
N MET G 34 9.63 9.20 48.83
CA MET G 34 10.42 9.64 49.98
C MET G 34 11.63 8.74 50.10
N TYR G 35 12.82 9.36 50.12
CA TYR G 35 14.09 8.64 50.11
C TYR G 35 14.80 8.85 51.43
N TRP G 36 15.32 7.76 52.01
CA TRP G 36 16.10 7.83 53.24
C TRP G 36 17.56 7.52 52.92
N VAL G 37 18.48 8.24 53.57
CA VAL G 37 19.90 8.15 53.25
C VAL G 37 20.69 8.15 54.55
N LYS G 38 21.86 7.50 54.53
CA LYS G 38 22.75 7.42 55.68
C LYS G 38 24.05 8.16 55.37
N GLN G 39 24.47 9.01 56.30
CA GLN G 39 25.74 9.73 56.17
C GLN G 39 26.58 9.43 57.41
N ARG G 40 27.52 8.50 57.26
CA ARG G 40 28.53 8.30 58.28
C ARG G 40 29.48 9.50 58.29
N PRO G 41 29.94 9.93 59.47
CA PRO G 41 30.86 11.07 59.52
C PRO G 41 32.19 10.79 58.82
N GLU G 42 32.64 11.80 58.05
CA GLU G 42 33.83 11.74 57.20
C GLU G 42 33.76 10.61 56.18
N GLN G 43 32.54 10.30 55.72
CA GLN G 43 32.32 9.26 54.73
C GLN G 43 31.27 9.74 53.74
N GLY G 44 31.07 8.94 52.69
CA GLY G 44 30.09 9.28 51.68
C GLY G 44 28.68 8.91 52.10
N LEU G 45 27.72 9.37 51.30
CA LEU G 45 26.32 9.09 51.57
C LEU G 45 25.97 7.66 51.14
N GLU G 46 25.07 7.05 51.90
CA GLU G 46 24.62 5.68 51.63
C GLU G 46 23.11 5.64 51.67
N TRP G 47 22.49 5.17 50.58
CA TRP G 47 21.04 5.18 50.46
C TRP G 47 20.44 4.06 51.29
N ILE G 48 19.43 4.39 52.10
CA ILE G 48 18.79 3.40 52.96
C ILE G 48 17.69 2.66 52.20
N GLY G 49 16.68 3.38 51.75
CA GLY G 49 15.56 2.73 51.12
C GLY G 49 14.61 3.72 50.48
N ARG G 50 13.51 3.18 49.98
CA ARG G 50 12.51 3.92 49.24
C ARG G 50 11.13 3.61 49.81
N ILE G 51 10.24 4.58 49.78
CA ILE G 51 8.82 4.34 50.07
C ILE G 51 7.99 5.19 49.11
N ASP G 52 6.90 4.59 48.61
CA ASP G 52 5.89 5.32 47.85
C ASP G 52 4.64 5.40 48.72
N PRO G 53 4.35 6.54 49.35
CA PRO G 53 3.27 6.57 50.35
C PRO G 53 1.88 6.45 49.77
N ALA G 54 1.68 6.75 48.49
CA ALA G 54 0.37 6.55 47.87
C ALA G 54 0.08 5.08 47.68
N ASN G 55 1.09 4.29 47.33
CA ASN G 55 0.92 2.86 47.14
C ASN G 55 1.26 2.05 48.37
N GLY G 56 2.11 2.59 49.26
CA GLY G 56 2.59 1.86 50.41
C GLY G 56 3.78 0.96 50.12
N ASP G 57 4.24 0.89 48.88
CA ASP G 57 5.32 -0.01 48.51
C ASP G 57 6.65 0.52 49.03
N THR G 58 7.50 -0.42 49.48
CA THR G 58 8.81 -0.08 50.00
C THR G 58 9.86 -0.90 49.28
N LYS G 59 11.00 -0.28 48.97
CA LYS G 59 12.14 -0.97 48.38
C LYS G 59 13.39 -0.56 49.15
N TYR G 60 14.21 -1.54 49.52
CA TYR G 60 15.34 -1.31 50.40
C TYR G 60 16.65 -1.75 49.74
N ASP G 61 17.75 -1.21 50.25
CA ASP G 61 19.06 -1.70 49.87
C ASP G 61 19.26 -3.12 50.40
N PRO G 62 19.94 -3.98 49.64
CA PRO G 62 20.14 -5.37 50.12
C PRO G 62 20.92 -5.49 51.41
N LYS G 63 21.84 -4.57 51.70
CA LYS G 63 22.58 -4.64 52.95
C LYS G 63 21.81 -4.03 54.12
N PHE G 64 20.70 -3.35 53.87
CA PHE G 64 19.88 -2.80 54.94
C PHE G 64 18.54 -3.51 55.10
N GLN G 65 18.35 -4.65 54.44
CA GLN G 65 17.10 -5.38 54.54
C GLN G 65 16.97 -6.06 55.90
N GLY G 66 15.81 -5.90 56.52
CA GLY G 66 15.55 -6.49 57.82
C GLY G 66 15.88 -5.64 59.01
N LYS G 67 17.08 -5.05 59.03
CA LYS G 67 17.47 -4.20 60.15
C LYS G 67 16.78 -2.84 60.08
N ALA G 68 16.30 -2.44 58.90
CA ALA G 68 15.63 -1.16 58.72
C ALA G 68 14.38 -1.35 57.87
N THR G 69 13.32 -0.61 58.21
CA THR G 69 12.10 -0.58 57.41
C THR G 69 11.48 0.80 57.51
N ILE G 70 10.68 1.15 56.51
CA ILE G 70 10.11 2.49 56.40
C ILE G 70 8.58 2.39 56.41
N THR G 71 7.95 3.15 57.29
CA THR G 71 6.50 3.23 57.36
C THR G 71 6.09 4.69 57.20
N THR G 72 4.78 4.89 56.97
CA THR G 72 4.25 6.22 56.76
C THR G 72 2.79 6.26 57.18
N ASP G 73 2.23 7.48 57.24
CA ASP G 73 0.82 7.67 57.49
C ASP G 73 0.31 8.83 56.65
N THR G 74 -1.01 8.94 56.54
CA THR G 74 -1.65 9.90 55.65
C THR G 74 -2.05 11.18 56.36
N PHE G 75 -2.69 11.06 57.53
CA PHE G 75 -3.26 12.23 58.21
C PHE G 75 -2.16 13.16 58.73
N SER G 76 -1.10 12.59 59.31
CA SER G 76 -0.04 13.41 59.86
C SER G 76 0.97 13.86 58.80
N ASN G 77 0.95 13.25 57.61
CA ASN G 77 1.86 13.51 56.49
C ASN G 77 3.32 13.36 56.92
N THR G 78 3.64 12.15 57.37
CA THR G 78 4.87 11.89 58.11
C THR G 78 5.47 10.56 57.65
N ALA G 79 6.79 10.54 57.51
CA ALA G 79 7.54 9.34 57.15
C ALA G 79 8.37 8.89 58.35
N TYR G 80 8.43 7.57 58.56
CA TYR G 80 9.02 6.99 59.76
C TYR G 80 10.10 6.00 59.39
N LEU G 81 11.07 5.81 60.30
CA LEU G 81 12.03 4.72 60.22
C LEU G 81 11.96 3.85 61.46
N GLN G 82 12.18 2.56 61.27
CA GLN G 82 12.46 1.63 62.35
C GLN G 82 13.87 1.10 62.21
N LEU G 83 14.65 1.19 63.28
CA LEU G 83 15.99 0.63 63.32
C LEU G 83 16.06 -0.42 64.43
N SER G 84 16.59 -1.59 64.11
CA SER G 84 16.66 -2.70 65.04
C SER G 84 18.07 -3.26 65.07
N SER G 85 18.46 -3.74 66.27
CA SER G 85 19.79 -4.29 66.57
C SER G 85 20.89 -3.29 66.24
N LEU G 86 20.88 -2.17 66.96
CA LEU G 86 21.83 -1.10 66.74
C LEU G 86 23.23 -1.52 67.16
N THR G 87 24.22 -1.15 66.34
CA THR G 87 25.61 -1.49 66.59
C THR G 87 26.45 -0.23 66.50
N SER G 88 27.77 -0.41 66.55
CA SER G 88 28.68 0.74 66.54
C SER G 88 28.75 1.37 65.15
N GLU G 89 28.66 0.57 64.09
CA GLU G 89 28.75 1.10 62.74
C GLU G 89 27.46 1.77 62.29
N ASP G 90 26.38 1.66 63.07
CA ASP G 90 25.15 2.38 62.76
C ASP G 90 25.17 3.82 63.26
N THR G 91 26.25 4.25 63.91
CA THR G 91 26.39 5.63 64.34
C THR G 91 26.62 6.54 63.14
N ALA G 92 25.60 7.32 62.78
CA ALA G 92 25.64 8.17 61.59
C ALA G 92 24.56 9.24 61.76
N VAL G 93 24.37 10.04 60.71
CA VAL G 93 23.30 11.04 60.67
C VAL G 93 22.38 10.69 59.50
N TYR G 94 21.08 10.83 59.71
CA TYR G 94 20.07 10.37 58.76
C TYR G 94 19.27 11.54 58.23
N TYR G 95 19.07 11.55 56.91
CA TYR G 95 18.23 12.54 56.24
C TYR G 95 17.10 11.82 55.50
N CYS G 96 15.94 12.46 55.44
CA CYS G 96 14.90 12.04 54.52
C CYS G 96 14.87 13.04 53.36
N ALA G 97 14.91 12.50 52.14
CA ALA G 97 15.04 13.32 50.94
C ALA G 97 13.83 13.13 50.06
N ARG G 98 13.21 14.23 49.65
CA ARG G 98 12.10 14.16 48.71
C ARG G 98 12.61 13.87 47.31
N LYS G 99 11.86 13.04 46.58
CA LYS G 99 12.11 12.88 45.16
C LYS G 99 11.78 14.19 44.43
N GLY G 100 12.67 14.59 43.54
CA GLY G 100 12.58 15.88 42.89
C GLY G 100 12.42 15.79 41.38
N LEU G 101 12.82 16.87 40.71
CA LEU G 101 12.69 16.95 39.27
C LEU G 101 13.78 16.11 38.61
N ARG G 102 13.43 15.13 37.80
CA ARG G 102 14.42 14.24 37.12
C ARG G 102 15.12 13.35 38.14
N TRP G 103 14.43 12.96 39.20
CA TRP G 103 14.97 12.02 40.19
C TRP G 103 16.27 12.53 40.82
N ALA G 104 16.15 13.62 41.56
CA ALA G 104 17.33 14.40 41.91
C ALA G 104 17.58 14.62 43.39
N MET G 105 16.71 14.11 44.28
CA MET G 105 16.76 14.34 45.73
C MET G 105 16.72 15.84 46.04
N ASP G 106 15.55 16.42 45.78
CA ASP G 106 15.37 17.88 45.83
C ASP G 106 15.59 18.44 47.22
N TYR G 107 14.71 18.11 48.16
CA TYR G 107 14.77 18.67 49.50
C TYR G 107 15.46 17.69 50.43
N TRP G 108 16.03 18.23 51.52
CA TRP G 108 16.69 17.41 52.52
C TRP G 108 16.30 17.91 53.91
N GLY G 109 16.33 16.98 54.87
CA GLY G 109 16.08 17.33 56.25
C GLY G 109 17.30 17.89 56.94
N GLN G 110 17.09 18.37 58.17
CA GLN G 110 18.20 18.98 58.91
C GLN G 110 19.16 17.93 59.47
N GLY G 111 18.69 16.72 59.68
CA GLY G 111 19.59 15.65 60.12
C GLY G 111 19.38 15.26 61.57
N THR G 112 19.32 13.96 61.81
CA THR G 112 19.26 13.39 63.15
C THR G 112 20.47 12.50 63.34
N SER G 113 21.28 12.80 64.36
CA SER G 113 22.47 12.00 64.64
C SER G 113 22.15 10.96 65.70
N VAL G 114 22.40 9.69 65.38
CA VAL G 114 22.21 8.58 66.31
C VAL G 114 23.57 8.14 66.82
N THR G 115 23.61 7.68 68.07
CA THR G 115 24.84 7.30 68.74
C THR G 115 24.55 6.13 69.68
N VAL G 116 25.46 5.15 69.69
CA VAL G 116 25.38 4.03 70.63
C VAL G 116 26.58 4.10 71.57
N SER G 117 26.48 3.37 72.67
CA SER G 117 27.56 3.33 73.65
C SER G 117 27.64 1.96 74.33
N VAL H 2 -38.42 33.44 -24.81
CA VAL H 2 -39.82 33.46 -25.22
C VAL H 2 -39.98 34.28 -26.49
N GLN H 3 -39.72 35.58 -26.38
CA GLN H 3 -39.84 36.50 -27.50
C GLN H 3 -38.50 37.15 -27.79
N LEU H 4 -38.06 37.08 -29.04
CA LEU H 4 -36.82 37.71 -29.48
C LEU H 4 -37.14 38.77 -30.53
N GLN H 5 -36.72 40.00 -30.25
CA GLN H 5 -36.99 41.13 -31.13
C GLN H 5 -35.68 41.75 -31.59
N GLN H 6 -35.68 42.23 -32.84
CA GLN H 6 -34.52 42.88 -33.42
C GLN H 6 -34.93 44.23 -33.98
N SER H 7 -33.95 44.99 -34.45
CA SER H 7 -34.21 46.29 -35.02
C SER H 7 -34.82 46.16 -36.41
N GLY H 8 -35.33 47.28 -36.92
CA GLY H 8 -35.92 47.29 -38.25
C GLY H 8 -34.88 47.27 -39.34
N ALA H 9 -35.36 47.07 -40.57
CA ALA H 9 -34.49 47.03 -41.73
C ALA H 9 -33.91 48.42 -42.02
N GLU H 10 -32.65 48.46 -42.42
CA GLU H 10 -31.90 49.69 -42.53
C GLU H 10 -31.19 49.79 -43.88
N LEU H 11 -30.79 51.01 -44.22
CA LEU H 11 -30.04 51.31 -45.44
C LEU H 11 -28.77 52.04 -45.04
N VAL H 12 -27.62 51.40 -45.26
CA VAL H 12 -26.32 51.99 -44.92
C VAL H 12 -25.48 52.06 -46.19
N LYS H 13 -24.79 53.18 -46.37
CA LYS H 13 -23.86 53.33 -47.47
C LYS H 13 -22.64 52.45 -47.25
N PRO H 14 -21.98 51.99 -48.32
CA PRO H 14 -20.76 51.19 -48.16
C PRO H 14 -19.62 51.99 -47.54
N GLY H 15 -18.85 51.34 -46.69
CA GLY H 15 -17.77 51.97 -45.97
C GLY H 15 -18.16 52.57 -44.63
N ALA H 16 -19.45 52.65 -44.33
CA ALA H 16 -19.92 53.20 -43.07
C ALA H 16 -20.08 52.07 -42.05
N SER H 17 -20.70 52.36 -40.91
CA SER H 17 -20.90 51.39 -39.84
C SER H 17 -22.39 51.23 -39.57
N VAL H 18 -22.73 50.12 -38.91
CA VAL H 18 -24.12 49.81 -38.58
C VAL H 18 -24.17 49.25 -37.15
N LYS H 19 -25.23 49.61 -36.42
CA LYS H 19 -25.52 49.03 -35.12
C LYS H 19 -26.93 48.45 -35.13
N LEU H 20 -27.05 47.20 -34.69
CA LEU H 20 -28.32 46.48 -34.76
C LEU H 20 -28.55 45.79 -33.43
N SER H 21 -29.66 46.13 -32.77
CA SER H 21 -29.97 45.58 -31.46
C SER H 21 -30.76 44.28 -31.58
N CYS H 22 -30.61 43.42 -30.59
CA CYS H 22 -31.41 42.20 -30.47
C CYS H 22 -31.98 42.17 -29.05
N THR H 23 -33.28 42.40 -28.94
CA THR H 23 -33.95 42.43 -27.65
C THR H 23 -34.56 41.06 -27.34
N ALA H 24 -34.27 40.55 -26.14
CA ALA H 24 -34.80 39.28 -25.68
C ALA H 24 -35.63 39.50 -24.43
N SER H 25 -36.79 38.86 -24.37
CA SER H 25 -37.73 39.02 -23.28
C SER H 25 -38.21 37.64 -22.84
N GLY H 26 -38.69 37.57 -21.60
CA GLY H 26 -39.15 36.34 -21.01
C GLY H 26 -38.11 35.58 -20.21
N PHE H 27 -36.83 35.90 -20.38
CA PHE H 27 -35.76 35.25 -19.63
C PHE H 27 -34.55 36.17 -19.64
N ASN H 28 -33.71 36.03 -18.62
CA ASN H 28 -32.45 36.76 -18.58
C ASN H 28 -31.41 36.01 -19.39
N ILE H 29 -30.44 36.76 -19.94
CA ILE H 29 -29.50 36.19 -20.89
C ILE H 29 -28.26 35.66 -20.16
N LYS H 30 -28.23 35.73 -18.83
CA LYS H 30 -27.03 35.37 -18.07
C LYS H 30 -26.77 33.87 -18.09
N ASP H 31 -27.81 33.06 -18.26
CA ASP H 31 -27.65 31.61 -18.17
C ASP H 31 -27.53 30.91 -19.52
N THR H 32 -27.73 31.61 -20.62
CA THR H 32 -27.70 31.01 -21.95
C THR H 32 -26.79 31.82 -22.85
N TYR H 33 -26.25 31.15 -23.88
CA TYR H 33 -25.45 31.83 -24.88
C TYR H 33 -26.35 32.40 -25.97
N MET H 34 -25.91 33.49 -26.57
CA MET H 34 -26.57 34.02 -27.76
C MET H 34 -25.80 33.61 -28.99
N TYR H 35 -26.49 33.54 -30.12
CA TYR H 35 -25.86 33.20 -31.39
C TYR H 35 -26.41 34.13 -32.46
N TRP H 36 -25.54 34.60 -33.33
CA TRP H 36 -25.93 35.40 -34.49
C TRP H 36 -25.54 34.64 -35.75
N VAL H 37 -26.49 34.50 -36.66
CA VAL H 37 -26.35 33.62 -37.82
C VAL H 37 -26.44 34.48 -39.07
N LYS H 38 -25.39 34.45 -39.88
CA LYS H 38 -25.42 35.06 -41.20
C LYS H 38 -26.19 34.18 -42.18
N GLN H 39 -27.14 34.78 -42.88
CA GLN H 39 -27.97 34.04 -43.83
C GLN H 39 -28.03 34.86 -45.12
N ARG H 40 -27.24 34.43 -46.11
CA ARG H 40 -27.27 35.04 -47.43
C ARG H 40 -28.60 34.74 -48.11
N PRO H 41 -29.05 35.61 -49.02
CA PRO H 41 -30.31 35.34 -49.73
C PRO H 41 -30.20 34.13 -50.65
N GLU H 42 -31.14 33.19 -50.47
CA GLU H 42 -31.22 31.91 -51.20
C GLU H 42 -29.94 31.10 -51.03
N GLN H 43 -29.53 30.94 -49.78
CA GLN H 43 -28.30 30.23 -49.46
C GLN H 43 -28.47 29.50 -48.14
N GLY H 44 -27.36 28.95 -47.63
CA GLY H 44 -27.36 28.26 -46.36
C GLY H 44 -27.12 29.18 -45.19
N LEU H 45 -26.97 28.57 -44.02
CA LEU H 45 -26.76 29.29 -42.77
C LEU H 45 -25.28 29.31 -42.41
N GLU H 46 -24.82 30.46 -41.93
CA GLU H 46 -23.44 30.62 -41.49
C GLU H 46 -23.43 31.28 -40.12
N TRP H 47 -22.57 30.76 -39.24
CA TRP H 47 -22.50 31.23 -37.86
C TRP H 47 -21.47 32.34 -37.74
N ILE H 48 -21.83 33.41 -37.02
CA ILE H 48 -20.95 34.56 -36.88
C ILE H 48 -20.19 34.49 -35.56
N GLY H 49 -20.91 34.46 -34.44
CA GLY H 49 -20.26 34.44 -33.17
C GLY H 49 -21.20 34.12 -32.02
N ARG H 50 -20.70 34.29 -30.81
CA ARG H 50 -21.45 33.99 -29.59
C ARG H 50 -21.03 34.98 -28.51
N ILE H 51 -21.77 34.97 -27.40
CA ILE H 51 -21.42 35.80 -26.25
C ILE H 51 -21.92 35.11 -24.98
N ASP H 52 -21.08 35.13 -23.95
CA ASP H 52 -21.50 34.81 -22.59
C ASP H 52 -21.69 36.11 -21.83
N PRO H 53 -22.93 36.55 -21.59
CA PRO H 53 -23.12 37.84 -20.89
C PRO H 53 -22.79 37.79 -19.41
N ALA H 54 -22.63 36.61 -18.83
CA ALA H 54 -22.17 36.52 -17.45
C ALA H 54 -20.71 36.95 -17.34
N ASN H 55 -19.93 36.73 -18.39
CA ASN H 55 -18.52 37.09 -18.40
C ASN H 55 -18.13 38.12 -19.45
N GLY H 56 -18.96 38.33 -20.47
CA GLY H 56 -18.55 39.17 -21.58
C GLY H 56 -17.67 38.50 -22.59
N ASP H 57 -17.48 37.18 -22.48
CA ASP H 57 -16.58 36.46 -23.38
C ASP H 57 -17.23 36.27 -24.74
N THR H 58 -16.47 36.59 -25.78
CA THR H 58 -16.94 36.49 -27.15
C THR H 58 -15.97 35.64 -27.95
N LYS H 59 -16.52 34.77 -28.80
CA LYS H 59 -15.72 34.00 -29.74
C LYS H 59 -16.37 34.12 -31.11
N TYR H 60 -15.56 34.01 -32.16
CA TYR H 60 -16.00 34.35 -33.51
C TYR H 60 -15.61 33.28 -34.52
N ASP H 61 -16.36 33.26 -35.62
CA ASP H 61 -15.92 32.55 -36.81
C ASP H 61 -14.65 33.23 -37.34
N PRO H 62 -13.64 32.46 -37.76
CA PRO H 62 -12.42 33.06 -38.31
C PRO H 62 -12.62 33.92 -39.55
N LYS H 63 -13.62 33.62 -40.38
CA LYS H 63 -13.88 34.44 -41.55
C LYS H 63 -14.66 35.71 -41.21
N PHE H 64 -15.22 35.81 -40.00
CA PHE H 64 -15.81 37.05 -39.50
C PHE H 64 -14.94 37.72 -38.45
N GLN H 65 -13.68 37.31 -38.33
CA GLN H 65 -12.80 37.88 -37.30
C GLN H 65 -12.37 39.29 -37.71
N GLY H 66 -12.60 40.24 -36.81
CA GLY H 66 -12.31 41.63 -37.07
C GLY H 66 -13.41 42.39 -37.76
N LYS H 67 -14.46 41.72 -38.20
CA LYS H 67 -15.59 42.35 -38.88
C LYS H 67 -16.72 42.67 -37.92
N ALA H 68 -17.08 41.71 -37.07
CA ALA H 68 -18.20 41.85 -36.14
C ALA H 68 -17.70 41.94 -34.72
N THR H 69 -18.41 42.71 -33.90
CA THR H 69 -18.13 42.86 -32.48
C THR H 69 -19.42 42.71 -31.70
N ILE H 70 -19.39 41.88 -30.66
CA ILE H 70 -20.58 41.53 -29.89
C ILE H 70 -20.58 42.36 -28.61
N THR H 71 -21.68 43.07 -28.37
CA THR H 71 -21.87 43.80 -27.12
C THR H 71 -23.24 43.47 -26.57
N THR H 72 -23.31 43.24 -25.26
CA THR H 72 -24.56 42.92 -24.57
C THR H 72 -24.73 43.87 -23.40
N ASP H 73 -25.86 44.57 -23.36
CA ASP H 73 -26.17 45.46 -22.26
C ASP H 73 -26.90 44.66 -21.17
N THR H 74 -26.39 44.74 -19.94
CA THR H 74 -26.92 43.92 -18.86
C THR H 74 -28.26 44.44 -18.37
N PHE H 75 -28.39 45.77 -18.25
CA PHE H 75 -29.61 46.35 -17.67
C PHE H 75 -30.77 46.31 -18.65
N SER H 76 -30.51 46.64 -19.92
CA SER H 76 -31.59 46.78 -20.89
C SER H 76 -31.97 45.46 -21.55
N ASN H 77 -31.31 44.35 -21.18
CA ASN H 77 -31.63 42.99 -21.63
C ASN H 77 -31.53 42.85 -23.15
N THR H 78 -30.51 43.49 -23.73
CA THR H 78 -30.36 43.58 -25.17
C THR H 78 -28.93 43.22 -25.58
N ALA H 79 -28.78 42.87 -26.86
CA ALA H 79 -27.47 42.61 -27.46
C ALA H 79 -27.37 43.38 -28.76
N TYR H 80 -26.23 44.02 -29.00
CA TYR H 80 -26.06 44.95 -30.10
C TYR H 80 -25.04 44.44 -31.11
N LEU H 81 -25.38 44.52 -32.39
CA LEU H 81 -24.41 44.30 -33.45
C LEU H 81 -23.47 45.50 -33.56
N GLN H 82 -22.20 45.22 -33.84
CA GLN H 82 -21.23 46.26 -34.16
C GLN H 82 -20.42 45.79 -35.36
N LEU H 83 -20.62 46.44 -36.50
CA LEU H 83 -19.89 46.15 -37.73
C LEU H 83 -19.25 47.44 -38.22
N SER H 84 -17.93 47.40 -38.44
CA SER H 84 -17.16 48.62 -38.64
C SER H 84 -17.02 49.00 -40.12
N SER H 85 -16.42 48.13 -40.91
CA SER H 85 -16.09 48.43 -42.31
C SER H 85 -16.93 47.51 -43.20
N LEU H 86 -18.13 47.98 -43.55
CA LEU H 86 -19.04 47.20 -44.38
C LEU H 86 -18.68 47.33 -45.85
N THR H 87 -18.68 46.20 -46.55
CA THR H 87 -18.51 46.21 -48.00
C THR H 87 -19.87 46.14 -48.68
N SER H 88 -19.84 46.20 -50.02
CA SER H 88 -21.07 46.11 -50.79
C SER H 88 -21.61 44.69 -50.88
N GLU H 89 -20.79 43.69 -50.55
CA GLU H 89 -21.26 42.31 -50.57
C GLU H 89 -22.14 42.00 -49.36
N ASP H 90 -21.98 42.75 -48.27
CA ASP H 90 -22.61 42.43 -46.98
C ASP H 90 -24.06 42.90 -46.95
N THR H 91 -24.87 42.30 -47.83
CA THR H 91 -26.31 42.56 -47.93
C THR H 91 -27.04 41.25 -47.72
N ALA H 92 -27.49 41.00 -46.49
CA ALA H 92 -28.15 39.75 -46.16
C ALA H 92 -29.11 39.99 -45.00
N VAL H 93 -29.60 38.90 -44.41
CA VAL H 93 -30.47 38.96 -43.24
C VAL H 93 -29.70 38.40 -42.05
N TYR H 94 -29.97 38.95 -40.86
CA TYR H 94 -29.24 38.61 -39.65
C TYR H 94 -30.21 38.02 -38.64
N TYR H 95 -29.87 36.86 -38.11
CA TYR H 95 -30.77 36.08 -37.27
C TYR H 95 -30.19 35.95 -35.86
N CYS H 96 -30.99 36.29 -34.86
CA CYS H 96 -30.60 36.26 -33.45
C CYS H 96 -31.14 35.00 -32.82
N ALA H 97 -30.25 34.15 -32.32
CA ALA H 97 -30.64 32.85 -31.79
C ALA H 97 -29.96 32.60 -30.45
N ARG H 98 -30.52 31.69 -29.66
CA ARG H 98 -30.00 31.37 -28.34
C ARG H 98 -29.86 29.86 -28.17
N LYS H 99 -28.98 29.47 -27.26
CA LYS H 99 -28.70 28.06 -27.01
C LYS H 99 -29.87 27.40 -26.29
N GLY H 100 -30.28 26.23 -26.77
CA GLY H 100 -31.39 25.48 -26.23
C GLY H 100 -30.95 24.38 -25.28
N LEU H 101 -31.46 23.17 -25.54
CA LEU H 101 -31.29 22.09 -24.56
C LEU H 101 -30.01 21.29 -24.81
N ARG H 102 -29.70 20.99 -26.06
CA ARG H 102 -28.54 20.17 -26.40
C ARG H 102 -27.63 20.91 -27.38
N TRP H 103 -27.31 22.16 -27.01
CA TRP H 103 -26.47 23.07 -27.78
C TRP H 103 -27.04 23.36 -29.17
N ALA H 104 -28.36 23.43 -29.23
CA ALA H 104 -29.07 23.67 -30.47
C ALA H 104 -29.83 24.99 -30.35
N MET H 105 -29.97 25.68 -31.47
CA MET H 105 -30.61 26.99 -31.48
C MET H 105 -32.11 26.80 -31.69
N ASP H 106 -32.86 26.83 -30.58
CA ASP H 106 -34.30 26.56 -30.65
C ASP H 106 -35.10 27.85 -30.81
N TYR H 107 -34.72 28.89 -30.09
CA TYR H 107 -35.43 30.17 -30.13
C TYR H 107 -34.69 31.13 -31.06
N TRP H 108 -35.43 31.78 -31.94
CA TRP H 108 -34.85 32.68 -32.92
C TRP H 108 -35.65 33.96 -33.00
N GLY H 109 -35.03 35.00 -33.54
CA GLY H 109 -35.69 36.27 -33.74
C GLY H 109 -36.44 36.34 -35.06
N GLN H 110 -37.08 37.49 -35.29
CA GLN H 110 -37.84 37.68 -36.52
C GLN H 110 -36.93 37.94 -37.71
N GLY H 111 -35.70 38.38 -37.46
CA GLY H 111 -34.75 38.63 -38.54
C GLY H 111 -34.77 40.06 -39.02
N THR H 112 -33.62 40.55 -39.46
CA THR H 112 -33.49 41.91 -39.99
C THR H 112 -32.56 41.88 -41.19
N SER H 113 -33.04 42.37 -42.32
CA SER H 113 -32.29 42.38 -43.57
C SER H 113 -31.53 43.69 -43.69
N VAL H 114 -30.20 43.59 -43.78
CA VAL H 114 -29.38 44.76 -44.04
C VAL H 114 -29.23 44.92 -45.54
N THR H 115 -29.03 46.17 -45.98
CA THR H 115 -28.93 46.45 -47.40
C THR H 115 -27.87 47.52 -47.62
N VAL H 116 -26.92 47.20 -48.49
CA VAL H 116 -25.86 48.14 -48.88
C VAL H 116 -25.96 48.39 -50.38
N SER H 117 -26.44 49.57 -50.76
CA SER H 117 -26.65 49.90 -52.16
C SER H 117 -26.62 51.42 -52.29
N THR H 118 -27.05 51.93 -53.44
CA THR H 118 -27.09 53.36 -53.69
C THR H 118 -28.50 53.81 -54.05
N ASN I 1 -12.31 23.50 -38.01
CA ASN I 1 -13.54 23.66 -38.78
C ASN I 1 -14.08 22.30 -39.23
N ILE I 2 -15.38 22.11 -39.07
CA ILE I 2 -16.05 20.88 -39.47
C ILE I 2 -17.11 21.23 -40.50
N VAL I 3 -17.05 20.60 -41.66
CA VAL I 3 -17.98 20.88 -42.75
C VAL I 3 -19.08 19.83 -42.78
N MET I 4 -20.29 20.27 -43.07
CA MET I 4 -21.46 19.40 -43.15
C MET I 4 -21.87 19.25 -44.61
N THR I 5 -22.12 18.01 -45.02
CA THR I 5 -22.54 17.71 -46.39
C THR I 5 -23.93 17.10 -46.36
N GLN I 6 -24.83 17.63 -47.16
CA GLN I 6 -26.19 17.12 -47.28
C GLN I 6 -26.46 16.70 -48.71
N SER I 7 -27.09 15.55 -48.88
CA SER I 7 -27.44 15.02 -50.19
C SER I 7 -28.72 14.24 -50.06
N PRO I 8 -29.56 14.20 -51.11
CA PRO I 8 -29.48 14.90 -52.41
C PRO I 8 -29.90 16.36 -52.32
N LYS I 9 -29.70 17.14 -53.39
CA LYS I 9 -30.02 18.56 -53.36
C LYS I 9 -31.53 18.81 -53.34
N SER I 10 -32.29 18.07 -54.15
CA SER I 10 -33.73 18.25 -54.19
C SER I 10 -34.38 16.94 -54.61
N MET I 11 -35.66 16.80 -54.26
CA MET I 11 -36.47 15.68 -54.69
C MET I 11 -37.93 16.10 -54.68
N SER I 12 -38.70 15.58 -55.63
CA SER I 12 -40.12 15.91 -55.78
C SER I 12 -40.94 14.64 -55.58
N MET I 13 -41.50 14.47 -54.39
CA MET I 13 -42.21 13.27 -54.02
C MET I 13 -43.68 13.58 -53.75
N SER I 14 -44.53 12.58 -53.93
CA SER I 14 -45.95 12.74 -53.70
C SER I 14 -46.26 12.68 -52.20
N VAL I 15 -47.46 13.11 -51.85
CA VAL I 15 -47.88 13.15 -50.46
C VAL I 15 -48.21 11.75 -49.97
N GLY I 16 -47.55 11.34 -48.89
CA GLY I 16 -47.86 10.09 -48.22
C GLY I 16 -46.82 9.00 -48.38
N GLU I 17 -45.68 9.28 -48.99
CA GLU I 17 -44.65 8.26 -49.19
C GLU I 17 -43.41 8.58 -48.34
N ARG I 18 -42.57 7.57 -48.17
CA ARG I 18 -41.41 7.67 -47.30
C ARG I 18 -40.30 8.47 -47.97
N VAL I 19 -39.76 9.43 -47.23
CA VAL I 19 -38.67 10.28 -47.70
C VAL I 19 -37.53 10.19 -46.69
N THR I 20 -36.35 9.82 -47.17
CA THR I 20 -35.14 9.76 -46.36
C THR I 20 -34.18 10.85 -46.81
N LEU I 21 -33.24 11.19 -45.94
CA LEU I 21 -32.33 12.31 -46.17
C LEU I 21 -31.08 12.09 -45.34
N SER I 22 -29.91 12.41 -45.93
CA SER I 22 -28.63 12.04 -45.35
C SER I 22 -27.78 13.28 -45.06
N CYS I 23 -27.10 13.27 -43.93
CA CYS I 23 -26.11 14.28 -43.56
C CYS I 23 -24.86 13.58 -43.03
N LYS I 24 -23.70 14.15 -43.35
CA LYS I 24 -22.44 13.56 -42.95
C LYS I 24 -21.49 14.66 -42.45
N ALA I 25 -20.65 14.30 -41.49
CA ALA I 25 -19.71 15.22 -40.89
C ALA I 25 -18.28 14.82 -41.27
N SER I 26 -17.42 15.83 -41.42
CA SER I 26 -16.02 15.55 -41.76
C SER I 26 -15.25 15.02 -40.56
N GLU I 27 -15.54 15.55 -39.38
CA GLU I 27 -14.83 15.19 -38.16
C GLU I 27 -15.85 14.61 -37.19
N TYR I 28 -15.36 14.10 -36.06
CA TYR I 28 -16.22 13.42 -35.10
C TYR I 28 -17.14 14.41 -34.40
N VAL I 29 -18.44 14.19 -34.54
CA VAL I 29 -19.46 14.82 -33.69
C VAL I 29 -20.18 13.66 -33.01
N GLY I 30 -20.32 13.74 -31.69
CA GLY I 30 -20.81 12.59 -30.94
C GLY I 30 -22.29 12.31 -31.16
N THR I 31 -23.14 13.16 -30.60
CA THR I 31 -24.56 13.10 -30.87
C THR I 31 -25.12 14.48 -31.13
N TYR I 32 -24.29 15.52 -31.10
CA TYR I 32 -24.76 16.90 -31.12
C TYR I 32 -25.04 17.41 -32.53
N VAL I 33 -26.00 16.78 -33.20
CA VAL I 33 -26.40 17.14 -34.54
C VAL I 33 -27.87 17.55 -34.55
N SER I 34 -28.16 18.69 -35.15
CA SER I 34 -29.47 19.31 -35.06
C SER I 34 -30.08 19.48 -36.44
N TRP I 35 -31.40 19.41 -36.51
CA TRP I 35 -32.14 19.55 -37.76
C TRP I 35 -33.11 20.72 -37.65
N TYR I 36 -33.31 21.42 -38.76
CA TYR I 36 -34.04 22.69 -38.74
C TYR I 36 -35.08 22.74 -39.84
N GLN I 37 -36.20 23.41 -39.52
CA GLN I 37 -37.35 23.53 -40.41
C GLN I 37 -37.44 24.95 -40.95
N GLN I 38 -37.11 25.13 -42.23
CA GLN I 38 -37.06 26.46 -42.85
C GLN I 38 -38.19 26.57 -43.87
N LYS I 39 -39.36 26.98 -43.40
CA LYS I 39 -40.43 27.33 -44.31
C LYS I 39 -40.11 28.69 -44.94
N PRO I 40 -40.52 28.92 -46.19
CA PRO I 40 -40.13 30.16 -46.88
C PRO I 40 -40.82 31.38 -46.25
N GLU I 41 -40.02 32.43 -46.04
CA GLU I 41 -40.37 33.64 -45.27
C GLU I 41 -40.74 33.34 -43.82
N GLN I 42 -40.10 32.33 -43.22
CA GLN I 42 -40.04 32.19 -41.77
C GLN I 42 -38.65 31.74 -41.34
N SER I 43 -38.40 31.93 -40.05
CA SER I 43 -37.16 31.58 -39.40
C SER I 43 -37.08 30.06 -39.24
N PRO I 44 -35.87 29.49 -39.10
CA PRO I 44 -35.76 28.04 -38.87
C PRO I 44 -36.36 27.62 -37.54
N LYS I 45 -37.06 26.48 -37.58
CA LYS I 45 -37.67 25.88 -36.41
C LYS I 45 -36.95 24.58 -36.14
N LEU I 46 -36.66 24.31 -34.87
CA LEU I 46 -35.92 23.10 -34.52
C LEU I 46 -36.82 21.88 -34.68
N LEU I 47 -36.25 20.79 -35.17
CA LEU I 47 -36.96 19.54 -35.36
C LEU I 47 -36.40 18.41 -34.50
N ILE I 48 -35.10 18.18 -34.54
CA ILE I 48 -34.45 17.14 -33.75
C ILE I 48 -33.23 17.77 -33.08
N TYR I 49 -33.20 17.71 -31.74
CA TYR I 49 -32.02 18.11 -31.00
C TYR I 49 -31.27 16.86 -30.54
N GLY I 50 -29.96 16.86 -30.76
CA GLY I 50 -29.27 15.62 -30.49
C GLY I 50 -29.47 14.63 -31.63
N ALA I 51 -28.77 13.51 -31.52
CA ALA I 51 -28.87 12.44 -32.51
C ALA I 51 -30.04 11.54 -32.12
N SER I 52 -31.08 11.56 -32.96
CA SER I 52 -32.29 10.75 -32.81
C SER I 52 -33.00 11.01 -31.48
N ASN I 53 -33.43 12.26 -31.31
CA ASN I 53 -34.13 12.66 -30.09
C ASN I 53 -35.12 13.76 -30.48
N ARG I 54 -36.40 13.43 -30.48
CA ARG I 54 -37.43 14.29 -31.06
C ARG I 54 -37.71 15.49 -30.16
N TYR I 55 -37.96 16.63 -30.78
CA TYR I 55 -38.30 17.85 -30.08
C TYR I 55 -39.79 17.90 -29.79
N THR I 56 -40.16 18.72 -28.80
CA THR I 56 -41.57 18.89 -28.46
C THR I 56 -42.26 19.77 -29.50
N GLY I 57 -43.51 19.43 -29.81
CA GLY I 57 -44.31 20.24 -30.71
C GLY I 57 -44.19 19.89 -32.18
N VAL I 58 -43.42 18.87 -32.54
CA VAL I 58 -43.30 18.45 -33.93
C VAL I 58 -44.07 17.14 -34.08
N PRO I 59 -44.53 16.79 -35.28
CA PRO I 59 -45.26 15.52 -35.45
C PRO I 59 -44.38 14.30 -35.23
N ASP I 60 -45.06 13.16 -35.05
CA ASP I 60 -44.39 11.91 -34.71
C ASP I 60 -43.69 11.30 -35.92
N ARG I 61 -44.04 11.75 -37.13
CA ARG I 61 -43.50 11.14 -38.35
C ARG I 61 -42.04 11.49 -38.56
N PHE I 62 -41.54 12.54 -37.92
CA PHE I 62 -40.14 12.90 -38.04
C PHE I 62 -39.28 12.02 -37.14
N THR I 63 -38.48 11.15 -37.75
CA THR I 63 -37.59 10.27 -37.00
C THR I 63 -36.15 10.59 -37.35
N GLY I 64 -35.32 10.75 -36.34
CA GLY I 64 -33.90 10.96 -36.55
C GLY I 64 -33.11 9.68 -36.39
N SER I 65 -31.89 9.69 -36.93
CA SER I 65 -30.96 8.58 -36.81
C SER I 65 -29.57 9.13 -36.61
N GLY I 66 -28.82 8.52 -35.72
CA GLY I 66 -27.53 9.07 -35.31
C GLY I 66 -26.44 8.03 -35.24
N SER I 67 -25.21 8.46 -35.50
CA SER I 67 -24.02 7.64 -35.37
C SER I 67 -22.88 8.58 -34.97
N ALA I 68 -21.64 8.11 -35.16
CA ALA I 68 -20.50 9.01 -34.97
C ALA I 68 -20.33 9.94 -36.18
N THR I 69 -20.66 9.46 -37.37
CA THR I 69 -20.43 10.24 -38.58
C THR I 69 -21.68 10.35 -39.45
N ASP I 70 -22.46 9.28 -39.54
CA ASP I 70 -23.62 9.24 -40.43
C ASP I 70 -24.87 9.67 -39.66
N PHE I 71 -25.66 10.56 -40.27
CA PHE I 71 -26.86 11.06 -39.64
C PHE I 71 -27.98 11.11 -40.67
N THR I 72 -29.12 10.51 -40.33
CA THR I 72 -30.23 10.32 -41.26
C THR I 72 -31.52 10.86 -40.68
N LEU I 73 -32.25 11.64 -41.47
CA LEU I 73 -33.58 12.12 -41.12
C LEU I 73 -34.58 11.51 -42.09
N THR I 74 -35.59 10.82 -41.55
CA THR I 74 -36.61 10.17 -42.35
C THR I 74 -37.99 10.67 -41.93
N ILE I 75 -38.90 10.73 -42.90
CA ILE I 75 -40.30 11.05 -42.66
C ILE I 75 -41.14 9.89 -43.14
N GLY I 76 -42.03 9.39 -42.27
CA GLY I 76 -42.84 8.23 -42.63
C GLY I 76 -43.84 8.49 -43.73
N SER I 77 -44.49 9.66 -43.69
CA SER I 77 -45.45 10.03 -44.72
C SER I 77 -45.50 11.54 -44.78
N VAL I 78 -44.96 12.11 -45.85
CA VAL I 78 -44.90 13.56 -46.02
C VAL I 78 -46.28 14.07 -46.41
N GLN I 79 -46.75 15.09 -45.70
CA GLN I 79 -47.99 15.78 -46.06
C GLN I 79 -47.67 17.07 -46.80
N ALA I 80 -48.71 17.86 -47.05
CA ALA I 80 -48.57 19.05 -47.88
C ALA I 80 -47.95 20.23 -47.11
N GLU I 81 -47.81 20.13 -45.79
CA GLU I 81 -47.25 21.21 -45.00
C GLU I 81 -45.75 21.10 -44.82
N ASP I 82 -45.09 20.14 -45.46
CA ASP I 82 -43.66 19.94 -45.34
C ASP I 82 -42.89 20.48 -46.53
N LEU I 83 -43.48 21.36 -47.32
CA LEU I 83 -42.82 21.93 -48.50
C LEU I 83 -41.83 23.00 -48.06
N ALA I 84 -40.66 22.54 -47.62
CA ALA I 84 -39.65 23.41 -47.04
C ALA I 84 -38.30 22.72 -47.09
N ASP I 85 -37.23 23.49 -46.95
CA ASP I 85 -35.88 22.93 -46.98
C ASP I 85 -35.36 22.71 -45.57
N TYR I 86 -34.54 21.67 -45.42
CA TYR I 86 -34.05 21.22 -44.13
C TYR I 86 -32.55 21.51 -44.04
N HIS I 87 -32.08 21.83 -42.84
CA HIS I 87 -30.67 22.11 -42.61
C HIS I 87 -30.10 21.20 -41.53
N CYS I 88 -28.88 20.73 -41.76
CA CYS I 88 -28.16 19.86 -40.83
C CYS I 88 -27.01 20.64 -40.22
N GLY I 89 -26.96 20.69 -38.89
CA GLY I 89 -25.90 21.41 -38.21
C GLY I 89 -25.38 20.63 -37.03
N GLN I 90 -24.14 20.92 -36.65
CA GLN I 90 -23.46 20.22 -35.58
C GLN I 90 -23.15 21.20 -34.45
N SER I 91 -22.91 20.64 -33.26
CA SER I 91 -22.62 21.48 -32.10
C SER I 91 -21.53 20.92 -31.18
N TYR I 92 -20.80 19.89 -31.59
CA TYR I 92 -19.72 19.37 -30.77
C TYR I 92 -18.57 20.36 -30.65
N SER I 93 -18.39 21.18 -31.67
CA SER I 93 -17.44 22.29 -31.67
C SER I 93 -18.27 23.56 -31.84
N TYR I 94 -17.61 24.67 -32.20
CA TYR I 94 -18.35 25.84 -32.65
C TYR I 94 -19.21 25.47 -33.85
N PRO I 95 -20.47 25.91 -33.88
CA PRO I 95 -21.45 25.30 -34.80
C PRO I 95 -21.24 25.68 -36.25
N THR I 96 -21.47 24.70 -37.12
CA THR I 96 -21.48 24.89 -38.57
C THR I 96 -22.78 24.31 -39.11
N PHE I 97 -23.00 24.47 -40.41
CA PHE I 97 -24.22 24.02 -41.05
C PHE I 97 -23.92 23.44 -42.42
N GLY I 98 -24.95 22.86 -43.02
CA GLY I 98 -24.88 22.36 -44.38
C GLY I 98 -25.47 23.33 -45.38
N ALA I 99 -25.70 22.82 -46.59
CA ALA I 99 -26.22 23.66 -47.66
C ALA I 99 -27.75 23.80 -47.56
N GLY I 100 -28.45 22.70 -47.42
CA GLY I 100 -29.90 22.74 -47.37
C GLY I 100 -30.53 22.07 -48.58
N THR I 101 -31.48 21.17 -48.31
CA THR I 101 -32.10 20.35 -49.36
C THR I 101 -33.57 20.72 -49.45
N LYS I 102 -33.99 21.24 -50.61
CA LYS I 102 -35.37 21.69 -50.78
C LYS I 102 -36.32 20.52 -51.00
N LEU I 103 -37.60 20.79 -50.73
CA LEU I 103 -38.69 19.83 -50.90
C LEU I 103 -39.82 20.48 -51.69
N GLU I 104 -40.48 19.67 -52.52
CA GLU I 104 -41.61 20.16 -53.30
C GLU I 104 -42.55 19.00 -53.62
N LEU I 105 -43.76 19.36 -54.04
CA LEU I 105 -44.81 18.40 -54.38
C LEU I 105 -45.17 18.53 -55.86
N LYS I 106 -45.32 17.39 -56.51
CA LYS I 106 -45.78 17.34 -57.89
C LYS I 106 -47.24 17.78 -58.02
#